data_2KZ3
#
_entry.id   2KZ3
#
_entity_poly.entity_id   1
_entity_poly.type   'polypeptide(L)'
_entity_poly.pdbx_seq_one_letter_code
;MGVLRVGLCPGLTEEMIQLLRSHRIKTVVDLVSADLEEVAQKCGLSYKALVALRRVLLAQFSAFPVNGADLYEELKTSTA
ILS
;
_entity_poly.pdbx_strand_id   A
#
# COMPACT_ATOMS: atom_id res chain seq x y z
N MET A 1 2.18 4.75 12.25
CA MET A 1 1.38 3.54 12.12
C MET A 1 1.09 3.22 10.66
N GLY A 2 1.16 1.95 10.30
CA GLY A 2 0.90 1.54 8.94
C GLY A 2 0.40 0.11 8.84
N VAL A 3 -0.83 -0.05 8.36
CA VAL A 3 -1.42 -1.38 8.21
C VAL A 3 -2.37 -1.43 7.03
N LEU A 4 -2.39 -2.56 6.32
CA LEU A 4 -3.26 -2.74 5.17
C LEU A 4 -4.27 -3.85 5.41
N ARG A 5 -5.45 -3.72 4.81
CA ARG A 5 -6.50 -4.71 4.96
C ARG A 5 -7.62 -4.48 3.95
N VAL A 6 -8.72 -5.19 4.12
CA VAL A 6 -9.87 -5.05 3.23
C VAL A 6 -10.80 -3.94 3.69
N GLY A 7 -11.07 -2.99 2.80
CA GLY A 7 -11.94 -1.88 3.12
C GLY A 7 -11.22 -0.55 3.11
N LEU A 8 -9.90 -0.60 3.20
CA LEU A 8 -9.09 0.61 3.20
C LEU A 8 -9.38 1.46 1.97
N CYS A 9 -9.78 0.82 0.88
CA CYS A 9 -10.09 1.51 -0.36
C CYS A 9 -11.02 0.68 -1.24
N PRO A 10 -11.80 1.35 -2.08
CA PRO A 10 -12.74 0.69 -2.99
C PRO A 10 -12.03 -0.07 -4.11
N GLY A 11 -11.53 -1.25 -3.77
CA GLY A 11 -10.83 -2.06 -4.75
C GLY A 11 -10.44 -3.43 -4.21
N LEU A 12 -9.71 -3.43 -3.10
CA LEU A 12 -9.27 -4.67 -2.48
C LEU A 12 -10.45 -5.44 -1.89
N THR A 13 -10.35 -6.77 -1.89
CA THR A 13 -11.41 -7.61 -1.36
C THR A 13 -10.87 -8.56 -0.29
N GLU A 14 -11.77 -9.10 0.53
CA GLU A 14 -11.38 -10.02 1.59
C GLU A 14 -10.66 -11.24 1.02
N GLU A 15 -10.98 -11.57 -0.23
CA GLU A 15 -10.36 -12.72 -0.89
C GLU A 15 -8.85 -12.55 -0.97
N MET A 16 -8.42 -11.37 -1.40
CA MET A 16 -6.99 -11.08 -1.54
C MET A 16 -6.31 -11.13 -0.17
N ILE A 17 -7.05 -10.77 0.88
CA ILE A 17 -6.51 -10.77 2.22
C ILE A 17 -6.07 -12.17 2.65
N GLN A 18 -6.84 -13.17 2.23
CA GLN A 18 -6.53 -14.55 2.56
C GLN A 18 -5.24 -15.00 1.90
N LEU A 19 -5.02 -14.54 0.67
CA LEU A 19 -3.81 -14.89 -0.08
C LEU A 19 -2.57 -14.37 0.63
N LEU A 20 -2.64 -13.13 1.14
CA LEU A 20 -1.53 -12.52 1.84
C LEU A 20 -1.28 -13.20 3.18
N ARG A 21 -2.37 -13.49 3.89
CA ARG A 21 -2.27 -14.14 5.19
C ARG A 21 -1.61 -15.51 5.07
N SER A 22 -1.77 -16.13 3.90
CA SER A 22 -1.18 -17.45 3.66
C SER A 22 0.34 -17.38 3.66
N HIS A 23 0.87 -16.28 3.13
CA HIS A 23 2.32 -16.08 3.08
C HIS A 23 2.82 -15.31 4.29
N ARG A 24 1.95 -15.15 5.28
CA ARG A 24 2.30 -14.43 6.50
C ARG A 24 2.80 -13.03 6.18
N ILE A 25 2.25 -12.43 5.12
CA ILE A 25 2.64 -11.10 4.71
C ILE A 25 2.57 -10.12 5.86
N LYS A 26 3.47 -9.14 5.87
CA LYS A 26 3.50 -8.13 6.92
C LYS A 26 2.60 -6.95 6.58
N THR A 27 2.67 -5.91 7.39
CA THR A 27 1.86 -4.71 7.18
C THR A 27 2.34 -3.93 5.95
N VAL A 28 1.70 -2.79 5.70
CA VAL A 28 2.06 -1.96 4.56
C VAL A 28 3.56 -1.75 4.49
N VAL A 29 4.22 -1.79 5.65
CA VAL A 29 5.67 -1.61 5.72
C VAL A 29 6.39 -2.61 4.82
N ASP A 30 5.94 -3.86 4.86
CA ASP A 30 6.54 -4.91 4.04
C ASP A 30 6.18 -4.72 2.57
N LEU A 31 4.98 -4.23 2.32
CA LEU A 31 4.52 -4.01 0.95
C LEU A 31 5.51 -3.17 0.16
N VAL A 32 6.15 -2.22 0.85
CA VAL A 32 7.12 -1.35 0.21
C VAL A 32 8.22 -2.16 -0.48
N SER A 33 8.44 -3.37 0.01
CA SER A 33 9.46 -4.25 -0.57
C SER A 33 8.81 -5.34 -1.43
N ALA A 34 7.56 -5.65 -1.13
CA ALA A 34 6.83 -6.67 -1.88
C ALA A 34 6.87 -6.38 -3.37
N ASP A 35 6.39 -7.33 -4.18
CA ASP A 35 6.36 -7.17 -5.62
C ASP A 35 5.01 -6.65 -6.08
N LEU A 36 4.60 -5.50 -5.56
CA LEU A 36 3.33 -4.90 -5.92
C LEU A 36 3.23 -4.69 -7.43
N GLU A 37 4.36 -4.33 -8.04
CA GLU A 37 4.39 -4.09 -9.48
C GLU A 37 4.02 -5.36 -10.24
N GLU A 38 4.56 -6.49 -9.81
CA GLU A 38 4.28 -7.77 -10.45
C GLU A 38 2.88 -8.27 -10.09
N VAL A 39 2.55 -8.24 -8.81
CA VAL A 39 1.25 -8.69 -8.33
C VAL A 39 0.13 -7.89 -8.99
N ALA A 40 0.33 -6.58 -9.09
CA ALA A 40 -0.67 -5.70 -9.70
C ALA A 40 -1.01 -6.16 -11.11
N GLN A 41 0.01 -6.50 -11.88
CA GLN A 41 -0.17 -6.96 -13.26
C GLN A 41 -0.83 -8.33 -13.29
N LYS A 42 -0.44 -9.20 -12.36
CA LYS A 42 -0.99 -10.54 -12.28
C LYS A 42 -2.50 -10.50 -12.05
N CYS A 43 -2.92 -9.67 -11.10
CA CYS A 43 -4.34 -9.54 -10.78
C CYS A 43 -5.03 -8.58 -11.75
N GLY A 44 -4.24 -7.68 -12.34
CA GLY A 44 -4.80 -6.71 -13.27
C GLY A 44 -5.32 -5.47 -12.58
N LEU A 45 -4.63 -5.05 -11.52
CA LEU A 45 -5.03 -3.87 -10.77
C LEU A 45 -4.29 -2.63 -11.27
N SER A 46 -4.67 -1.46 -10.75
CA SER A 46 -4.05 -0.21 -11.14
C SER A 46 -2.98 0.21 -10.13
N TYR A 47 -1.72 0.07 -10.51
CA TYR A 47 -0.61 0.43 -9.63
C TYR A 47 -0.64 1.92 -9.31
N LYS A 48 -1.22 2.71 -10.20
CA LYS A 48 -1.32 4.15 -10.00
C LYS A 48 -2.04 4.47 -8.69
N ALA A 49 -3.06 3.67 -8.37
CA ALA A 49 -3.82 3.88 -7.15
C ALA A 49 -2.99 3.54 -5.92
N LEU A 50 -2.09 2.57 -6.05
CA LEU A 50 -1.23 2.16 -4.96
C LEU A 50 -0.15 3.19 -4.69
N VAL A 51 0.56 3.57 -5.75
CA VAL A 51 1.63 4.57 -5.63
C VAL A 51 1.11 5.87 -5.05
N ALA A 52 -0.11 6.24 -5.45
CA ALA A 52 -0.73 7.47 -4.96
C ALA A 52 -0.81 7.49 -3.43
N LEU A 53 -1.21 6.35 -2.86
CA LEU A 53 -1.33 6.24 -1.41
C LEU A 53 0.03 6.32 -0.75
N ARG A 54 1.03 5.69 -1.36
CA ARG A 54 2.38 5.69 -0.82
C ARG A 54 2.94 7.12 -0.75
N ARG A 55 2.77 7.87 -1.84
CA ARG A 55 3.25 9.24 -1.90
C ARG A 55 2.64 10.09 -0.78
N VAL A 56 1.37 9.85 -0.50
CA VAL A 56 0.66 10.58 0.56
C VAL A 56 1.20 10.21 1.94
N LEU A 57 1.48 8.92 2.12
CA LEU A 57 2.00 8.43 3.39
C LEU A 57 3.37 9.03 3.70
N LEU A 58 4.25 9.00 2.70
CA LEU A 58 5.60 9.53 2.86
C LEU A 58 5.57 11.07 2.90
N ALA A 59 4.64 11.66 2.16
CA ALA A 59 4.51 13.11 2.12
C ALA A 59 4.29 13.67 3.52
N GLN A 60 3.42 13.02 4.29
CA GLN A 60 3.11 13.46 5.65
C GLN A 60 4.31 13.23 6.57
N PHE A 61 5.05 12.16 6.31
CA PHE A 61 6.22 11.83 7.12
C PHE A 61 7.29 12.92 7.02
N SER A 62 7.45 13.46 5.82
CA SER A 62 8.43 14.51 5.59
C SER A 62 8.25 15.14 4.21
N ALA A 63 8.24 16.46 4.17
CA ALA A 63 8.08 17.18 2.91
C ALA A 63 9.20 16.83 1.92
N PHE A 64 10.44 16.98 2.37
CA PHE A 64 11.59 16.68 1.54
C PHE A 64 11.75 15.17 1.33
N PRO A 65 12.49 14.79 0.28
CA PRO A 65 12.73 13.38 -0.04
C PRO A 65 13.63 12.69 0.97
N VAL A 66 13.44 11.39 1.14
CA VAL A 66 14.23 10.61 2.08
C VAL A 66 13.90 9.13 1.99
N ASN A 67 14.93 8.29 1.98
CA ASN A 67 14.75 6.85 1.90
C ASN A 67 14.60 6.24 3.29
N GLY A 68 13.56 5.42 3.46
CA GLY A 68 13.33 4.78 4.74
C GLY A 68 14.29 3.63 5.00
N ALA A 69 14.11 2.96 6.13
CA ALA A 69 14.97 1.84 6.50
C ALA A 69 14.20 0.52 6.41
N ASP A 70 14.52 -0.28 5.38
CA ASP A 70 13.87 -1.56 5.18
C ASP A 70 14.71 -2.70 5.77
N LEU A 71 14.60 -2.88 7.08
CA LEU A 71 15.35 -3.93 7.76
C LEU A 71 14.90 -5.32 7.30
N TYR A 72 15.86 -6.17 6.98
CA TYR A 72 15.57 -7.52 6.51
C TYR A 72 14.74 -8.27 7.55
N GLU A 73 13.54 -8.67 7.16
CA GLU A 73 12.65 -9.40 8.05
C GLU A 73 12.22 -10.73 7.42
N GLU A 74 13.20 -11.55 7.05
CA GLU A 74 12.93 -12.84 6.44
C GLU A 74 13.32 -13.98 7.38
N LEU A 75 12.32 -14.67 7.92
CA LEU A 75 12.55 -15.78 8.84
C LEU A 75 12.51 -17.12 8.10
N LYS A 76 13.54 -17.92 8.29
CA LYS A 76 13.61 -19.23 7.66
C LYS A 76 12.39 -20.07 7.97
N THR A 77 12.12 -20.24 9.27
CA THR A 77 10.98 -21.02 9.72
C THR A 77 11.11 -22.49 9.30
N SER A 78 12.31 -23.04 9.48
CA SER A 78 12.57 -24.42 9.12
C SER A 78 12.94 -25.25 10.36
N THR A 79 13.21 -26.53 10.14
CA THR A 79 13.58 -27.43 11.23
C THR A 79 12.78 -27.11 12.49
N ALA A 80 11.48 -26.87 12.33
CA ALA A 80 10.61 -26.56 13.45
C ALA A 80 9.87 -27.80 13.93
N ILE A 81 9.24 -27.69 15.09
CA ILE A 81 8.50 -28.81 15.67
C ILE A 81 7.27 -29.13 14.83
N LEU A 82 7.37 -30.16 13.99
CA LEU A 82 6.27 -30.57 13.13
C LEU A 82 5.18 -31.24 13.95
N SER A 83 5.55 -31.84 15.07
CA SER A 83 4.60 -32.51 15.94
C SER A 83 4.83 -32.13 17.39
N MET A 1 -1.83 3.69 7.38
CA MET A 1 -0.74 2.95 8.02
C MET A 1 -1.29 1.78 8.83
N GLY A 2 -2.05 0.91 8.18
CA GLY A 2 -2.63 -0.24 8.85
C GLY A 2 -2.37 -1.53 8.11
N VAL A 3 -2.66 -2.66 8.77
CA VAL A 3 -2.46 -3.97 8.17
C VAL A 3 -3.30 -4.13 6.90
N LEU A 4 -2.74 -4.81 5.92
CA LEU A 4 -3.43 -5.04 4.66
C LEU A 4 -4.78 -5.70 4.89
N ARG A 5 -5.78 -5.27 4.12
CA ARG A 5 -7.13 -5.83 4.24
C ARG A 5 -8.00 -5.41 3.06
N VAL A 6 -9.26 -5.84 3.08
CA VAL A 6 -10.19 -5.51 2.00
C VAL A 6 -10.83 -4.15 2.22
N GLY A 7 -10.72 -3.28 1.21
CA GLY A 7 -11.29 -1.95 1.32
C GLY A 7 -10.36 -0.88 0.79
N LEU A 8 -9.08 -1.21 0.66
CA LEU A 8 -8.08 -0.27 0.16
C LEU A 8 -8.38 0.12 -1.28
N CYS A 9 -8.79 -0.87 -2.08
CA CYS A 9 -9.10 -0.62 -3.48
C CYS A 9 -10.27 -1.50 -3.94
N PRO A 10 -10.92 -1.10 -5.04
CA PRO A 10 -12.06 -1.83 -5.60
C PRO A 10 -11.66 -3.17 -6.19
N GLY A 11 -10.51 -3.20 -6.86
CA GLY A 11 -10.03 -4.42 -7.47
C GLY A 11 -9.72 -5.49 -6.45
N LEU A 12 -9.27 -5.08 -5.26
CA LEU A 12 -8.93 -6.01 -4.20
C LEU A 12 -10.19 -6.53 -3.52
N THR A 13 -10.25 -7.85 -3.34
CA THR A 13 -11.40 -8.49 -2.69
C THR A 13 -10.99 -9.16 -1.39
N GLU A 14 -11.99 -9.47 -0.56
CA GLU A 14 -11.73 -10.13 0.72
C GLU A 14 -11.03 -11.46 0.51
N GLU A 15 -11.25 -12.07 -0.64
CA GLU A 15 -10.63 -13.36 -0.96
C GLU A 15 -9.13 -13.21 -1.12
N MET A 16 -8.72 -12.15 -1.80
CA MET A 16 -7.30 -11.89 -2.03
C MET A 16 -6.57 -11.67 -0.71
N ILE A 17 -7.27 -11.12 0.27
CA ILE A 17 -6.69 -10.85 1.58
C ILE A 17 -6.24 -12.15 2.25
N GLN A 18 -7.11 -13.16 2.22
CA GLN A 18 -6.79 -14.45 2.82
C GLN A 18 -5.56 -15.06 2.19
N LEU A 19 -5.43 -14.91 0.87
CA LEU A 19 -4.29 -15.46 0.14
C LEU A 19 -2.99 -14.81 0.62
N LEU A 20 -3.05 -13.53 0.94
CA LEU A 20 -1.88 -12.79 1.40
C LEU A 20 -1.49 -13.23 2.81
N ARG A 21 -2.49 -13.38 3.68
CA ARG A 21 -2.26 -13.80 5.06
C ARG A 21 -1.66 -15.21 5.10
N SER A 22 -2.00 -16.01 4.10
CA SER A 22 -1.50 -17.38 4.03
C SER A 22 0.00 -17.42 3.78
N HIS A 23 0.51 -16.36 3.16
CA HIS A 23 1.93 -16.26 2.85
C HIS A 23 2.68 -15.55 3.99
N ARG A 24 2.02 -15.41 5.13
CA ARG A 24 2.61 -14.75 6.28
C ARG A 24 3.10 -13.35 5.92
N ILE A 25 2.47 -12.76 4.90
CA ILE A 25 2.84 -11.42 4.46
C ILE A 25 2.79 -10.43 5.61
N LYS A 26 3.67 -9.43 5.57
CA LYS A 26 3.74 -8.41 6.60
C LYS A 26 2.79 -7.25 6.29
N THR A 27 2.88 -6.19 7.08
CA THR A 27 2.04 -5.02 6.88
C THR A 27 2.45 -4.25 5.64
N VAL A 28 1.78 -3.13 5.39
CA VAL A 28 2.07 -2.30 4.22
C VAL A 28 3.58 -2.07 4.10
N VAL A 29 4.27 -2.07 5.23
CA VAL A 29 5.72 -1.87 5.23
C VAL A 29 6.42 -2.86 4.32
N ASP A 30 6.00 -4.12 4.38
CA ASP A 30 6.59 -5.17 3.57
C ASP A 30 6.18 -5.01 2.11
N LEU A 31 4.92 -4.64 1.89
CA LEU A 31 4.40 -4.46 0.53
C LEU A 31 5.29 -3.50 -0.26
N VAL A 32 5.67 -2.40 0.38
CA VAL A 32 6.52 -1.40 -0.27
C VAL A 32 7.79 -2.03 -0.82
N SER A 33 8.37 -2.95 -0.06
CA SER A 33 9.59 -3.64 -0.47
C SER A 33 9.27 -4.90 -1.26
N ALA A 34 7.98 -5.22 -1.35
CA ALA A 34 7.54 -6.40 -2.08
C ALA A 34 7.41 -6.12 -3.57
N ASP A 35 6.91 -7.10 -4.31
CA ASP A 35 6.73 -6.95 -5.75
C ASP A 35 5.28 -6.60 -6.09
N LEU A 36 4.80 -5.48 -5.54
CA LEU A 36 3.44 -5.03 -5.78
C LEU A 36 3.17 -4.88 -7.26
N GLU A 37 4.17 -4.40 -8.00
CA GLU A 37 4.04 -4.21 -9.43
C GLU A 37 3.81 -5.54 -10.15
N GLU A 38 4.44 -6.60 -9.63
CA GLU A 38 4.30 -7.92 -10.22
C GLU A 38 2.95 -8.54 -9.89
N VAL A 39 2.57 -8.48 -8.61
CA VAL A 39 1.30 -9.02 -8.16
C VAL A 39 0.13 -8.26 -8.77
N ALA A 40 0.27 -6.93 -8.84
CA ALA A 40 -0.78 -6.09 -9.41
C ALA A 40 -1.04 -6.44 -10.87
N GLN A 41 0.02 -6.81 -11.58
CA GLN A 41 -0.10 -7.17 -12.99
C GLN A 41 -0.88 -8.47 -13.16
N LYS A 42 -0.53 -9.47 -12.36
CA LYS A 42 -1.19 -10.77 -12.41
C LYS A 42 -2.62 -10.66 -11.91
N CYS A 43 -2.80 -9.99 -10.77
CA CYS A 43 -4.12 -9.81 -10.18
C CYS A 43 -4.98 -8.90 -11.04
N GLY A 44 -4.34 -8.02 -11.80
CA GLY A 44 -5.06 -7.10 -12.66
C GLY A 44 -5.48 -5.84 -11.93
N LEU A 45 -4.73 -5.48 -10.89
CA LEU A 45 -5.04 -4.28 -10.11
C LEU A 45 -4.31 -3.06 -10.67
N SER A 46 -4.65 -1.90 -10.15
CA SER A 46 -4.03 -0.65 -10.59
C SER A 46 -2.91 -0.23 -9.65
N TYR A 47 -1.67 -0.38 -10.11
CA TYR A 47 -0.51 -0.02 -9.31
C TYR A 47 -0.51 1.48 -8.99
N LYS A 48 -1.14 2.26 -9.86
CA LYS A 48 -1.21 3.71 -9.68
C LYS A 48 -1.87 4.05 -8.34
N ALA A 49 -2.88 3.27 -7.97
CA ALA A 49 -3.60 3.49 -6.72
C ALA A 49 -2.64 3.43 -5.52
N LEU A 50 -1.71 2.49 -5.56
CA LEU A 50 -0.74 2.33 -4.49
C LEU A 50 0.20 3.53 -4.41
N VAL A 51 0.54 4.08 -5.58
CA VAL A 51 1.42 5.23 -5.65
C VAL A 51 0.87 6.40 -4.85
N ALA A 52 -0.44 6.61 -4.95
CA ALA A 52 -1.10 7.70 -4.22
C ALA A 52 -0.86 7.58 -2.72
N LEU A 53 -0.99 6.36 -2.20
CA LEU A 53 -0.80 6.12 -0.78
C LEU A 53 0.61 6.49 -0.35
N ARG A 54 1.61 6.04 -1.12
CA ARG A 54 3.00 6.32 -0.82
C ARG A 54 3.26 7.82 -0.79
N ARG A 55 2.72 8.52 -1.79
CA ARG A 55 2.89 9.96 -1.89
C ARG A 55 2.36 10.66 -0.64
N VAL A 56 1.24 10.16 -0.12
CA VAL A 56 0.63 10.73 1.07
C VAL A 56 1.48 10.48 2.31
N LEU A 57 2.05 9.28 2.38
CA LEU A 57 2.89 8.92 3.51
C LEU A 57 4.15 9.78 3.57
N LEU A 58 4.81 9.94 2.42
CA LEU A 58 6.02 10.75 2.34
C LEU A 58 5.69 12.23 2.45
N ALA A 59 4.53 12.61 1.93
CA ALA A 59 4.10 14.01 1.98
C ALA A 59 4.03 14.51 3.41
N GLN A 60 3.36 13.74 4.27
CA GLN A 60 3.23 14.12 5.67
C GLN A 60 4.53 13.88 6.44
N PHE A 61 5.27 12.86 6.03
CA PHE A 61 6.54 12.53 6.67
C PHE A 61 7.55 13.67 6.49
N SER A 62 7.64 14.18 5.28
CA SER A 62 8.56 15.27 4.98
C SER A 62 7.99 16.61 5.42
N ALA A 63 6.76 16.89 4.99
CA ALA A 63 6.10 18.14 5.35
C ALA A 63 5.16 17.94 6.54
N PHE A 64 5.33 18.78 7.57
CA PHE A 64 4.50 18.69 8.76
C PHE A 64 3.13 19.33 8.52
N PRO A 65 2.16 18.97 9.36
CA PRO A 65 0.80 19.50 9.26
C PRO A 65 0.71 20.97 9.64
N VAL A 66 1.11 21.83 8.71
CA VAL A 66 1.07 23.28 8.94
C VAL A 66 -0.36 23.82 8.85
N ASN A 67 -1.11 23.30 7.88
CA ASN A 67 -2.49 23.74 7.68
C ASN A 67 -3.47 22.68 8.18
N GLY A 68 -4.14 22.97 9.29
CA GLY A 68 -5.10 22.02 9.84
C GLY A 68 -6.12 21.57 8.82
N ALA A 69 -6.01 20.31 8.40
CA ALA A 69 -6.92 19.75 7.42
C ALA A 69 -8.30 19.48 8.04
N ASP A 70 -9.10 20.54 8.14
CA ASP A 70 -10.43 20.43 8.72
C ASP A 70 -11.49 20.36 7.62
N LEU A 71 -11.09 19.89 6.44
CA LEU A 71 -11.99 19.78 5.31
C LEU A 71 -12.18 18.31 4.91
N TYR A 72 -11.84 17.41 5.82
CA TYR A 72 -11.98 15.98 5.56
C TYR A 72 -11.28 15.59 4.25
N GLU A 73 -10.23 16.34 3.91
CA GLU A 73 -9.47 16.08 2.69
C GLU A 73 -8.17 15.35 3.00
N GLU A 74 -8.24 14.38 3.90
CA GLU A 74 -7.06 13.61 4.28
C GLU A 74 -7.01 12.28 3.54
N LEU A 75 -8.17 11.80 3.13
CA LEU A 75 -8.26 10.53 2.39
C LEU A 75 -9.20 10.66 1.20
N LYS A 76 -8.79 10.09 0.07
CA LYS A 76 -9.59 10.14 -1.15
C LYS A 76 -10.92 9.43 -0.95
N THR A 77 -10.91 8.38 -0.13
CA THR A 77 -12.11 7.61 0.14
C THR A 77 -11.98 6.80 1.44
N SER A 78 -13.05 6.76 2.21
CA SER A 78 -13.05 6.03 3.47
C SER A 78 -14.29 5.14 3.59
N THR A 79 -14.14 3.86 3.25
CA THR A 79 -15.23 2.92 3.33
C THR A 79 -15.49 2.47 4.76
N ALA A 80 -14.42 2.17 5.49
CA ALA A 80 -14.52 1.75 6.87
C ALA A 80 -13.70 2.65 7.79
N ILE A 81 -13.69 2.31 9.07
CA ILE A 81 -12.95 3.09 10.06
C ILE A 81 -11.59 2.45 10.35
N LEU A 82 -10.54 3.25 10.25
CA LEU A 82 -9.18 2.77 10.51
C LEU A 82 -9.01 2.38 11.97
N SER A 83 -9.53 3.21 12.87
CA SER A 83 -9.44 2.95 14.30
C SER A 83 -10.33 1.78 14.70
N MET A 1 -0.82 3.68 11.94
CA MET A 1 -0.54 2.59 11.01
C MET A 1 -0.57 1.25 11.73
N GLY A 2 -0.59 0.17 10.94
CA GLY A 2 -0.63 -1.16 11.52
C GLY A 2 -0.73 -2.25 10.47
N VAL A 3 -1.23 -3.41 10.86
CA VAL A 3 -1.38 -4.53 9.94
C VAL A 3 -2.55 -4.32 8.99
N LEU A 4 -2.40 -4.82 7.77
CA LEU A 4 -3.45 -4.68 6.75
C LEU A 4 -4.68 -5.48 7.13
N ARG A 5 -5.84 -5.02 6.67
CA ARG A 5 -7.10 -5.70 6.95
C ARG A 5 -8.25 -5.07 6.17
N VAL A 6 -9.41 -5.71 6.21
CA VAL A 6 -10.59 -5.21 5.51
C VAL A 6 -11.36 -4.21 6.36
N GLY A 7 -11.55 -3.01 5.81
CA GLY A 7 -12.28 -1.98 6.53
C GLY A 7 -11.59 -0.63 6.45
N LEU A 8 -10.32 -0.64 6.08
CA LEU A 8 -9.55 0.60 5.96
C LEU A 8 -10.10 1.48 4.85
N CYS A 9 -10.47 0.87 3.73
CA CYS A 9 -11.01 1.60 2.60
C CYS A 9 -11.84 0.68 1.71
N PRO A 10 -12.70 1.29 0.88
CA PRO A 10 -13.57 0.55 -0.04
C PRO A 10 -12.79 -0.10 -1.17
N GLY A 11 -11.63 0.46 -1.49
CA GLY A 11 -10.82 -0.08 -2.56
C GLY A 11 -10.38 -1.51 -2.29
N LEU A 12 -9.63 -1.70 -1.21
CA LEU A 12 -9.15 -3.03 -0.85
C LEU A 12 -10.31 -3.94 -0.45
N THR A 13 -10.21 -5.21 -0.83
CA THR A 13 -11.25 -6.18 -0.51
C THR A 13 -10.72 -7.26 0.44
N GLU A 14 -11.64 -7.90 1.16
CA GLU A 14 -11.26 -8.95 2.10
C GLU A 14 -10.52 -10.08 1.39
N GLU A 15 -10.84 -10.28 0.11
CA GLU A 15 -10.20 -11.32 -0.68
C GLU A 15 -8.69 -11.10 -0.76
N MET A 16 -8.29 -9.84 -0.86
CA MET A 16 -6.87 -9.49 -0.94
C MET A 16 -6.13 -9.94 0.32
N ILE A 17 -6.71 -9.65 1.48
CA ILE A 17 -6.11 -10.01 2.75
C ILE A 17 -6.00 -11.53 2.89
N GLN A 18 -7.03 -12.23 2.41
CA GLN A 18 -7.05 -13.69 2.49
C GLN A 18 -5.84 -14.29 1.78
N LEU A 19 -5.54 -13.77 0.59
CA LEU A 19 -4.41 -14.26 -0.18
C LEU A 19 -3.08 -13.88 0.47
N LEU A 20 -3.06 -12.69 1.08
CA LEU A 20 -1.86 -12.19 1.75
C LEU A 20 -1.54 -13.05 2.98
N ARG A 21 -2.57 -13.36 3.76
CA ARG A 21 -2.39 -14.16 4.96
C ARG A 21 -2.06 -15.61 4.61
N SER A 22 -2.52 -16.05 3.44
CA SER A 22 -2.27 -17.41 2.99
C SER A 22 -0.78 -17.62 2.68
N HIS A 23 -0.10 -16.53 2.35
CA HIS A 23 1.32 -16.59 2.02
C HIS A 23 2.16 -15.99 3.15
N ARG A 24 1.54 -15.85 4.33
CA ARG A 24 2.23 -15.30 5.48
C ARG A 24 2.82 -13.93 5.16
N ILE A 25 2.08 -13.13 4.39
CA ILE A 25 2.54 -11.81 4.01
C ILE A 25 2.53 -10.85 5.20
N LYS A 26 3.47 -9.91 5.21
CA LYS A 26 3.56 -8.95 6.29
C LYS A 26 2.70 -7.72 6.02
N THR A 27 2.82 -6.70 6.86
CA THR A 27 2.05 -5.48 6.71
C THR A 27 2.53 -4.67 5.50
N VAL A 28 1.94 -3.49 5.30
CA VAL A 28 2.31 -2.63 4.20
C VAL A 28 3.82 -2.48 4.10
N VAL A 29 4.50 -2.60 5.24
CA VAL A 29 5.95 -2.48 5.28
C VAL A 29 6.61 -3.48 4.33
N ASP A 30 6.11 -4.70 4.31
CA ASP A 30 6.65 -5.74 3.45
C ASP A 30 6.27 -5.49 1.99
N LEU A 31 5.04 -5.04 1.78
CA LEU A 31 4.54 -4.76 0.43
C LEU A 31 5.48 -3.79 -0.30
N VAL A 32 5.93 -2.76 0.42
CA VAL A 32 6.84 -1.78 -0.16
C VAL A 32 8.08 -2.45 -0.75
N SER A 33 8.59 -3.45 -0.05
CA SER A 33 9.77 -4.17 -0.51
C SER A 33 9.39 -5.38 -1.35
N ALA A 34 8.09 -5.63 -1.45
CA ALA A 34 7.57 -6.76 -2.24
C ALA A 34 7.52 -6.40 -3.72
N ASP A 35 7.08 -7.37 -4.54
CA ASP A 35 6.99 -7.16 -5.97
C ASP A 35 5.58 -6.70 -6.36
N LEU A 36 5.15 -5.59 -5.79
CA LEU A 36 3.82 -5.05 -6.07
C LEU A 36 3.64 -4.82 -7.57
N GLU A 37 4.71 -4.41 -8.24
CA GLU A 37 4.66 -4.16 -9.68
C GLU A 37 4.30 -5.42 -10.44
N GLU A 38 4.92 -6.54 -10.05
CA GLU A 38 4.66 -7.82 -10.70
C GLU A 38 3.31 -8.38 -10.28
N VAL A 39 3.07 -8.39 -8.97
CA VAL A 39 1.82 -8.91 -8.42
C VAL A 39 0.63 -8.16 -8.99
N ALA A 40 0.77 -6.85 -9.12
CA ALA A 40 -0.30 -6.01 -9.65
C ALA A 40 -0.59 -6.35 -11.10
N GLN A 41 0.46 -6.68 -11.85
CA GLN A 41 0.31 -7.03 -13.26
C GLN A 41 -0.43 -8.36 -13.42
N LYS A 42 -0.01 -9.36 -12.66
CA LYS A 42 -0.62 -10.68 -12.72
C LYS A 42 -2.03 -10.64 -12.14
N CYS A 43 -2.17 -10.01 -10.97
CA CYS A 43 -3.46 -9.90 -10.31
C CYS A 43 -4.41 -9.00 -11.10
N GLY A 44 -3.84 -8.04 -11.82
CA GLY A 44 -4.64 -7.12 -12.61
C GLY A 44 -5.09 -5.91 -11.81
N LEU A 45 -4.27 -5.51 -10.84
CA LEU A 45 -4.59 -4.36 -10.00
C LEU A 45 -4.03 -3.07 -10.59
N SER A 46 -4.67 -1.95 -10.29
CA SER A 46 -4.23 -0.66 -10.79
C SER A 46 -3.09 -0.11 -9.94
N TYR A 47 -1.88 -0.13 -10.50
CA TYR A 47 -0.71 0.37 -9.79
C TYR A 47 -0.92 1.81 -9.34
N LYS A 48 -1.77 2.53 -10.06
CA LYS A 48 -2.06 3.92 -9.73
C LYS A 48 -2.57 4.05 -8.29
N ALA A 49 -3.35 3.08 -7.85
CA ALA A 49 -3.89 3.08 -6.50
C ALA A 49 -2.78 2.87 -5.47
N LEU A 50 -1.71 2.21 -5.89
CA LEU A 50 -0.59 1.95 -4.99
C LEU A 50 0.23 3.22 -4.75
N VAL A 51 0.64 3.86 -5.83
CA VAL A 51 1.42 5.09 -5.74
C VAL A 51 0.65 6.17 -5.00
N ALA A 52 -0.66 6.23 -5.21
CA ALA A 52 -1.50 7.21 -4.55
C ALA A 52 -1.40 7.10 -3.03
N LEU A 53 -1.42 5.87 -2.54
CA LEU A 53 -1.33 5.63 -1.10
C LEU A 53 0.06 5.95 -0.58
N ARG A 54 1.09 5.49 -1.31
CA ARG A 54 2.46 5.73 -0.92
C ARG A 54 2.75 7.22 -0.82
N ARG A 55 2.31 7.97 -1.82
CA ARG A 55 2.52 9.41 -1.85
C ARG A 55 1.91 10.08 -0.62
N VAL A 56 0.75 9.59 -0.21
CA VAL A 56 0.06 10.13 0.96
C VAL A 56 0.82 9.81 2.24
N LEU A 57 1.37 8.60 2.31
CA LEU A 57 2.12 8.17 3.48
C LEU A 57 3.38 9.00 3.66
N LEU A 58 4.12 9.18 2.57
CA LEU A 58 5.35 9.95 2.61
C LEU A 58 5.05 11.45 2.75
N ALA A 59 3.94 11.88 2.17
CA ALA A 59 3.53 13.28 2.23
C ALA A 59 3.38 13.73 3.68
N GLN A 60 2.67 12.94 4.47
CA GLN A 60 2.44 13.26 5.87
C GLN A 60 3.76 13.42 6.62
N PHE A 61 4.70 12.52 6.35
CA PHE A 61 6.01 12.55 7.00
C PHE A 61 6.79 13.79 6.57
N SER A 62 6.62 14.19 5.31
CA SER A 62 7.31 15.35 4.77
C SER A 62 6.50 16.62 5.02
N ALA A 63 7.03 17.75 4.56
CA ALA A 63 6.37 19.04 4.74
C ALA A 63 5.00 19.04 4.07
N PHE A 64 4.07 19.80 4.63
CA PHE A 64 2.72 19.89 4.09
C PHE A 64 2.74 20.22 2.61
N PRO A 65 1.66 19.87 1.90
CA PRO A 65 1.53 20.12 0.47
C PRO A 65 1.39 21.60 0.14
N VAL A 66 2.47 22.22 -0.30
CA VAL A 66 2.45 23.64 -0.64
C VAL A 66 1.57 23.90 -1.85
N ASN A 67 1.91 23.27 -2.98
CA ASN A 67 1.15 23.44 -4.21
C ASN A 67 1.27 22.19 -5.09
N GLY A 68 0.18 21.85 -5.76
CA GLY A 68 0.18 20.68 -6.62
C GLY A 68 -1.23 20.23 -6.99
N ALA A 69 -1.54 18.98 -6.68
CA ALA A 69 -2.86 18.43 -6.99
C ALA A 69 -3.78 18.50 -5.77
N ASP A 70 -4.23 19.71 -5.45
CA ASP A 70 -5.11 19.92 -4.30
C ASP A 70 -5.59 21.36 -4.25
N LEU A 71 -6.91 21.53 -4.23
CA LEU A 71 -7.50 22.87 -4.16
C LEU A 71 -6.91 23.67 -3.03
N TYR A 72 -7.20 24.98 -3.01
CA TYR A 72 -6.69 25.86 -1.97
C TYR A 72 -7.59 27.09 -1.82
N GLU A 73 -7.45 27.77 -0.68
CA GLU A 73 -8.26 28.96 -0.41
C GLU A 73 -7.48 29.96 0.44
N GLU A 74 -8.13 31.04 0.81
CA GLU A 74 -7.50 32.08 1.63
C GLU A 74 -7.98 31.99 3.08
N LEU A 75 -7.49 32.90 3.91
CA LEU A 75 -7.87 32.94 5.32
C LEU A 75 -8.09 34.37 5.79
N LYS A 76 -8.78 34.51 6.92
CA LYS A 76 -9.06 35.83 7.48
C LYS A 76 -7.79 36.49 7.98
N THR A 77 -6.80 35.68 8.34
CA THR A 77 -5.53 36.18 8.84
C THR A 77 -5.71 36.92 10.15
N SER A 78 -6.51 36.35 11.05
CA SER A 78 -6.77 36.96 12.35
C SER A 78 -5.48 37.13 13.14
N THR A 79 -5.60 37.63 14.36
CA THR A 79 -4.43 37.85 15.21
C THR A 79 -3.60 36.58 15.35
N ALA A 80 -2.38 36.63 14.83
CA ALA A 80 -1.49 35.48 14.90
C ALA A 80 -2.05 34.29 14.11
N ILE A 81 -1.29 33.21 14.06
CA ILE A 81 -1.72 32.00 13.34
C ILE A 81 -2.79 31.26 14.12
N LEU A 82 -2.55 31.08 15.42
CA LEU A 82 -3.49 30.38 16.28
C LEU A 82 -3.96 31.28 17.43
N SER A 83 -4.56 32.40 17.07
CA SER A 83 -5.05 33.36 18.06
C SER A 83 -3.93 33.83 18.97
N MET A 1 -2.50 4.02 6.61
CA MET A 1 -1.74 3.16 7.50
C MET A 1 -2.66 2.17 8.23
N GLY A 2 -2.57 0.90 7.86
CA GLY A 2 -3.39 -0.11 8.49
C GLY A 2 -3.08 -1.51 8.00
N VAL A 3 -3.51 -2.51 8.75
CA VAL A 3 -3.26 -3.91 8.40
C VAL A 3 -4.14 -4.33 7.22
N LEU A 4 -3.56 -5.10 6.31
CA LEU A 4 -4.29 -5.59 5.15
C LEU A 4 -5.42 -6.54 5.56
N ARG A 5 -6.62 -6.26 5.07
CA ARG A 5 -7.78 -7.09 5.39
C ARG A 5 -8.96 -6.73 4.50
N VAL A 6 -9.94 -7.62 4.45
CA VAL A 6 -11.14 -7.40 3.64
C VAL A 6 -12.11 -6.46 4.34
N GLY A 7 -12.53 -5.40 3.64
CA GLY A 7 -13.45 -4.44 4.22
C GLY A 7 -12.97 -3.01 4.04
N LEU A 8 -11.66 -2.84 3.91
CA LEU A 8 -11.09 -1.51 3.76
C LEU A 8 -11.71 -0.78 2.56
N CYS A 9 -11.89 -1.51 1.46
CA CYS A 9 -12.49 -0.93 0.26
C CYS A 9 -13.05 -2.02 -0.64
N PRO A 10 -13.96 -1.63 -1.55
CA PRO A 10 -14.60 -2.56 -2.49
C PRO A 10 -13.63 -3.08 -3.54
N GLY A 11 -12.53 -2.35 -3.74
CA GLY A 11 -11.54 -2.76 -4.72
C GLY A 11 -10.87 -4.06 -4.35
N LEU A 12 -10.28 -4.11 -3.16
CA LEU A 12 -9.59 -5.31 -2.69
C LEU A 12 -10.58 -6.46 -2.48
N THR A 13 -10.13 -7.68 -2.74
CA THR A 13 -10.98 -8.85 -2.58
C THR A 13 -10.49 -9.72 -1.43
N GLU A 14 -11.41 -10.43 -0.78
CA GLU A 14 -11.08 -11.29 0.34
C GLU A 14 -10.08 -12.36 -0.08
N GLU A 15 -10.10 -12.71 -1.36
CA GLU A 15 -9.20 -13.73 -1.89
C GLU A 15 -7.74 -13.33 -1.66
N MET A 16 -7.41 -12.10 -2.03
CA MET A 16 -6.06 -11.60 -1.86
C MET A 16 -5.65 -11.60 -0.40
N ILE A 17 -6.63 -11.41 0.48
CA ILE A 17 -6.37 -11.38 1.92
C ILE A 17 -6.04 -12.77 2.44
N GLN A 18 -6.71 -13.78 1.88
CA GLN A 18 -6.48 -15.16 2.29
C GLN A 18 -5.06 -15.61 1.94
N LEU A 19 -4.65 -15.35 0.71
CA LEU A 19 -3.32 -15.73 0.25
C LEU A 19 -2.25 -14.87 0.93
N LEU A 20 -2.59 -13.62 1.18
CA LEU A 20 -1.66 -12.69 1.84
C LEU A 20 -1.47 -13.05 3.31
N ARG A 21 -2.58 -13.33 3.98
CA ARG A 21 -2.53 -13.70 5.40
C ARG A 21 -1.92 -15.08 5.59
N SER A 22 -2.05 -15.93 4.57
CA SER A 22 -1.51 -17.28 4.63
C SER A 22 -0.01 -17.27 4.36
N HIS A 23 0.46 -16.23 3.69
CA HIS A 23 1.88 -16.10 3.36
C HIS A 23 2.63 -15.39 4.48
N ARG A 24 1.95 -15.17 5.60
CA ARG A 24 2.56 -14.51 6.75
C ARG A 24 3.04 -13.11 6.36
N ILE A 25 2.24 -12.41 5.55
CA ILE A 25 2.60 -11.07 5.12
C ILE A 25 2.51 -10.07 6.27
N LYS A 26 3.37 -9.07 6.24
CA LYS A 26 3.39 -8.05 7.28
C LYS A 26 2.43 -6.91 6.93
N THR A 27 2.47 -5.85 7.73
CA THR A 27 1.61 -4.69 7.51
C THR A 27 2.05 -3.91 6.28
N VAL A 28 1.37 -2.80 6.02
CA VAL A 28 1.70 -1.95 4.87
C VAL A 28 3.19 -1.69 4.78
N VAL A 29 3.85 -1.70 5.93
CA VAL A 29 5.30 -1.47 5.98
C VAL A 29 6.04 -2.45 5.09
N ASP A 30 5.64 -3.72 5.14
CA ASP A 30 6.27 -4.76 4.33
C ASP A 30 5.89 -4.60 2.86
N LEU A 31 4.67 -4.15 2.61
CA LEU A 31 4.18 -3.96 1.25
C LEU A 31 5.15 -3.09 0.44
N VAL A 32 5.75 -2.10 1.11
CA VAL A 32 6.69 -1.21 0.46
C VAL A 32 7.80 -1.99 -0.24
N SER A 33 8.07 -3.19 0.26
CA SER A 33 9.11 -4.05 -0.32
C SER A 33 8.50 -5.16 -1.16
N ALA A 34 7.25 -5.50 -0.86
CA ALA A 34 6.55 -6.55 -1.59
C ALA A 34 6.54 -6.26 -3.08
N ASP A 35 6.00 -7.21 -3.86
CA ASP A 35 5.94 -7.06 -5.31
C ASP A 35 4.57 -6.54 -5.73
N LEU A 36 4.16 -5.41 -5.17
CA LEU A 36 2.87 -4.81 -5.49
C LEU A 36 2.74 -4.57 -6.99
N GLU A 37 3.84 -4.15 -7.61
CA GLU A 37 3.84 -3.88 -9.04
C GLU A 37 3.46 -5.14 -9.84
N GLU A 38 4.03 -6.27 -9.43
CA GLU A 38 3.75 -7.54 -10.11
C GLU A 38 2.36 -8.05 -9.74
N VAL A 39 2.05 -8.01 -8.45
CA VAL A 39 0.75 -8.48 -7.97
C VAL A 39 -0.39 -7.71 -8.64
N ALA A 40 -0.20 -6.40 -8.79
CA ALA A 40 -1.21 -5.55 -9.42
C ALA A 40 -1.43 -5.94 -10.87
N GLN A 41 -0.35 -6.34 -11.54
CA GLN A 41 -0.43 -6.74 -12.95
C GLN A 41 -1.27 -8.00 -13.11
N LYS A 42 -0.93 -9.03 -12.33
CA LYS A 42 -1.64 -10.29 -12.38
C LYS A 42 -3.07 -10.14 -11.85
N CYS A 43 -3.21 -9.40 -10.75
CA CYS A 43 -4.51 -9.18 -10.14
C CYS A 43 -5.38 -8.30 -11.03
N GLY A 44 -4.74 -7.48 -11.85
CA GLY A 44 -5.48 -6.60 -12.74
C GLY A 44 -5.86 -5.29 -12.07
N LEU A 45 -5.10 -4.90 -11.06
CA LEU A 45 -5.37 -3.66 -10.33
C LEU A 45 -4.56 -2.50 -10.91
N SER A 46 -4.83 -1.30 -10.42
CA SER A 46 -4.13 -0.11 -10.88
C SER A 46 -3.06 0.32 -9.89
N TYR A 47 -1.80 0.10 -10.24
CA TYR A 47 -0.69 0.46 -9.37
C TYR A 47 -0.64 1.96 -9.14
N LYS A 48 -1.17 2.72 -10.09
CA LYS A 48 -1.20 4.18 -9.99
C LYS A 48 -1.92 4.62 -8.72
N ALA A 49 -2.98 3.90 -8.37
CA ALA A 49 -3.74 4.21 -7.17
C ALA A 49 -2.95 3.92 -5.90
N LEU A 50 -2.10 2.89 -5.97
CA LEU A 50 -1.28 2.51 -4.83
C LEU A 50 -0.14 3.50 -4.62
N VAL A 51 0.61 3.77 -5.68
CA VAL A 51 1.72 4.71 -5.61
C VAL A 51 1.26 6.08 -5.14
N ALA A 52 0.08 6.49 -5.59
CA ALA A 52 -0.48 7.78 -5.21
C ALA A 52 -0.61 7.91 -3.70
N LEU A 53 -1.13 6.86 -3.06
CA LEU A 53 -1.30 6.86 -1.62
C LEU A 53 0.05 6.77 -0.90
N ARG A 54 0.93 5.92 -1.42
CA ARG A 54 2.26 5.76 -0.83
C ARG A 54 3.03 7.08 -0.86
N ARG A 55 2.99 7.76 -1.99
CA ARG A 55 3.69 9.03 -2.14
C ARG A 55 3.20 10.04 -1.10
N VAL A 56 1.90 10.07 -0.88
CA VAL A 56 1.30 10.98 0.08
C VAL A 56 1.68 10.61 1.52
N LEU A 57 1.72 9.30 1.79
CA LEU A 57 2.07 8.82 3.12
C LEU A 57 3.52 9.17 3.46
N LEU A 58 4.43 8.90 2.52
CA LEU A 58 5.84 9.19 2.73
C LEU A 58 6.10 10.69 2.68
N ALA A 59 5.33 11.40 1.84
CA ALA A 59 5.48 12.83 1.70
C ALA A 59 5.31 13.54 3.04
N GLN A 60 4.24 13.20 3.75
CA GLN A 60 3.97 13.81 5.05
C GLN A 60 4.88 13.23 6.13
N PHE A 61 5.15 11.93 6.03
CA PHE A 61 6.01 11.26 7.00
C PHE A 61 7.41 11.86 6.99
N SER A 62 7.92 12.18 5.80
CA SER A 62 9.24 12.76 5.66
C SER A 62 9.16 14.27 5.50
N ALA A 63 9.90 14.99 6.33
CA ALA A 63 9.91 16.45 6.28
C ALA A 63 11.21 16.97 5.66
N PHE A 64 11.66 16.31 4.60
CA PHE A 64 12.89 16.70 3.91
C PHE A 64 12.84 18.17 3.53
N PRO A 65 14.03 18.75 3.27
CA PRO A 65 14.16 20.16 2.90
C PRO A 65 13.61 20.44 1.50
N VAL A 66 12.29 20.61 1.41
CA VAL A 66 11.65 20.89 0.14
C VAL A 66 11.66 22.38 -0.19
N ASN A 67 12.85 22.97 -0.13
CA ASN A 67 13.00 24.40 -0.42
C ASN A 67 12.21 25.24 0.59
N GLY A 68 12.40 24.94 1.87
CA GLY A 68 11.70 25.68 2.91
C GLY A 68 12.59 26.70 3.60
N ALA A 69 12.66 26.61 4.93
CA ALA A 69 13.48 27.53 5.70
C ALA A 69 13.48 27.15 7.19
N ASP A 70 14.38 27.78 7.95
CA ASP A 70 14.47 27.49 9.38
C ASP A 70 14.86 26.04 9.62
N LEU A 71 15.82 25.54 8.84
CA LEU A 71 16.28 24.17 8.98
C LEU A 71 17.81 24.09 8.91
N TYR A 72 18.38 23.20 9.69
CA TYR A 72 19.83 23.02 9.73
C TYR A 72 20.20 21.56 9.55
N GLU A 73 21.51 21.28 9.54
CA GLU A 73 22.00 19.92 9.37
C GLU A 73 23.43 19.79 9.91
N GLU A 74 23.96 18.57 9.85
CA GLU A 74 25.31 18.31 10.33
C GLU A 74 26.14 17.61 9.27
N LEU A 75 26.95 18.37 8.55
CA LEU A 75 27.80 17.82 7.50
C LEU A 75 29.25 18.28 7.66
N LYS A 76 30.05 17.44 8.33
CA LYS A 76 31.45 17.75 8.56
C LYS A 76 32.21 17.86 7.23
N THR A 77 31.72 17.15 6.23
CA THR A 77 32.36 17.16 4.91
C THR A 77 33.76 16.58 4.97
N SER A 78 33.90 15.45 5.66
CA SER A 78 35.20 14.79 5.80
C SER A 78 35.14 13.38 5.21
N THR A 79 35.03 13.30 3.89
CA THR A 79 34.97 12.01 3.21
C THR A 79 35.40 12.14 1.75
N ALA A 80 36.16 11.16 1.28
CA ALA A 80 36.63 11.16 -0.10
C ALA A 80 37.12 9.78 -0.52
N ILE A 81 37.42 9.61 -1.80
CA ILE A 81 37.89 8.34 -2.32
C ILE A 81 39.31 8.04 -1.85
N LEU A 82 39.55 6.79 -1.49
CA LEU A 82 40.87 6.38 -1.02
C LEU A 82 41.44 5.26 -1.90
N SER A 83 40.60 4.28 -2.21
CA SER A 83 41.02 3.15 -3.03
C SER A 83 41.37 3.61 -4.44
N MET A 1 2.69 2.19 10.68
CA MET A 1 1.69 1.49 11.47
C MET A 1 0.52 1.03 10.60
N GLY A 2 -0.02 -0.15 10.92
CA GLY A 2 -1.13 -0.68 10.15
C GLY A 2 -0.95 -2.15 9.83
N VAL A 3 -2.05 -2.82 9.51
CA VAL A 3 -2.02 -4.25 9.19
C VAL A 3 -2.86 -4.54 7.95
N LEU A 4 -2.39 -5.49 7.15
CA LEU A 4 -3.09 -5.88 5.93
C LEU A 4 -4.47 -6.43 6.25
N ARG A 5 -5.48 -5.92 5.57
CA ARG A 5 -6.86 -6.36 5.78
C ARG A 5 -7.81 -5.66 4.82
N VAL A 6 -9.11 -5.98 4.94
CA VAL A 6 -10.11 -5.37 4.08
C VAL A 6 -10.60 -4.04 4.64
N GLY A 7 -10.45 -2.99 3.84
CA GLY A 7 -10.88 -1.67 4.28
C GLY A 7 -9.80 -0.62 4.10
N LEU A 8 -8.55 -1.07 4.03
CA LEU A 8 -7.42 -0.17 3.86
C LEU A 8 -7.53 0.62 2.57
N CYS A 9 -7.96 -0.06 1.51
CA CYS A 9 -8.13 0.59 0.21
C CYS A 9 -9.59 0.89 -0.08
N PRO A 10 -9.83 1.82 -1.01
CA PRO A 10 -11.19 2.23 -1.39
C PRO A 10 -11.93 1.13 -2.14
N GLY A 11 -11.19 0.10 -2.57
CA GLY A 11 -11.80 -0.99 -3.30
C GLY A 11 -11.01 -2.28 -3.17
N LEU A 12 -10.95 -2.82 -1.96
CA LEU A 12 -10.22 -4.05 -1.71
C LEU A 12 -11.16 -5.15 -1.23
N THR A 13 -11.02 -6.34 -1.80
CA THR A 13 -11.86 -7.47 -1.43
C THR A 13 -11.14 -8.38 -0.43
N GLU A 14 -11.92 -8.98 0.48
CA GLU A 14 -11.36 -9.87 1.48
C GLU A 14 -10.61 -11.03 0.83
N GLU A 15 -11.03 -11.39 -0.37
CA GLU A 15 -10.41 -12.49 -1.10
C GLU A 15 -8.92 -12.24 -1.29
N MET A 16 -8.57 -11.05 -1.78
CA MET A 16 -7.18 -10.67 -2.01
C MET A 16 -6.39 -10.69 -0.70
N ILE A 17 -7.08 -10.37 0.40
CA ILE A 17 -6.45 -10.34 1.71
C ILE A 17 -6.00 -11.74 2.13
N GLN A 18 -6.82 -12.74 1.82
CA GLN A 18 -6.52 -14.12 2.17
C GLN A 18 -5.29 -14.60 1.42
N LEU A 19 -5.15 -14.18 0.16
CA LEU A 19 -4.03 -14.58 -0.66
C LEU A 19 -2.73 -13.95 -0.16
N LEU A 20 -2.83 -12.73 0.35
CA LEU A 20 -1.67 -12.02 0.88
C LEU A 20 -1.14 -12.69 2.15
N ARG A 21 -2.06 -13.07 3.03
CA ARG A 21 -1.69 -13.72 4.28
C ARG A 21 -1.21 -15.15 4.03
N SER A 22 -1.72 -15.76 2.95
CA SER A 22 -1.35 -17.12 2.60
C SER A 22 0.13 -17.20 2.20
N HIS A 23 0.66 -16.08 1.72
CA HIS A 23 2.05 -16.02 1.30
C HIS A 23 2.95 -15.59 2.46
N ARG A 24 2.40 -15.60 3.67
CA ARG A 24 3.15 -15.20 4.85
C ARG A 24 3.72 -13.80 4.70
N ILE A 25 2.98 -12.95 4.00
CA ILE A 25 3.41 -11.57 3.77
C ILE A 25 3.29 -10.75 5.06
N LYS A 26 4.16 -9.75 5.19
CA LYS A 26 4.15 -8.88 6.36
C LYS A 26 3.19 -7.72 6.17
N THR A 27 3.22 -6.77 7.10
CA THR A 27 2.35 -5.60 7.04
C THR A 27 2.77 -4.67 5.91
N VAL A 28 2.08 -3.54 5.79
CA VAL A 28 2.38 -2.56 4.75
C VAL A 28 3.88 -2.27 4.68
N VAL A 29 4.54 -2.41 5.82
CA VAL A 29 5.98 -2.17 5.89
C VAL A 29 6.74 -3.02 4.87
N ASP A 30 6.34 -4.29 4.78
CA ASP A 30 6.98 -5.22 3.84
C ASP A 30 6.59 -4.88 2.41
N LEU A 31 5.36 -4.42 2.22
CA LEU A 31 4.87 -4.07 0.89
C LEU A 31 5.82 -3.09 0.20
N VAL A 32 6.33 -2.13 0.97
CA VAL A 32 7.24 -1.14 0.43
C VAL A 32 8.43 -1.80 -0.26
N SER A 33 8.91 -2.89 0.32
CA SER A 33 10.05 -3.62 -0.23
C SER A 33 9.57 -4.78 -1.09
N ALA A 34 8.27 -5.00 -1.12
CA ALA A 34 7.68 -6.08 -1.90
C ALA A 34 7.56 -5.68 -3.38
N ASP A 35 6.94 -6.56 -4.16
CA ASP A 35 6.76 -6.30 -5.58
C ASP A 35 5.29 -6.03 -5.90
N LEU A 36 4.77 -4.93 -5.37
CA LEU A 36 3.37 -4.56 -5.59
C LEU A 36 3.06 -4.45 -7.08
N GLU A 37 4.02 -3.94 -7.84
CA GLU A 37 3.86 -3.78 -9.28
C GLU A 37 3.55 -5.12 -9.94
N GLU A 38 4.21 -6.17 -9.47
CA GLU A 38 4.01 -7.51 -10.01
C GLU A 38 2.68 -8.10 -9.54
N VAL A 39 2.44 -8.01 -8.23
CA VAL A 39 1.20 -8.52 -7.65
C VAL A 39 -0.02 -7.86 -8.27
N ALA A 40 0.07 -6.56 -8.48
CA ALA A 40 -1.02 -5.80 -9.08
C ALA A 40 -1.30 -6.26 -10.51
N GLN A 41 -0.23 -6.60 -11.22
CA GLN A 41 -0.37 -7.05 -12.61
C GLN A 41 -1.13 -8.37 -12.69
N LYS A 42 -0.69 -9.35 -11.89
CA LYS A 42 -1.33 -10.65 -11.86
C LYS A 42 -2.72 -10.57 -11.24
N CYS A 43 -2.84 -9.80 -10.16
CA CYS A 43 -4.10 -9.63 -9.47
C CYS A 43 -5.09 -8.85 -10.34
N GLY A 44 -4.56 -8.01 -11.22
CA GLY A 44 -5.42 -7.23 -12.10
C GLY A 44 -5.85 -5.92 -11.46
N LEU A 45 -5.02 -5.41 -10.55
CA LEU A 45 -5.32 -4.16 -9.86
C LEU A 45 -4.56 -3.00 -10.49
N SER A 46 -4.85 -1.78 -10.04
CA SER A 46 -4.20 -0.58 -10.56
C SER A 46 -3.06 -0.16 -9.64
N TYR A 47 -1.83 -0.37 -10.10
CA TYR A 47 -0.65 -0.01 -9.33
C TYR A 47 -0.59 1.50 -9.10
N LYS A 48 -1.04 2.26 -10.09
CA LYS A 48 -1.04 3.71 -9.99
C LYS A 48 -1.83 4.18 -8.78
N ALA A 49 -2.93 3.48 -8.49
CA ALA A 49 -3.76 3.82 -7.34
C ALA A 49 -3.06 3.53 -6.03
N LEU A 50 -2.24 2.48 -6.03
CA LEU A 50 -1.49 2.08 -4.84
C LEU A 50 -0.35 3.05 -4.56
N VAL A 51 0.48 3.29 -5.57
CA VAL A 51 1.61 4.20 -5.44
C VAL A 51 1.14 5.59 -5.03
N ALA A 52 0.01 6.01 -5.57
CA ALA A 52 -0.54 7.32 -5.26
C ALA A 52 -0.82 7.47 -3.77
N LEU A 53 -1.41 6.44 -3.18
CA LEU A 53 -1.73 6.45 -1.75
C LEU A 53 -0.46 6.37 -0.92
N ARG A 54 0.45 5.48 -1.31
CA ARG A 54 1.71 5.31 -0.60
C ARG A 54 2.52 6.61 -0.58
N ARG A 55 2.61 7.24 -1.75
CA ARG A 55 3.36 8.49 -1.88
C ARG A 55 2.80 9.55 -0.92
N VAL A 56 1.48 9.58 -0.80
CA VAL A 56 0.82 10.55 0.08
C VAL A 56 1.11 10.25 1.55
N LEU A 57 1.12 8.97 1.88
CA LEU A 57 1.39 8.55 3.26
C LEU A 57 2.80 8.92 3.68
N LEU A 58 3.77 8.61 2.82
CA LEU A 58 5.16 8.91 3.10
C LEU A 58 5.43 10.41 3.00
N ALA A 59 4.72 11.07 2.09
CA ALA A 59 4.88 12.52 1.89
C ALA A 59 4.56 13.27 3.18
N GLN A 60 3.45 12.91 3.82
CA GLN A 60 3.04 13.56 5.06
C GLN A 60 4.13 13.47 6.12
N PHE A 61 4.79 12.31 6.19
CA PHE A 61 5.86 12.10 7.15
C PHE A 61 6.99 13.10 6.95
N SER A 62 7.27 13.42 5.69
CA SER A 62 8.34 14.36 5.36
C SER A 62 8.04 15.74 5.94
N ALA A 63 8.91 16.20 6.83
CA ALA A 63 8.74 17.50 7.46
C ALA A 63 8.66 18.62 6.42
N PHE A 64 9.33 18.41 5.30
CA PHE A 64 9.34 19.40 4.21
C PHE A 64 7.91 19.74 3.79
N PRO A 65 7.76 20.89 3.12
CA PRO A 65 6.46 21.37 2.65
C PRO A 65 5.91 20.51 1.51
N VAL A 66 4.69 20.03 1.67
CA VAL A 66 4.05 19.20 0.65
C VAL A 66 2.58 18.97 0.98
N ASN A 67 1.72 19.18 -0.01
CA ASN A 67 0.29 18.99 0.18
C ASN A 67 -0.38 18.54 -1.12
N GLY A 68 -1.46 17.77 -0.99
CA GLY A 68 -2.16 17.29 -2.16
C GLY A 68 -3.64 17.07 -1.91
N ALA A 69 -4.12 15.87 -2.21
CA ALA A 69 -5.53 15.54 -2.01
C ALA A 69 -5.74 14.85 -0.67
N ASP A 70 -6.60 15.45 0.17
CA ASP A 70 -6.89 14.89 1.48
C ASP A 70 -8.28 14.28 1.52
N LEU A 71 -8.37 12.99 1.20
CA LEU A 71 -9.65 12.29 1.19
C LEU A 71 -10.12 12.01 2.62
N TYR A 72 -11.40 11.71 2.76
CA TYR A 72 -11.99 11.42 4.07
C TYR A 72 -11.32 10.21 4.71
N GLU A 73 -11.54 10.03 6.01
CA GLU A 73 -10.96 8.92 6.74
C GLU A 73 -11.69 8.67 8.05
N GLU A 74 -11.41 7.53 8.68
CA GLU A 74 -12.05 7.19 9.95
C GLU A 74 -11.00 6.82 11.00
N LEU A 75 -11.47 6.54 12.21
CA LEU A 75 -10.58 6.17 13.31
C LEU A 75 -10.87 4.75 13.80
N LYS A 76 -9.91 3.86 13.62
CA LYS A 76 -10.06 2.48 14.05
C LYS A 76 -9.88 2.35 15.56
N THR A 77 -9.12 3.28 16.15
CA THR A 77 -8.88 3.27 17.58
C THR A 77 -8.25 1.95 18.03
N SER A 78 -6.99 1.76 17.67
CA SER A 78 -6.28 0.53 18.04
C SER A 78 -5.61 0.67 19.40
N THR A 79 -5.43 -0.46 20.08
CA THR A 79 -4.81 -0.46 21.40
C THR A 79 -3.30 -0.23 21.30
N ALA A 80 -2.68 0.11 22.42
CA ALA A 80 -1.25 0.35 22.46
C ALA A 80 -0.46 -0.93 22.23
N ILE A 81 0.86 -0.82 22.19
CA ILE A 81 1.72 -1.98 21.98
C ILE A 81 1.84 -2.82 23.26
N LEU A 82 1.30 -4.03 23.21
CA LEU A 82 1.34 -4.92 24.36
C LEU A 82 2.77 -5.08 24.87
N SER A 83 3.61 -5.77 24.09
CA SER A 83 5.00 -5.98 24.46
C SER A 83 5.85 -4.76 24.15
N MET A 1 -2.86 3.40 11.30
CA MET A 1 -2.70 1.95 11.41
C MET A 1 -2.20 1.37 10.09
N GLY A 2 -1.04 0.72 10.14
CA GLY A 2 -0.47 0.11 8.94
C GLY A 2 -0.77 -1.37 8.84
N VAL A 3 -1.85 -1.70 8.14
CA VAL A 3 -2.24 -3.10 7.97
C VAL A 3 -3.04 -3.28 6.69
N LEU A 4 -2.91 -4.46 6.08
CA LEU A 4 -3.62 -4.77 4.85
C LEU A 4 -4.98 -5.42 5.14
N ARG A 5 -6.02 -4.59 5.16
CA ARG A 5 -7.36 -5.08 5.42
C ARG A 5 -8.36 -4.54 4.40
N VAL A 6 -9.39 -5.32 4.11
CA VAL A 6 -10.41 -4.92 3.14
C VAL A 6 -11.34 -3.88 3.73
N GLY A 7 -11.61 -2.82 2.96
CA GLY A 7 -12.48 -1.77 3.43
C GLY A 7 -11.75 -0.46 3.65
N LEU A 8 -10.43 -0.54 3.80
CA LEU A 8 -9.62 0.65 4.01
C LEU A 8 -9.61 1.54 2.77
N CYS A 9 -9.72 0.93 1.60
CA CYS A 9 -9.74 1.66 0.35
C CYS A 9 -10.43 0.85 -0.75
N PRO A 10 -10.86 1.55 -1.82
CA PRO A 10 -11.54 0.93 -2.95
C PRO A 10 -10.62 0.05 -3.77
N GLY A 11 -9.32 0.26 -3.63
CA GLY A 11 -8.34 -0.51 -4.37
C GLY A 11 -8.19 -1.91 -3.82
N LEU A 12 -7.85 -2.02 -2.54
CA LEU A 12 -7.67 -3.31 -1.89
C LEU A 12 -9.00 -4.02 -1.72
N THR A 13 -9.04 -5.30 -2.08
CA THR A 13 -10.25 -6.10 -1.96
C THR A 13 -10.06 -7.25 -0.99
N GLU A 14 -11.17 -7.84 -0.56
CA GLU A 14 -11.12 -8.96 0.38
C GLU A 14 -10.31 -10.12 -0.20
N GLU A 15 -10.29 -10.21 -1.52
CA GLU A 15 -9.55 -11.27 -2.19
C GLU A 15 -8.04 -11.14 -1.95
N MET A 16 -7.55 -9.91 -2.06
CA MET A 16 -6.13 -9.64 -1.85
C MET A 16 -5.71 -9.98 -0.43
N ILE A 17 -6.64 -9.83 0.51
CA ILE A 17 -6.37 -10.12 1.92
C ILE A 17 -6.02 -11.60 2.11
N GLN A 18 -6.83 -12.48 1.52
CA GLN A 18 -6.60 -13.92 1.63
C GLN A 18 -5.31 -14.31 0.92
N LEU A 19 -5.09 -13.72 -0.25
CA LEU A 19 -3.89 -14.01 -1.03
C LEU A 19 -2.63 -13.61 -0.27
N LEU A 20 -2.70 -12.49 0.42
CA LEU A 20 -1.56 -12.00 1.20
C LEU A 20 -1.32 -12.87 2.43
N ARG A 21 -2.41 -13.21 3.11
CA ARG A 21 -2.32 -14.04 4.31
C ARG A 21 -1.87 -15.46 3.96
N SER A 22 -2.19 -15.89 2.75
CA SER A 22 -1.83 -17.23 2.30
C SER A 22 -0.31 -17.39 2.27
N HIS A 23 0.39 -16.33 1.89
CA HIS A 23 1.85 -16.36 1.82
C HIS A 23 2.47 -15.74 3.06
N ARG A 24 1.68 -15.65 4.13
CA ARG A 24 2.14 -15.07 5.38
C ARG A 24 2.68 -13.66 5.16
N ILE A 25 2.19 -13.00 4.12
CA ILE A 25 2.62 -11.65 3.80
C ILE A 25 2.50 -10.73 5.01
N LYS A 26 3.40 -9.76 5.11
CA LYS A 26 3.39 -8.81 6.21
C LYS A 26 2.50 -7.61 5.89
N THR A 27 2.53 -6.61 6.76
CA THR A 27 1.72 -5.41 6.58
C THR A 27 2.27 -4.56 5.44
N VAL A 28 1.66 -3.40 5.22
CA VAL A 28 2.09 -2.50 4.16
C VAL A 28 3.60 -2.31 4.16
N VAL A 29 4.19 -2.44 5.35
CA VAL A 29 5.64 -2.29 5.49
C VAL A 29 6.39 -3.22 4.55
N ASP A 30 5.98 -4.48 4.53
CA ASP A 30 6.62 -5.48 3.68
C ASP A 30 6.31 -5.22 2.21
N LEU A 31 5.11 -4.68 1.96
CA LEU A 31 4.69 -4.37 0.59
C LEU A 31 5.72 -3.49 -0.11
N VAL A 32 6.14 -2.42 0.56
CA VAL A 32 7.12 -1.50 0.00
C VAL A 32 8.38 -2.24 -0.44
N SER A 33 8.84 -3.16 0.41
CA SER A 33 10.04 -3.93 0.10
C SER A 33 9.71 -5.12 -0.79
N ALA A 34 8.43 -5.31 -1.07
CA ALA A 34 7.98 -6.40 -1.92
C ALA A 34 7.91 -5.96 -3.39
N ASP A 35 7.32 -6.81 -4.23
CA ASP A 35 7.19 -6.51 -5.64
C ASP A 35 5.75 -6.11 -5.98
N LEU A 36 5.39 -4.89 -5.62
CA LEU A 36 4.04 -4.39 -5.88
C LEU A 36 3.72 -4.47 -7.38
N GLU A 37 4.73 -4.27 -8.20
CA GLU A 37 4.54 -4.32 -9.65
C GLU A 37 4.02 -5.69 -10.09
N GLU A 38 4.62 -6.75 -9.54
CA GLU A 38 4.22 -8.10 -9.86
C GLU A 38 2.89 -8.47 -9.19
N VAL A 39 2.81 -8.18 -7.89
CA VAL A 39 1.60 -8.47 -7.12
C VAL A 39 0.38 -7.79 -7.72
N ALA A 40 0.57 -6.56 -8.18
CA ALA A 40 -0.51 -5.79 -8.79
C ALA A 40 -1.00 -6.45 -10.07
N GLN A 41 -0.06 -7.04 -10.82
CA GLN A 41 -0.39 -7.70 -12.07
C GLN A 41 -1.22 -8.97 -11.81
N LYS A 42 -0.71 -9.82 -10.93
CA LYS A 42 -1.39 -11.06 -10.60
C LYS A 42 -2.72 -10.78 -9.89
N CYS A 43 -2.69 -9.84 -8.95
CA CYS A 43 -3.89 -9.47 -8.20
C CYS A 43 -4.87 -8.71 -9.08
N GLY A 44 -4.36 -8.11 -10.15
CA GLY A 44 -5.20 -7.36 -11.06
C GLY A 44 -5.46 -5.95 -10.56
N LEU A 45 -4.63 -5.49 -9.63
CA LEU A 45 -4.78 -4.15 -9.08
C LEU A 45 -3.98 -3.13 -9.87
N SER A 46 -4.55 -1.96 -10.08
CA SER A 46 -3.88 -0.90 -10.84
C SER A 46 -2.89 -0.15 -9.96
N TYR A 47 -1.62 -0.16 -10.35
CA TYR A 47 -0.58 0.52 -9.60
C TYR A 47 -0.95 1.96 -9.33
N LYS A 48 -1.73 2.55 -10.23
CA LYS A 48 -2.16 3.94 -10.10
C LYS A 48 -2.90 4.14 -8.77
N ALA A 49 -3.69 3.15 -8.38
CA ALA A 49 -4.44 3.22 -7.13
C ALA A 49 -3.52 3.10 -5.92
N LEU A 50 -2.47 2.30 -6.06
CA LEU A 50 -1.51 2.10 -4.98
C LEU A 50 -0.62 3.33 -4.81
N VAL A 51 -0.30 3.98 -5.92
CA VAL A 51 0.55 5.17 -5.90
C VAL A 51 -0.06 6.25 -5.01
N ALA A 52 -1.38 6.39 -5.07
CA ALA A 52 -2.08 7.39 -4.27
C ALA A 52 -1.81 7.19 -2.79
N LEU A 53 -1.90 5.94 -2.34
CA LEU A 53 -1.66 5.61 -0.94
C LEU A 53 -0.19 5.81 -0.57
N ARG A 54 0.70 5.28 -1.40
CA ARG A 54 2.14 5.40 -1.17
C ARG A 54 2.55 6.88 -1.10
N ARG A 55 2.04 7.67 -2.03
CA ARG A 55 2.36 9.10 -2.08
C ARG A 55 1.96 9.78 -0.77
N VAL A 56 0.82 9.38 -0.23
CA VAL A 56 0.33 9.96 1.02
C VAL A 56 1.21 9.57 2.20
N LEU A 57 1.66 8.31 2.20
CA LEU A 57 2.51 7.80 3.27
C LEU A 57 3.85 8.54 3.29
N LEU A 58 4.47 8.67 2.12
CA LEU A 58 5.75 9.35 2.01
C LEU A 58 5.59 10.85 2.20
N ALA A 59 4.45 11.38 1.75
CA ALA A 59 4.17 12.81 1.87
C ALA A 59 4.24 13.25 3.33
N GLN A 60 3.79 12.39 4.23
CA GLN A 60 3.80 12.70 5.66
C GLN A 60 5.22 12.86 6.16
N PHE A 61 6.15 12.10 5.58
CA PHE A 61 7.55 12.17 5.99
C PHE A 61 8.25 13.36 5.34
N SER A 62 8.04 13.52 4.03
CA SER A 62 8.66 14.61 3.30
C SER A 62 7.87 14.92 2.03
N ALA A 63 8.04 16.14 1.51
CA ALA A 63 7.35 16.57 0.31
C ALA A 63 8.22 16.37 -0.93
N PHE A 64 7.59 16.22 -2.08
CA PHE A 64 8.31 16.02 -3.34
C PHE A 64 9.11 14.73 -3.31
N PRO A 65 9.47 14.23 -4.50
CA PRO A 65 10.24 12.99 -4.64
C PRO A 65 11.68 13.15 -4.15
N VAL A 66 12.48 12.11 -4.36
CA VAL A 66 13.89 12.14 -3.95
C VAL A 66 14.71 11.13 -4.75
N ASN A 67 15.93 11.52 -5.09
CA ASN A 67 16.82 10.65 -5.85
C ASN A 67 16.22 10.33 -7.23
N GLY A 68 15.38 11.22 -7.72
CA GLY A 68 14.75 11.01 -9.02
C GLY A 68 13.33 10.48 -8.89
N ALA A 69 12.47 10.89 -9.81
CA ALA A 69 11.08 10.45 -9.79
C ALA A 69 10.95 9.03 -10.33
N ASP A 70 11.31 8.06 -9.50
CA ASP A 70 11.25 6.66 -9.90
C ASP A 70 10.17 5.92 -9.11
N LEU A 71 8.93 6.42 -9.21
CA LEU A 71 7.81 5.81 -8.51
C LEU A 71 6.91 5.04 -9.46
N TYR A 72 6.42 5.73 -10.49
CA TYR A 72 5.56 5.11 -11.48
C TYR A 72 6.30 4.05 -12.28
N GLU A 73 5.59 2.97 -12.63
CA GLU A 73 6.19 1.88 -13.39
C GLU A 73 5.21 1.31 -14.40
N GLU A 74 5.72 0.90 -15.56
CA GLU A 74 4.89 0.35 -16.61
C GLU A 74 5.39 -1.03 -17.03
N LEU A 75 4.54 -2.03 -16.88
CA LEU A 75 4.89 -3.40 -17.25
C LEU A 75 3.92 -3.96 -18.29
N LYS A 76 4.48 -4.48 -19.38
CA LYS A 76 3.67 -5.05 -20.44
C LYS A 76 2.96 -6.32 -19.98
N THR A 77 3.74 -7.29 -19.52
CA THR A 77 3.19 -8.55 -19.04
C THR A 77 4.28 -9.44 -18.45
N SER A 78 3.87 -10.41 -17.64
CA SER A 78 4.80 -11.33 -17.01
C SER A 78 4.09 -12.57 -16.49
N THR A 79 4.85 -13.46 -15.86
CA THR A 79 4.29 -14.70 -15.33
C THR A 79 4.16 -14.64 -13.81
N ALA A 80 3.07 -15.19 -13.29
CA ALA A 80 2.82 -15.19 -11.85
C ALA A 80 1.71 -16.15 -11.49
N ILE A 81 1.41 -16.26 -10.19
CA ILE A 81 0.36 -17.15 -9.71
C ILE A 81 -1.00 -16.50 -9.86
N LEU A 82 -2.00 -17.29 -10.25
CA LEU A 82 -3.36 -16.79 -10.43
C LEU A 82 -4.20 -17.10 -9.20
N SER A 83 -3.84 -18.15 -8.47
CA SER A 83 -4.57 -18.55 -7.27
C SER A 83 -3.71 -18.37 -6.02
N MET A 1 -3.36 3.08 5.51
CA MET A 1 -3.17 3.56 6.88
C MET A 1 -3.04 2.39 7.85
N GLY A 2 -1.83 2.17 8.35
CA GLY A 2 -1.60 1.08 9.29
C GLY A 2 -1.51 -0.27 8.59
N VAL A 3 -2.50 -1.11 8.84
CA VAL A 3 -2.54 -2.44 8.23
C VAL A 3 -3.58 -2.52 7.13
N LEU A 4 -3.28 -3.32 6.10
CA LEU A 4 -4.20 -3.48 4.97
C LEU A 4 -5.50 -4.13 5.41
N ARG A 5 -6.57 -3.36 5.43
CA ARG A 5 -7.88 -3.87 5.84
C ARG A 5 -8.93 -3.58 4.77
N VAL A 6 -10.01 -4.37 4.78
CA VAL A 6 -11.08 -4.19 3.81
C VAL A 6 -11.71 -2.80 3.93
N GLY A 7 -11.97 -2.18 2.77
CA GLY A 7 -12.57 -0.86 2.76
C GLY A 7 -11.54 0.24 2.57
N LEU A 8 -10.27 -0.09 2.82
CA LEU A 8 -9.19 0.88 2.66
C LEU A 8 -9.19 1.48 1.27
N CYS A 9 -9.68 0.71 0.29
CA CYS A 9 -9.74 1.17 -1.09
C CYS A 9 -10.75 0.37 -1.89
N PRO A 10 -11.20 0.92 -3.02
CA PRO A 10 -12.16 0.26 -3.90
C PRO A 10 -11.59 -0.95 -4.61
N GLY A 11 -10.38 -0.79 -5.14
CA GLY A 11 -9.73 -1.88 -5.85
C GLY A 11 -9.49 -3.08 -4.95
N LEU A 12 -8.88 -2.85 -3.80
CA LEU A 12 -8.59 -3.92 -2.85
C LEU A 12 -9.88 -4.51 -2.28
N THR A 13 -9.96 -5.82 -2.25
CA THR A 13 -11.14 -6.50 -1.73
C THR A 13 -10.78 -7.42 -0.57
N GLU A 14 -11.79 -7.93 0.13
CA GLU A 14 -11.57 -8.82 1.27
C GLU A 14 -10.80 -10.06 0.85
N GLU A 15 -10.94 -10.44 -0.42
CA GLU A 15 -10.25 -11.61 -0.95
C GLU A 15 -8.74 -11.37 -1.00
N MET A 16 -8.34 -10.17 -1.43
CA MET A 16 -6.93 -9.82 -1.52
C MET A 16 -6.27 -9.85 -0.16
N ILE A 17 -7.05 -9.53 0.88
CA ILE A 17 -6.53 -9.52 2.24
C ILE A 17 -6.07 -10.91 2.67
N GLN A 18 -6.84 -11.93 2.30
CA GLN A 18 -6.51 -13.30 2.64
C GLN A 18 -5.23 -13.75 1.94
N LEU A 19 -5.05 -13.29 0.70
CA LEU A 19 -3.86 -13.64 -0.07
C LEU A 19 -2.60 -13.15 0.61
N LEU A 20 -2.67 -11.95 1.18
CA LEU A 20 -1.52 -11.36 1.87
C LEU A 20 -1.24 -12.10 3.17
N ARG A 21 -2.30 -12.41 3.91
CA ARG A 21 -2.16 -13.11 5.18
C ARG A 21 -1.65 -14.53 4.95
N SER A 22 -1.96 -15.09 3.79
CA SER A 22 -1.53 -16.45 3.46
C SER A 22 -0.02 -16.59 3.62
N HIS A 23 0.72 -15.63 3.06
CA HIS A 23 2.17 -15.67 3.14
C HIS A 23 2.67 -14.82 4.33
N ARG A 24 1.79 -14.61 5.30
CA ARG A 24 2.14 -13.83 6.48
C ARG A 24 2.66 -12.45 6.08
N ILE A 25 2.22 -11.96 4.93
CA ILE A 25 2.64 -10.66 4.43
C ILE A 25 2.43 -9.58 5.49
N LYS A 26 3.31 -8.60 5.50
CA LYS A 26 3.23 -7.49 6.46
C LYS A 26 2.35 -6.37 5.92
N THR A 27 2.32 -5.25 6.64
CA THR A 27 1.51 -4.11 6.23
C THR A 27 2.12 -3.42 5.02
N VAL A 28 1.49 -2.31 4.60
CA VAL A 28 1.97 -1.55 3.45
C VAL A 28 3.48 -1.34 3.53
N VAL A 29 4.01 -1.28 4.74
CA VAL A 29 5.43 -1.07 4.95
C VAL A 29 6.25 -2.12 4.22
N ASP A 30 5.81 -3.38 4.30
CA ASP A 30 6.50 -4.48 3.64
C ASP A 30 6.30 -4.42 2.12
N LEU A 31 5.12 -3.97 1.71
CA LEU A 31 4.79 -3.87 0.30
C LEU A 31 5.85 -3.07 -0.45
N VAL A 32 6.40 -2.05 0.21
CA VAL A 32 7.42 -1.21 -0.40
C VAL A 32 8.59 -2.05 -0.91
N SER A 33 8.79 -3.22 -0.30
CA SER A 33 9.87 -4.12 -0.70
C SER A 33 9.32 -5.32 -1.47
N ALA A 34 8.05 -5.62 -1.25
CA ALA A 34 7.41 -6.75 -1.92
C ALA A 34 7.40 -6.55 -3.44
N ASP A 35 6.85 -7.52 -4.16
CA ASP A 35 6.78 -7.44 -5.61
C ASP A 35 5.41 -6.97 -6.07
N LEU A 36 5.01 -5.79 -5.58
CA LEU A 36 3.73 -5.22 -5.94
C LEU A 36 3.61 -5.01 -7.44
N GLU A 37 4.72 -4.63 -8.06
CA GLU A 37 4.75 -4.40 -9.51
C GLU A 37 4.38 -5.67 -10.27
N GLU A 38 4.95 -6.79 -9.84
CA GLU A 38 4.68 -8.07 -10.49
C GLU A 38 3.29 -8.59 -10.09
N VAL A 39 3.01 -8.58 -8.80
CA VAL A 39 1.72 -9.05 -8.29
C VAL A 39 0.57 -8.30 -8.95
N ALA A 40 0.68 -6.97 -8.98
CA ALA A 40 -0.36 -6.14 -9.57
C ALA A 40 -0.53 -6.45 -11.06
N GLN A 41 0.58 -6.76 -11.73
CA GLN A 41 0.54 -7.09 -13.15
C GLN A 41 -0.17 -8.41 -13.39
N LYS A 42 0.17 -9.41 -12.58
CA LYS A 42 -0.44 -10.73 -12.72
C LYS A 42 -1.91 -10.70 -12.30
N CYS A 43 -2.18 -10.07 -11.16
CA CYS A 43 -3.54 -9.96 -10.65
C CYS A 43 -4.38 -9.04 -11.54
N GLY A 44 -3.72 -8.09 -12.18
CA GLY A 44 -4.42 -7.16 -13.05
C GLY A 44 -4.93 -5.94 -12.30
N LEU A 45 -4.24 -5.59 -11.23
CA LEU A 45 -4.62 -4.44 -10.42
C LEU A 45 -3.92 -3.17 -10.90
N SER A 46 -4.58 -2.03 -10.73
CA SER A 46 -4.02 -0.75 -11.15
C SER A 46 -3.04 -0.22 -10.11
N TYR A 47 -1.75 -0.27 -10.44
CA TYR A 47 -0.72 0.20 -9.53
C TYR A 47 -0.98 1.66 -9.12
N LYS A 48 -1.67 2.38 -9.99
CA LYS A 48 -1.98 3.79 -9.71
C LYS A 48 -2.75 3.93 -8.40
N ALA A 49 -3.63 2.98 -8.13
CA ALA A 49 -4.42 3.00 -6.90
C ALA A 49 -3.52 2.86 -5.67
N LEU A 50 -2.49 2.04 -5.79
CA LEU A 50 -1.56 1.82 -4.68
C LEU A 50 -0.65 3.02 -4.49
N VAL A 51 -0.28 3.67 -5.60
CA VAL A 51 0.59 4.83 -5.54
C VAL A 51 -0.02 5.93 -4.68
N ALA A 52 -1.34 6.09 -4.76
CA ALA A 52 -2.04 7.10 -3.98
C ALA A 52 -1.80 6.90 -2.49
N LEU A 53 -1.92 5.66 -2.02
CA LEU A 53 -1.72 5.33 -0.62
C LEU A 53 -0.25 5.48 -0.23
N ARG A 54 0.63 5.00 -1.10
CA ARG A 54 2.07 5.07 -0.85
C ARG A 54 2.53 6.52 -0.75
N ARG A 55 2.07 7.35 -1.69
CA ARG A 55 2.45 8.76 -1.70
C ARG A 55 2.04 9.44 -0.39
N VAL A 56 0.87 9.07 0.13
CA VAL A 56 0.37 9.64 1.37
C VAL A 56 1.21 9.19 2.55
N LEU A 57 1.61 7.93 2.54
CA LEU A 57 2.43 7.36 3.62
C LEU A 57 3.79 8.05 3.68
N LEU A 58 4.44 8.19 2.53
CA LEU A 58 5.74 8.83 2.46
C LEU A 58 5.63 10.33 2.67
N ALA A 59 4.52 10.91 2.21
CA ALA A 59 4.28 12.34 2.35
C ALA A 59 4.26 12.74 3.83
N GLN A 60 3.49 12.01 4.63
CA GLN A 60 3.37 12.30 6.04
C GLN A 60 4.62 11.83 6.80
N PHE A 61 5.21 10.74 6.32
CA PHE A 61 6.40 10.19 6.95
C PHE A 61 7.54 11.21 6.96
N SER A 62 7.50 12.14 6.00
CA SER A 62 8.53 13.17 5.90
C SER A 62 8.68 13.91 7.22
N ALA A 63 7.60 13.99 7.98
CA ALA A 63 7.61 14.67 9.27
C ALA A 63 8.47 13.92 10.28
N PHE A 64 8.50 12.59 10.16
CA PHE A 64 9.27 11.76 11.06
C PHE A 64 8.77 11.88 12.50
N PRO A 65 7.55 11.36 12.74
CA PRO A 65 6.92 11.40 14.06
C PRO A 65 7.62 10.49 15.07
N VAL A 66 7.01 10.31 16.23
CA VAL A 66 7.58 9.47 17.28
C VAL A 66 6.81 8.16 17.38
N ASN A 67 7.29 7.14 16.67
CA ASN A 67 6.65 5.82 16.69
C ASN A 67 6.89 5.12 18.02
N GLY A 68 8.10 5.25 18.54
CA GLY A 68 8.44 4.63 19.81
C GLY A 68 8.23 3.13 19.78
N ALA A 69 9.12 2.42 19.09
CA ALA A 69 9.03 0.96 19.00
C ALA A 69 10.39 0.34 18.71
N ASP A 70 10.52 -0.95 19.00
CA ASP A 70 11.76 -1.67 18.77
C ASP A 70 11.52 -2.98 18.05
N LEU A 71 10.57 -2.98 17.13
CA LEU A 71 10.23 -4.16 16.36
C LEU A 71 10.96 -4.18 15.02
N TYR A 72 11.49 -5.34 14.64
CA TYR A 72 12.21 -5.48 13.38
C TYR A 72 12.09 -6.91 12.84
N GLU A 73 12.12 -7.04 11.52
CA GLU A 73 12.01 -8.34 10.88
C GLU A 73 13.05 -8.49 9.77
N GLU A 74 13.69 -9.65 9.72
CA GLU A 74 14.71 -9.92 8.72
C GLU A 74 14.17 -10.85 7.63
N LEU A 75 15.02 -11.19 6.67
CA LEU A 75 14.63 -12.06 5.57
C LEU A 75 15.44 -13.36 5.60
N LYS A 76 14.86 -14.38 6.23
CA LYS A 76 15.53 -15.68 6.32
C LYS A 76 15.85 -16.23 4.93
N THR A 77 15.06 -15.83 3.95
CA THR A 77 15.26 -16.28 2.57
C THR A 77 16.12 -15.30 1.79
N SER A 78 17.40 -15.61 1.65
CA SER A 78 18.33 -14.76 0.92
C SER A 78 17.93 -14.63 -0.54
N THR A 79 18.55 -13.69 -1.24
CA THR A 79 18.25 -13.47 -2.65
C THR A 79 18.46 -14.74 -3.46
N ALA A 80 17.50 -15.06 -4.32
CA ALA A 80 17.58 -16.24 -5.16
C ALA A 80 16.53 -16.21 -6.26
N ILE A 81 16.58 -17.19 -7.15
CA ILE A 81 15.63 -17.27 -8.25
C ILE A 81 14.36 -18.01 -7.84
N LEU A 82 13.49 -17.31 -7.14
CA LEU A 82 12.23 -17.90 -6.68
C LEU A 82 12.49 -19.15 -5.84
N SER A 83 13.64 -19.18 -5.18
CA SER A 83 14.01 -20.32 -4.34
C SER A 83 13.83 -19.99 -2.87
N MET A 1 1.19 0.69 8.86
CA MET A 1 0.21 1.68 9.29
C MET A 1 -1.20 1.28 8.85
N GLY A 2 -1.56 0.04 9.16
CA GLY A 2 -2.88 -0.45 8.79
C GLY A 2 -2.83 -1.83 8.17
N VAL A 3 -3.40 -2.82 8.86
CA VAL A 3 -3.41 -4.19 8.37
C VAL A 3 -4.16 -4.29 7.05
N LEU A 4 -3.64 -5.09 6.14
CA LEU A 4 -4.26 -5.28 4.84
C LEU A 4 -5.46 -6.21 4.94
N ARG A 5 -6.54 -5.70 5.53
CA ARG A 5 -7.76 -6.48 5.69
C ARG A 5 -8.63 -6.39 4.44
N VAL A 6 -9.73 -7.15 4.43
CA VAL A 6 -10.65 -7.15 3.30
C VAL A 6 -11.69 -6.05 3.44
N GLY A 7 -11.79 -5.20 2.41
CA GLY A 7 -12.75 -4.12 2.43
C GLY A 7 -12.11 -2.79 2.75
N LEU A 8 -10.88 -2.83 3.24
CA LEU A 8 -10.15 -1.61 3.58
C LEU A 8 -10.08 -0.65 2.39
N CYS A 9 -10.17 -1.21 1.19
CA CYS A 9 -10.12 -0.41 -0.03
C CYS A 9 -11.00 -1.02 -1.11
N PRO A 10 -11.44 -0.19 -2.06
CA PRO A 10 -12.29 -0.62 -3.17
C PRO A 10 -11.55 -1.50 -4.17
N GLY A 11 -11.54 -2.81 -3.90
CA GLY A 11 -10.85 -3.74 -4.79
C GLY A 11 -10.45 -5.01 -4.07
N LEU A 12 -9.89 -4.87 -2.87
CA LEU A 12 -9.45 -6.01 -2.09
C LEU A 12 -10.64 -6.89 -1.68
N THR A 13 -10.51 -8.19 -1.88
CA THR A 13 -11.57 -9.13 -1.53
C THR A 13 -11.08 -10.15 -0.50
N GLU A 14 -12.03 -10.86 0.11
CA GLU A 14 -11.71 -11.86 1.11
C GLU A 14 -10.77 -12.92 0.55
N GLU A 15 -10.87 -13.14 -0.76
CA GLU A 15 -10.05 -14.14 -1.44
C GLU A 15 -8.59 -13.69 -1.49
N MET A 16 -8.37 -12.40 -1.74
CA MET A 16 -7.03 -11.85 -1.82
C MET A 16 -6.30 -12.01 -0.48
N ILE A 17 -7.07 -11.98 0.61
CA ILE A 17 -6.50 -12.12 1.94
C ILE A 17 -6.03 -13.54 2.19
N GLN A 18 -6.79 -14.51 1.68
CA GLN A 18 -6.45 -15.92 1.85
C GLN A 18 -5.14 -16.25 1.15
N LEU A 19 -5.01 -15.84 -0.11
CA LEU A 19 -3.81 -16.09 -0.89
C LEU A 19 -2.64 -15.26 -0.37
N LEU A 20 -2.94 -14.04 0.10
CA LEU A 20 -1.92 -13.15 0.63
C LEU A 20 -1.32 -13.72 1.92
N ARG A 21 -2.18 -14.22 2.79
CA ARG A 21 -1.74 -14.79 4.06
C ARG A 21 -1.02 -16.12 3.83
N SER A 22 -1.39 -16.82 2.77
CA SER A 22 -0.79 -18.10 2.45
C SER A 22 0.71 -17.98 2.27
N HIS A 23 1.15 -16.79 1.85
CA HIS A 23 2.57 -16.53 1.63
C HIS A 23 3.22 -15.97 2.90
N ARG A 24 2.49 -16.05 4.01
CA ARG A 24 2.99 -15.54 5.29
C ARG A 24 3.39 -14.07 5.17
N ILE A 25 2.68 -13.34 4.32
CA ILE A 25 2.97 -11.92 4.11
C ILE A 25 2.61 -11.11 5.35
N LYS A 26 3.34 -10.03 5.57
CA LYS A 26 3.10 -9.16 6.72
C LYS A 26 2.05 -8.09 6.38
N THR A 27 1.87 -7.14 7.29
CA THR A 27 0.90 -6.07 7.09
C THR A 27 1.37 -5.10 6.01
N VAL A 28 0.57 -4.06 5.78
CA VAL A 28 0.91 -3.06 4.78
C VAL A 28 2.37 -2.62 4.89
N VAL A 29 2.89 -2.67 6.11
CA VAL A 29 4.28 -2.28 6.35
C VAL A 29 5.23 -3.06 5.46
N ASP A 30 4.99 -4.35 5.34
CA ASP A 30 5.84 -5.21 4.52
C ASP A 30 5.60 -4.94 3.03
N LEU A 31 4.37 -4.58 2.69
CA LEU A 31 4.02 -4.29 1.30
C LEU A 31 4.98 -3.27 0.69
N VAL A 32 5.43 -2.33 1.51
CA VAL A 32 6.36 -1.30 1.06
C VAL A 32 7.59 -1.92 0.40
N SER A 33 7.91 -3.14 0.81
CA SER A 33 9.07 -3.84 0.27
C SER A 33 8.64 -4.94 -0.70
N ALA A 34 7.40 -5.42 -0.52
CA ALA A 34 6.86 -6.47 -1.39
C ALA A 34 6.87 -6.04 -2.85
N ASP A 35 6.44 -6.94 -3.72
CA ASP A 35 6.39 -6.65 -5.15
C ASP A 35 4.98 -6.27 -5.58
N LEU A 36 4.45 -5.20 -5.01
CA LEU A 36 3.11 -4.73 -5.34
C LEU A 36 2.96 -4.48 -6.83
N GLU A 37 4.04 -4.00 -7.45
CA GLU A 37 4.02 -3.72 -8.88
C GLU A 37 3.71 -4.98 -9.68
N GLU A 38 4.33 -6.08 -9.30
CA GLU A 38 4.12 -7.36 -9.99
C GLU A 38 2.76 -7.95 -9.60
N VAL A 39 2.49 -8.00 -8.30
CA VAL A 39 1.24 -8.54 -7.80
C VAL A 39 0.03 -7.82 -8.42
N ALA A 40 0.14 -6.51 -8.54
CA ALA A 40 -0.93 -5.70 -9.11
C ALA A 40 -1.17 -6.07 -10.58
N GLN A 41 -0.08 -6.39 -11.29
CA GLN A 41 -0.17 -6.77 -12.69
C GLN A 41 -0.90 -8.09 -12.86
N LYS A 42 -0.52 -9.08 -12.07
CA LYS A 42 -1.13 -10.40 -12.13
C LYS A 42 -2.57 -10.35 -11.60
N CYS A 43 -2.75 -9.67 -10.48
CA CYS A 43 -4.07 -9.55 -9.86
C CYS A 43 -4.99 -8.69 -10.72
N GLY A 44 -4.39 -7.79 -11.51
CA GLY A 44 -5.18 -6.92 -12.37
C GLY A 44 -5.62 -5.66 -11.66
N LEU A 45 -4.89 -5.28 -10.62
CA LEU A 45 -5.22 -4.08 -9.85
C LEU A 45 -4.49 -2.86 -10.41
N SER A 46 -4.83 -1.69 -9.87
CA SER A 46 -4.21 -0.44 -10.32
C SER A 46 -3.15 0.03 -9.31
N TYR A 47 -1.89 -0.10 -9.69
CA TYR A 47 -0.79 0.32 -8.82
C TYR A 47 -0.84 1.81 -8.56
N LYS A 48 -1.44 2.55 -9.49
CA LYS A 48 -1.55 4.00 -9.37
C LYS A 48 -2.28 4.37 -8.07
N ALA A 49 -3.28 3.58 -7.72
CA ALA A 49 -4.05 3.83 -6.51
C ALA A 49 -3.15 3.88 -5.29
N LEU A 50 -2.20 2.95 -5.21
CA LEU A 50 -1.28 2.89 -4.10
C LEU A 50 -0.24 4.01 -4.18
N VAL A 51 0.16 4.35 -5.39
CA VAL A 51 1.13 5.42 -5.61
C VAL A 51 0.66 6.73 -5.00
N ALA A 52 -0.64 6.99 -5.10
CA ALA A 52 -1.22 8.21 -4.55
C ALA A 52 -0.99 8.30 -3.05
N LEU A 53 -1.25 7.20 -2.35
CA LEU A 53 -1.06 7.17 -0.90
C LEU A 53 0.42 7.23 -0.53
N ARG A 54 1.23 6.47 -1.26
CA ARG A 54 2.67 6.44 -1.01
C ARG A 54 3.29 7.82 -1.23
N ARG A 55 2.91 8.46 -2.34
CA ARG A 55 3.44 9.78 -2.65
C ARG A 55 3.13 10.78 -1.54
N VAL A 56 1.95 10.67 -0.96
CA VAL A 56 1.53 11.55 0.12
C VAL A 56 2.33 11.28 1.38
N LEU A 57 2.60 10.01 1.65
CA LEU A 57 3.36 9.63 2.84
C LEU A 57 4.79 10.15 2.76
N LEU A 58 5.42 9.95 1.61
CA LEU A 58 6.80 10.40 1.41
C LEU A 58 6.85 11.92 1.27
N ALA A 59 5.81 12.51 0.69
CA ALA A 59 5.73 13.95 0.51
C ALA A 59 5.75 14.67 1.85
N GLN A 60 4.97 14.17 2.80
CA GLN A 60 4.88 14.77 4.13
C GLN A 60 6.12 14.42 4.95
N PHE A 61 6.63 13.21 4.75
CA PHE A 61 7.81 12.76 5.48
C PHE A 61 9.05 13.54 5.08
N SER A 62 9.25 13.69 3.78
CA SER A 62 10.39 14.43 3.25
C SER A 62 10.13 15.93 3.28
N ALA A 63 8.86 16.30 3.22
CA ALA A 63 8.48 17.71 3.23
C ALA A 63 9.01 18.44 2.01
N PHE A 64 9.02 17.76 0.87
CA PHE A 64 9.50 18.34 -0.38
C PHE A 64 9.15 17.45 -1.57
N PRO A 65 7.86 17.44 -1.95
CA PRO A 65 7.36 16.65 -3.07
C PRO A 65 7.85 17.17 -4.41
N VAL A 66 8.82 16.47 -5.00
CA VAL A 66 9.36 16.87 -6.30
C VAL A 66 9.32 15.72 -7.29
N ASN A 67 9.57 14.51 -6.80
CA ASN A 67 9.56 13.33 -7.66
C ASN A 67 8.24 13.20 -8.40
N GLY A 68 8.17 12.25 -9.33
CA GLY A 68 6.96 12.05 -10.10
C GLY A 68 7.25 11.69 -11.54
N ALA A 69 8.43 12.05 -12.02
CA ALA A 69 8.83 11.75 -13.39
C ALA A 69 8.99 10.25 -13.61
N ASP A 70 9.63 9.60 -12.64
CA ASP A 70 9.86 8.16 -12.73
C ASP A 70 9.05 7.42 -11.66
N LEU A 71 7.85 6.98 -12.02
CA LEU A 71 6.98 6.27 -11.09
C LEU A 71 7.51 4.85 -10.83
N TYR A 72 7.73 4.11 -11.92
CA TYR A 72 8.23 2.74 -11.80
C TYR A 72 9.14 2.40 -12.99
N GLU A 73 10.11 1.52 -12.74
CA GLU A 73 11.04 1.11 -13.79
C GLU A 73 10.80 -0.34 -14.18
N GLU A 74 9.54 -0.76 -14.15
CA GLU A 74 9.18 -2.11 -14.52
C GLU A 74 8.62 -2.18 -15.94
N LEU A 75 9.36 -2.84 -16.82
CA LEU A 75 8.94 -2.97 -18.21
C LEU A 75 7.77 -3.94 -18.35
N LYS A 76 6.56 -3.41 -18.38
CA LYS A 76 5.36 -4.22 -18.51
C LYS A 76 5.41 -5.07 -19.77
N THR A 77 6.14 -4.59 -20.78
CA THR A 77 6.28 -5.31 -22.04
C THR A 77 7.11 -6.58 -21.87
N SER A 78 8.20 -6.46 -21.12
CA SER A 78 9.08 -7.59 -20.88
C SER A 78 8.77 -8.26 -19.54
N THR A 79 8.16 -9.43 -19.60
CA THR A 79 7.80 -10.17 -18.40
C THR A 79 8.74 -11.35 -18.18
N ALA A 80 9.00 -12.10 -19.25
CA ALA A 80 9.88 -13.26 -19.17
C ALA A 80 10.84 -13.30 -20.36
N ILE A 81 11.70 -14.30 -20.38
CA ILE A 81 12.66 -14.45 -21.47
C ILE A 81 12.01 -15.08 -22.70
N LEU A 82 12.10 -14.37 -23.82
CA LEU A 82 11.52 -14.85 -25.07
C LEU A 82 12.61 -15.27 -26.05
N SER A 83 13.77 -14.63 -25.94
CA SER A 83 14.90 -14.94 -26.82
C SER A 83 15.56 -16.26 -26.41
N MET A 1 -2.68 2.36 4.87
CA MET A 1 -2.34 2.96 6.15
C MET A 1 -2.19 1.88 7.23
N GLY A 2 -0.94 1.59 7.60
CA GLY A 2 -0.69 0.59 8.61
C GLY A 2 -0.99 -0.82 8.12
N VAL A 3 -1.89 -1.50 8.82
CA VAL A 3 -2.28 -2.86 8.46
C VAL A 3 -3.16 -2.87 7.22
N LEU A 4 -2.93 -3.85 6.34
CA LEU A 4 -3.71 -3.97 5.12
C LEU A 4 -5.14 -4.42 5.41
N ARG A 5 -6.08 -3.50 5.26
CA ARG A 5 -7.49 -3.80 5.52
C ARG A 5 -8.34 -3.50 4.29
N VAL A 6 -9.40 -4.27 4.10
CA VAL A 6 -10.29 -4.09 2.96
C VAL A 6 -10.94 -2.72 2.99
N GLY A 7 -10.85 -2.00 1.87
CA GLY A 7 -11.44 -0.67 1.78
C GLY A 7 -10.39 0.41 1.70
N LEU A 8 -9.12 0.01 1.71
CA LEU A 8 -8.01 0.96 1.64
C LEU A 8 -8.15 1.86 0.41
N CYS A 9 -8.82 1.35 -0.62
CA CYS A 9 -9.02 2.09 -1.86
C CYS A 9 -10.11 1.45 -2.71
N PRO A 10 -10.66 2.23 -3.65
CA PRO A 10 -11.72 1.77 -4.54
C PRO A 10 -11.21 0.75 -5.57
N GLY A 11 -11.31 -0.53 -5.21
CA GLY A 11 -10.85 -1.58 -6.11
C GLY A 11 -10.38 -2.81 -5.36
N LEU A 12 -9.60 -2.61 -4.31
CA LEU A 12 -9.08 -3.71 -3.51
C LEU A 12 -10.20 -4.41 -2.76
N THR A 13 -10.16 -5.74 -2.74
CA THR A 13 -11.17 -6.53 -2.06
C THR A 13 -10.59 -7.27 -0.85
N GLU A 14 -11.46 -7.69 0.05
CA GLU A 14 -11.02 -8.40 1.25
C GLU A 14 -10.26 -9.67 0.88
N GLU A 15 -10.57 -10.23 -0.28
CA GLU A 15 -9.92 -11.44 -0.75
C GLU A 15 -8.42 -11.22 -0.91
N MET A 16 -8.04 -10.04 -1.37
CA MET A 16 -6.64 -9.69 -1.57
C MET A 16 -5.88 -9.73 -0.25
N ILE A 17 -6.46 -9.10 0.78
CA ILE A 17 -5.84 -9.05 2.10
C ILE A 17 -5.71 -10.44 2.69
N GLN A 18 -6.79 -11.21 2.64
CA GLN A 18 -6.79 -12.57 3.16
C GLN A 18 -5.72 -13.42 2.49
N LEU A 19 -5.55 -13.22 1.19
CA LEU A 19 -4.55 -13.97 0.43
C LEU A 19 -3.14 -13.61 0.88
N LEU A 20 -2.93 -12.34 1.20
CA LEU A 20 -1.63 -11.86 1.63
C LEU A 20 -1.23 -12.53 2.95
N ARG A 21 -2.16 -12.62 3.88
CA ARG A 21 -1.91 -13.24 5.17
C ARG A 21 -1.52 -14.71 5.01
N SER A 22 -2.00 -15.33 3.94
CA SER A 22 -1.70 -16.73 3.67
C SER A 22 -0.20 -16.95 3.51
N HIS A 23 0.46 -15.95 2.91
CA HIS A 23 1.91 -16.03 2.70
C HIS A 23 2.66 -15.35 3.83
N ARG A 24 2.00 -15.21 4.98
CA ARG A 24 2.62 -14.57 6.13
C ARG A 24 3.14 -13.18 5.78
N ILE A 25 2.53 -12.57 4.77
CA ILE A 25 2.94 -11.24 4.33
C ILE A 25 2.82 -10.23 5.47
N LYS A 26 3.73 -9.25 5.48
CA LYS A 26 3.73 -8.22 6.51
C LYS A 26 2.83 -7.05 6.12
N THR A 27 2.88 -5.98 6.91
CA THR A 27 2.07 -4.80 6.64
C THR A 27 2.58 -4.05 5.42
N VAL A 28 1.95 -2.92 5.11
CA VAL A 28 2.35 -2.10 3.97
C VAL A 28 3.85 -1.90 3.94
N VAL A 29 4.48 -1.91 5.12
CA VAL A 29 5.92 -1.72 5.22
C VAL A 29 6.67 -2.74 4.37
N ASP A 30 6.21 -3.98 4.42
CA ASP A 30 6.84 -5.06 3.65
C ASP A 30 6.53 -4.91 2.16
N LEU A 31 5.33 -4.43 1.86
CA LEU A 31 4.91 -4.24 0.48
C LEU A 31 5.93 -3.41 -0.30
N VAL A 32 6.53 -2.44 0.38
CA VAL A 32 7.54 -1.58 -0.25
C VAL A 32 8.64 -2.41 -0.89
N SER A 33 8.86 -3.61 -0.37
CA SER A 33 9.90 -4.49 -0.89
C SER A 33 9.28 -5.62 -1.71
N ALA A 34 8.02 -5.93 -1.42
CA ALA A 34 7.31 -6.99 -2.13
C ALA A 34 7.30 -6.72 -3.63
N ASP A 35 6.74 -7.67 -4.39
CA ASP A 35 6.67 -7.54 -5.84
C ASP A 35 5.29 -7.02 -6.27
N LEU A 36 4.91 -5.87 -5.74
CA LEU A 36 3.62 -5.26 -6.06
C LEU A 36 3.47 -5.08 -7.57
N GLU A 37 4.56 -4.72 -8.24
CA GLU A 37 4.55 -4.52 -9.68
C GLU A 37 4.20 -5.82 -10.40
N GLU A 38 4.75 -6.93 -9.92
CA GLU A 38 4.50 -8.23 -10.54
C GLU A 38 3.09 -8.73 -10.17
N VAL A 39 2.77 -8.67 -8.88
CA VAL A 39 1.47 -9.13 -8.41
C VAL A 39 0.34 -8.32 -9.05
N ALA A 40 0.54 -7.01 -9.16
CA ALA A 40 -0.45 -6.12 -9.76
C ALA A 40 -0.67 -6.47 -11.22
N GLN A 41 0.40 -6.87 -11.91
CA GLN A 41 0.32 -7.22 -13.33
C GLN A 41 -0.49 -8.51 -13.52
N LYS A 42 -0.12 -9.54 -12.78
CA LYS A 42 -0.80 -10.84 -12.87
C LYS A 42 -2.23 -10.73 -12.35
N CYS A 43 -2.40 -10.03 -11.23
CA CYS A 43 -3.72 -9.85 -10.64
C CYS A 43 -4.59 -8.92 -11.49
N GLY A 44 -3.93 -8.01 -12.21
CA GLY A 44 -4.65 -7.08 -13.06
C GLY A 44 -5.09 -5.83 -12.31
N LEU A 45 -4.35 -5.48 -11.26
CA LEU A 45 -4.67 -4.31 -10.45
C LEU A 45 -3.94 -3.08 -10.99
N SER A 46 -4.55 -1.91 -10.81
CA SER A 46 -3.96 -0.66 -11.28
C SER A 46 -2.93 -0.15 -10.28
N TYR A 47 -1.66 -0.25 -10.64
CA TYR A 47 -0.57 0.21 -9.79
C TYR A 47 -0.76 1.67 -9.40
N LYS A 48 -1.38 2.43 -10.30
CA LYS A 48 -1.62 3.85 -10.06
C LYS A 48 -2.42 4.06 -8.77
N ALA A 49 -3.36 3.16 -8.52
CA ALA A 49 -4.19 3.24 -7.32
C ALA A 49 -3.35 3.04 -6.05
N LEU A 50 -2.39 2.13 -6.13
CA LEU A 50 -1.52 1.84 -4.99
C LEU A 50 -0.51 2.96 -4.79
N VAL A 51 -0.09 3.58 -5.89
CA VAL A 51 0.87 4.67 -5.83
C VAL A 51 0.38 5.80 -4.94
N ALA A 52 -0.93 6.07 -5.02
CA ALA A 52 -1.54 7.13 -4.22
C ALA A 52 -1.34 6.87 -2.73
N LEU A 53 -1.60 5.64 -2.31
CA LEU A 53 -1.45 5.25 -0.91
C LEU A 53 -0.04 5.55 -0.40
N ARG A 54 0.95 5.13 -1.18
CA ARG A 54 2.35 5.35 -0.81
C ARG A 54 2.64 6.84 -0.64
N ARG A 55 2.15 7.64 -1.58
CA ARG A 55 2.35 9.09 -1.54
C ARG A 55 1.80 9.68 -0.24
N VAL A 56 0.69 9.13 0.23
CA VAL A 56 0.07 9.59 1.46
C VAL A 56 0.93 9.26 2.68
N LEU A 57 1.52 8.06 2.66
CA LEU A 57 2.36 7.62 3.76
C LEU A 57 3.57 8.54 3.93
N LEU A 58 4.24 8.83 2.82
CA LEU A 58 5.42 9.69 2.85
C LEU A 58 5.02 11.15 3.08
N ALA A 59 3.85 11.53 2.57
CA ALA A 59 3.34 12.88 2.72
C ALA A 59 3.19 13.25 4.20
N GLN A 60 2.54 12.36 4.95
CA GLN A 60 2.33 12.59 6.37
C GLN A 60 3.65 12.53 7.14
N PHE A 61 4.56 11.69 6.67
CA PHE A 61 5.86 11.54 7.30
C PHE A 61 6.73 12.77 7.08
N SER A 62 6.53 13.43 5.95
CA SER A 62 7.30 14.63 5.61
C SER A 62 6.67 15.35 4.43
N ALA A 63 6.86 16.68 4.39
CA ALA A 63 6.31 17.49 3.31
C ALA A 63 7.42 18.03 2.43
N PHE A 64 8.18 17.13 1.82
CA PHE A 64 9.28 17.53 0.94
C PHE A 64 9.21 16.80 -0.39
N PRO A 65 8.25 17.20 -1.23
CA PRO A 65 8.04 16.60 -2.55
C PRO A 65 9.17 16.94 -3.52
N VAL A 66 9.73 15.90 -4.15
CA VAL A 66 10.82 16.09 -5.11
C VAL A 66 10.47 15.48 -6.46
N ASN A 67 10.71 16.24 -7.53
CA ASN A 67 10.43 15.77 -8.88
C ASN A 67 9.09 15.02 -8.92
N GLY A 68 8.10 15.54 -8.20
CA GLY A 68 6.79 14.90 -8.17
C GLY A 68 5.73 15.73 -8.87
N ALA A 69 4.83 15.05 -9.57
CA ALA A 69 3.76 15.74 -10.28
C ALA A 69 2.61 16.11 -9.34
N ASP A 70 2.60 17.35 -8.88
CA ASP A 70 1.56 17.82 -7.97
C ASP A 70 0.54 18.68 -8.72
N LEU A 71 -0.37 18.02 -9.43
CA LEU A 71 -1.41 18.72 -10.19
C LEU A 71 -2.38 19.43 -9.25
N TYR A 72 -2.81 20.62 -9.65
CA TYR A 72 -3.74 21.41 -8.85
C TYR A 72 -4.59 22.31 -9.74
N GLU A 73 -5.83 22.55 -9.32
CA GLU A 73 -6.74 23.39 -10.06
C GLU A 73 -7.25 24.55 -9.21
N GLU A 74 -6.67 25.72 -9.40
CA GLU A 74 -7.06 26.90 -8.64
C GLU A 74 -8.54 27.22 -8.85
N LEU A 75 -9.37 26.83 -7.90
CA LEU A 75 -10.80 27.07 -7.98
C LEU A 75 -11.09 28.54 -8.22
N LYS A 76 -12.13 28.81 -8.99
CA LYS A 76 -12.52 30.19 -9.29
C LYS A 76 -13.01 30.91 -8.04
N THR A 77 -13.82 30.23 -7.24
CA THR A 77 -14.34 30.80 -6.01
C THR A 77 -15.06 32.12 -6.29
N SER A 78 -15.87 32.13 -7.34
CA SER A 78 -16.61 33.34 -7.71
C SER A 78 -18.05 33.27 -7.20
N THR A 79 -18.76 34.39 -7.29
CA THR A 79 -20.14 34.45 -6.83
C THR A 79 -21.04 33.54 -7.66
N ALA A 80 -22.33 33.57 -7.36
CA ALA A 80 -23.30 32.73 -8.07
C ALA A 80 -23.20 32.96 -9.57
N ILE A 81 -23.68 31.99 -10.34
CA ILE A 81 -23.66 32.08 -11.79
C ILE A 81 -22.23 32.23 -12.31
N LEU A 82 -21.61 31.10 -12.66
CA LEU A 82 -20.24 31.10 -13.16
C LEU A 82 -20.20 30.67 -14.62
N SER A 83 -21.18 29.88 -15.03
CA SER A 83 -21.26 29.39 -16.41
C SER A 83 -21.20 30.56 -17.39
N MET A 1 -1.12 -1.64 14.85
CA MET A 1 -0.68 -2.80 14.08
C MET A 1 -1.87 -3.69 13.73
N GLY A 2 -1.70 -4.52 12.70
CA GLY A 2 -2.76 -5.41 12.27
C GLY A 2 -2.57 -5.91 10.86
N VAL A 3 -2.42 -7.22 10.72
CA VAL A 3 -2.23 -7.83 9.41
C VAL A 3 -3.34 -7.44 8.45
N LEU A 4 -2.99 -7.25 7.18
CA LEU A 4 -3.96 -6.87 6.17
C LEU A 4 -5.14 -7.83 6.16
N ARG A 5 -6.32 -7.31 6.50
CA ARG A 5 -7.53 -8.12 6.53
C ARG A 5 -8.55 -7.61 5.53
N VAL A 6 -9.73 -8.23 5.51
CA VAL A 6 -10.79 -7.85 4.59
C VAL A 6 -11.52 -6.59 5.09
N GLY A 7 -11.83 -5.69 4.17
CA GLY A 7 -12.52 -4.47 4.53
C GLY A 7 -11.57 -3.33 4.84
N LEU A 8 -10.30 -3.51 4.50
CA LEU A 8 -9.28 -2.49 4.75
C LEU A 8 -9.51 -1.27 3.86
N CYS A 9 -10.11 -1.50 2.69
CA CYS A 9 -10.38 -0.42 1.76
C CYS A 9 -11.41 -0.85 0.72
N PRO A 10 -12.05 0.14 0.07
CA PRO A 10 -13.06 -0.11 -0.95
C PRO A 10 -12.47 -0.70 -2.23
N GLY A 11 -12.37 -2.03 -2.27
CA GLY A 11 -11.83 -2.70 -3.43
C GLY A 11 -11.22 -4.05 -3.10
N LEU A 12 -10.57 -4.13 -1.94
CA LEU A 12 -9.95 -5.37 -1.50
C LEU A 12 -10.99 -6.37 -1.02
N THR A 13 -10.84 -7.63 -1.42
CA THR A 13 -11.76 -8.68 -1.02
C THR A 13 -11.07 -9.72 -0.15
N GLU A 14 -11.86 -10.47 0.62
CA GLU A 14 -11.33 -11.50 1.50
C GLU A 14 -10.54 -12.54 0.69
N GLU A 15 -10.92 -12.71 -0.56
CA GLU A 15 -10.24 -13.67 -1.44
C GLU A 15 -8.75 -13.37 -1.53
N MET A 16 -8.42 -12.10 -1.76
CA MET A 16 -7.02 -11.69 -1.87
C MET A 16 -6.30 -11.88 -0.55
N ILE A 17 -7.02 -11.74 0.55
CA ILE A 17 -6.45 -11.90 1.88
C ILE A 17 -5.93 -13.33 2.09
N GLN A 18 -6.68 -14.30 1.57
CA GLN A 18 -6.29 -15.69 1.70
C GLN A 18 -4.91 -15.94 1.10
N LEU A 19 -4.62 -15.26 -0.01
CA LEU A 19 -3.33 -15.41 -0.67
C LEU A 19 -2.21 -14.79 0.16
N LEU A 20 -2.51 -13.69 0.83
CA LEU A 20 -1.54 -13.01 1.67
C LEU A 20 -1.17 -13.85 2.88
N ARG A 21 -2.18 -14.45 3.51
CA ARG A 21 -1.97 -15.29 4.67
C ARG A 21 -1.30 -16.61 4.29
N SER A 22 -1.55 -17.05 3.06
CA SER A 22 -0.99 -18.30 2.57
C SER A 22 0.52 -18.18 2.39
N HIS A 23 0.99 -16.97 2.09
CA HIS A 23 2.41 -16.72 1.90
C HIS A 23 3.02 -16.08 3.15
N ARG A 24 2.26 -16.08 4.24
CA ARG A 24 2.71 -15.50 5.49
C ARG A 24 3.14 -14.04 5.29
N ILE A 25 2.39 -13.32 4.47
CA ILE A 25 2.68 -11.92 4.18
C ILE A 25 2.55 -11.07 5.44
N LYS A 26 3.37 -10.03 5.54
CA LYS A 26 3.35 -9.14 6.70
C LYS A 26 2.36 -7.99 6.47
N THR A 27 2.39 -7.00 7.36
CA THR A 27 1.49 -5.86 7.27
C THR A 27 1.87 -4.96 6.10
N VAL A 28 1.15 -3.86 5.94
CA VAL A 28 1.42 -2.92 4.85
C VAL A 28 2.90 -2.58 4.77
N VAL A 29 3.58 -2.67 5.91
CA VAL A 29 5.01 -2.37 5.96
C VAL A 29 5.78 -3.20 4.94
N ASP A 30 5.46 -4.49 4.87
CA ASP A 30 6.12 -5.39 3.94
C ASP A 30 5.69 -5.10 2.49
N LEU A 31 4.42 -4.79 2.32
CA LEU A 31 3.89 -4.49 0.99
C LEU A 31 4.70 -3.39 0.32
N VAL A 32 5.03 -2.35 1.08
CA VAL A 32 5.80 -1.24 0.56
C VAL A 32 7.11 -1.72 -0.07
N SER A 33 7.74 -2.69 0.58
CA SER A 33 9.00 -3.24 0.08
C SER A 33 8.74 -4.43 -0.85
N ALA A 34 7.48 -4.83 -0.96
CA ALA A 34 7.11 -5.95 -1.81
C ALA A 34 6.90 -5.51 -3.25
N ASP A 35 6.83 -6.48 -4.16
CA ASP A 35 6.63 -6.18 -5.57
C ASP A 35 5.17 -5.86 -5.86
N LEU A 36 4.70 -4.73 -5.34
CA LEU A 36 3.32 -4.31 -5.54
C LEU A 36 2.98 -4.22 -7.03
N GLU A 37 3.98 -3.92 -7.84
CA GLU A 37 3.79 -3.81 -9.29
C GLU A 37 3.53 -5.18 -9.90
N GLU A 38 4.16 -6.21 -9.33
CA GLU A 38 3.98 -7.57 -9.83
C GLU A 38 2.63 -8.13 -9.41
N VAL A 39 2.30 -7.99 -8.13
CA VAL A 39 1.03 -8.49 -7.60
C VAL A 39 -0.14 -7.74 -8.22
N ALA A 40 0.03 -6.43 -8.40
CA ALA A 40 -1.02 -5.60 -8.98
C ALA A 40 -1.37 -6.07 -10.38
N GLN A 41 -0.37 -6.52 -11.12
CA GLN A 41 -0.57 -6.98 -12.49
C GLN A 41 -1.40 -8.27 -12.51
N LYS A 42 -1.04 -9.20 -11.64
CA LYS A 42 -1.75 -10.47 -11.55
C LYS A 42 -3.15 -10.29 -10.99
N CYS A 43 -3.25 -9.51 -9.91
CA CYS A 43 -4.53 -9.25 -9.27
C CYS A 43 -5.41 -8.38 -10.16
N GLY A 44 -4.78 -7.59 -11.02
CA GLY A 44 -5.52 -6.71 -11.91
C GLY A 44 -5.86 -5.38 -11.27
N LEU A 45 -5.03 -4.94 -10.34
CA LEU A 45 -5.24 -3.67 -9.65
C LEU A 45 -4.48 -2.54 -10.33
N SER A 46 -4.72 -1.31 -9.88
CA SER A 46 -4.06 -0.15 -10.45
C SER A 46 -2.90 0.30 -9.55
N TYR A 47 -1.68 0.06 -10.01
CA TYR A 47 -0.49 0.43 -9.25
C TYR A 47 -0.42 1.95 -9.08
N LYS A 48 -0.92 2.68 -10.07
CA LYS A 48 -0.92 4.13 -10.03
C LYS A 48 -1.64 4.66 -8.78
N ALA A 49 -2.72 3.97 -8.41
CA ALA A 49 -3.49 4.36 -7.24
C ALA A 49 -2.71 4.11 -5.96
N LEU A 50 -1.88 3.07 -5.97
CA LEU A 50 -1.07 2.72 -4.80
C LEU A 50 0.07 3.71 -4.63
N VAL A 51 0.85 3.90 -5.69
CA VAL A 51 1.98 4.82 -5.65
C VAL A 51 1.54 6.23 -5.26
N ALA A 52 0.37 6.62 -5.77
CA ALA A 52 -0.17 7.95 -5.47
C ALA A 52 -0.34 8.16 -3.97
N LEU A 53 -0.90 7.15 -3.30
CA LEU A 53 -1.12 7.22 -1.86
C LEU A 53 0.20 7.15 -1.11
N ARG A 54 1.11 6.31 -1.58
CA ARG A 54 2.41 6.15 -0.94
C ARG A 54 3.18 7.47 -0.95
N ARG A 55 3.21 8.14 -2.09
CA ARG A 55 3.90 9.41 -2.23
C ARG A 55 3.35 10.44 -1.24
N VAL A 56 2.04 10.42 -1.05
CA VAL A 56 1.39 11.35 -0.14
C VAL A 56 1.75 11.03 1.31
N LEU A 57 1.82 9.75 1.63
CA LEU A 57 2.16 9.31 2.98
C LEU A 57 3.58 9.72 3.35
N LEU A 58 4.51 9.46 2.44
CA LEU A 58 5.91 9.80 2.66
C LEU A 58 6.13 11.31 2.59
N ALA A 59 5.36 11.97 1.71
CA ALA A 59 5.46 13.40 1.55
C ALA A 59 5.18 14.14 2.85
N GLN A 60 4.15 13.69 3.57
CA GLN A 60 3.78 14.30 4.84
C GLN A 60 4.93 14.22 5.84
N PHE A 61 5.55 13.05 5.91
CA PHE A 61 6.66 12.83 6.84
C PHE A 61 7.90 13.61 6.39
N SER A 62 8.05 13.77 5.08
CA SER A 62 9.19 14.49 4.52
C SER A 62 9.33 15.86 5.16
N ALA A 63 8.41 16.76 4.82
CA ALA A 63 8.43 18.11 5.37
C ALA A 63 7.02 18.58 5.70
N PHE A 64 6.93 19.69 6.44
CA PHE A 64 5.64 20.24 6.83
C PHE A 64 4.81 19.21 7.58
N PRO A 65 5.22 18.90 8.82
CA PRO A 65 4.52 17.92 9.66
C PRO A 65 3.15 18.43 10.13
N VAL A 66 2.16 18.34 9.24
CA VAL A 66 0.81 18.78 9.57
C VAL A 66 0.21 17.94 10.70
N ASN A 67 -1.00 18.30 11.11
CA ASN A 67 -1.69 17.58 12.18
C ASN A 67 -2.84 16.75 11.62
N GLY A 68 -2.55 15.46 11.37
CA GLY A 68 -3.58 14.59 10.84
C GLY A 68 -4.85 14.59 11.67
N ALA A 69 -5.91 14.02 11.12
CA ALA A 69 -7.19 13.97 11.81
C ALA A 69 -7.46 12.58 12.36
N ASP A 70 -7.52 12.47 13.69
CA ASP A 70 -7.76 11.19 14.35
C ASP A 70 -9.24 11.06 14.74
N LEU A 71 -10.11 11.72 14.00
CA LEU A 71 -11.54 11.68 14.28
C LEU A 71 -12.19 10.48 13.59
N TYR A 72 -13.24 9.95 14.22
CA TYR A 72 -13.95 8.80 13.67
C TYR A 72 -15.46 9.01 13.77
N GLU A 73 -16.21 8.11 13.14
CA GLU A 73 -17.67 8.19 13.15
C GLU A 73 -18.29 6.89 12.63
N GLU A 74 -19.28 6.38 13.38
CA GLU A 74 -19.95 5.15 12.99
C GLU A 74 -21.46 5.36 12.91
N LEU A 75 -22.09 4.72 11.93
CA LEU A 75 -23.54 4.84 11.75
C LEU A 75 -24.29 4.15 12.88
N LYS A 76 -25.44 4.71 13.25
CA LYS A 76 -26.25 4.15 14.31
C LYS A 76 -27.06 2.97 13.82
N THR A 77 -27.52 3.04 12.57
CA THR A 77 -28.30 1.97 11.97
C THR A 77 -29.50 1.62 12.85
N SER A 78 -30.17 2.64 13.37
CA SER A 78 -31.33 2.43 14.22
C SER A 78 -32.53 1.94 13.41
N THR A 79 -33.39 1.16 14.05
CA THR A 79 -34.57 0.62 13.38
C THR A 79 -35.83 0.91 14.19
N ALA A 80 -36.96 0.97 13.50
CA ALA A 80 -38.24 1.24 14.15
C ALA A 80 -39.32 0.30 13.65
N ILE A 81 -40.55 0.52 14.10
CA ILE A 81 -41.68 -0.33 13.70
C ILE A 81 -42.05 -0.08 12.25
N LEU A 82 -42.27 -1.17 11.51
CA LEU A 82 -42.63 -1.09 10.10
C LEU A 82 -43.30 -2.37 9.63
N SER A 83 -44.61 -2.44 9.77
CA SER A 83 -45.38 -3.62 9.36
C SER A 83 -45.06 -3.99 7.91
N MET A 1 2.37 -2.07 14.07
CA MET A 1 1.63 -3.32 14.25
C MET A 1 0.23 -3.21 13.66
N GLY A 2 -0.10 -4.14 12.76
CA GLY A 2 -1.41 -4.12 12.12
C GLY A 2 -1.37 -4.65 10.71
N VAL A 3 -1.74 -5.92 10.54
CA VAL A 3 -1.73 -6.55 9.22
C VAL A 3 -2.81 -5.94 8.33
N LEU A 4 -2.55 -5.96 7.02
CA LEU A 4 -3.50 -5.41 6.06
C LEU A 4 -4.89 -5.99 6.26
N ARG A 5 -5.88 -5.12 6.39
CA ARG A 5 -7.26 -5.56 6.59
C ARG A 5 -8.16 -5.05 5.46
N VAL A 6 -9.24 -5.78 5.20
CA VAL A 6 -10.18 -5.40 4.15
C VAL A 6 -10.81 -4.04 4.44
N GLY A 7 -10.92 -3.22 3.40
CA GLY A 7 -11.50 -1.90 3.57
C GLY A 7 -10.48 -0.86 3.99
N LEU A 8 -9.21 -1.16 3.76
CA LEU A 8 -8.13 -0.24 4.13
C LEU A 8 -7.99 0.87 3.09
N CYS A 9 -8.32 0.56 1.84
CA CYS A 9 -8.23 1.53 0.75
C CYS A 9 -9.21 1.20 -0.35
N PRO A 10 -9.52 2.20 -1.19
CA PRO A 10 -10.46 2.03 -2.31
C PRO A 10 -9.89 1.16 -3.42
N GLY A 11 -10.04 -0.15 -3.26
CA GLY A 11 -9.54 -1.09 -4.25
C GLY A 11 -9.23 -2.45 -3.67
N LEU A 12 -8.51 -2.46 -2.55
CA LEU A 12 -8.16 -3.72 -1.90
C LEU A 12 -9.39 -4.43 -1.36
N THR A 13 -9.48 -5.72 -1.63
CA THR A 13 -10.61 -6.53 -1.19
C THR A 13 -10.18 -7.56 -0.15
N GLU A 14 -11.15 -8.10 0.58
CA GLU A 14 -10.86 -9.11 1.60
C GLU A 14 -10.17 -10.32 0.99
N GLU A 15 -10.45 -10.57 -0.29
CA GLU A 15 -9.85 -11.70 -0.99
C GLU A 15 -8.33 -11.59 -1.01
N MET A 16 -7.84 -10.40 -1.35
CA MET A 16 -6.40 -10.16 -1.41
C MET A 16 -5.76 -10.32 -0.04
N ILE A 17 -6.52 -10.00 1.01
CA ILE A 17 -6.03 -10.12 2.38
C ILE A 17 -5.66 -11.55 2.70
N GLN A 18 -6.53 -12.48 2.34
CA GLN A 18 -6.30 -13.90 2.61
C GLN A 18 -5.07 -14.40 1.84
N LEU A 19 -4.91 -13.91 0.62
CA LEU A 19 -3.78 -14.31 -0.22
C LEU A 19 -2.46 -13.92 0.45
N LEU A 20 -2.40 -12.71 0.98
CA LEU A 20 -1.19 -12.22 1.65
C LEU A 20 -0.94 -12.98 2.94
N ARG A 21 -2.01 -13.19 3.72
CA ARG A 21 -1.90 -13.89 4.99
C ARG A 21 -1.49 -15.35 4.76
N SER A 22 -1.84 -15.89 3.60
CA SER A 22 -1.51 -17.27 3.27
C SER A 22 -0.02 -17.42 2.97
N HIS A 23 0.59 -16.34 2.46
CA HIS A 23 2.00 -16.35 2.13
C HIS A 23 2.83 -15.77 3.28
N ARG A 24 2.25 -15.79 4.48
CA ARG A 24 2.93 -15.27 5.66
C ARG A 24 3.38 -13.82 5.44
N ILE A 25 2.68 -13.11 4.56
CA ILE A 25 3.00 -11.74 4.26
C ILE A 25 2.88 -10.85 5.50
N LYS A 26 3.73 -9.83 5.58
CA LYS A 26 3.71 -8.91 6.71
C LYS A 26 2.74 -7.76 6.46
N THR A 27 2.75 -6.78 7.36
CA THR A 27 1.87 -5.62 7.24
C THR A 27 2.33 -4.71 6.10
N VAL A 28 1.63 -3.59 5.93
CA VAL A 28 1.97 -2.63 4.88
C VAL A 28 3.47 -2.36 4.84
N VAL A 29 4.11 -2.47 6.00
CA VAL A 29 5.55 -2.23 6.10
C VAL A 29 6.32 -3.11 5.13
N ASP A 30 5.93 -4.38 5.04
CA ASP A 30 6.58 -5.32 4.14
C ASP A 30 6.21 -5.03 2.68
N LEU A 31 4.99 -4.57 2.47
CA LEU A 31 4.52 -4.25 1.13
C LEU A 31 5.46 -3.30 0.43
N VAL A 32 6.05 -2.38 1.19
CA VAL A 32 6.98 -1.40 0.64
C VAL A 32 8.11 -2.09 -0.12
N SER A 33 8.40 -3.34 0.26
CA SER A 33 9.46 -4.10 -0.38
C SER A 33 8.88 -5.14 -1.34
N ALA A 34 7.64 -5.55 -1.08
CA ALA A 34 6.97 -6.53 -1.93
C ALA A 34 6.99 -6.09 -3.39
N ASP A 35 6.53 -6.98 -4.27
CA ASP A 35 6.48 -6.69 -5.69
C ASP A 35 5.07 -6.30 -6.13
N LEU A 36 4.57 -5.20 -5.57
CA LEU A 36 3.23 -4.72 -5.90
C LEU A 36 3.08 -4.51 -7.39
N GLU A 37 4.15 -4.04 -8.03
CA GLU A 37 4.15 -3.79 -9.47
C GLU A 37 3.82 -5.07 -10.24
N GLU A 38 4.43 -6.18 -9.83
CA GLU A 38 4.21 -7.46 -10.48
C GLU A 38 2.85 -8.04 -10.10
N VAL A 39 2.56 -8.05 -8.80
CA VAL A 39 1.30 -8.57 -8.30
C VAL A 39 0.12 -7.85 -8.93
N ALA A 40 0.22 -6.53 -9.05
CA ALA A 40 -0.83 -5.72 -9.65
C ALA A 40 -1.05 -6.10 -11.11
N GLN A 41 0.03 -6.43 -11.80
CA GLN A 41 -0.04 -6.80 -13.21
C GLN A 41 -0.77 -8.13 -13.38
N LYS A 42 -0.40 -9.11 -12.56
CA LYS A 42 -1.00 -10.44 -12.62
C LYS A 42 -2.45 -10.39 -12.13
N CYS A 43 -2.67 -9.71 -11.01
CA CYS A 43 -4.01 -9.59 -10.43
C CYS A 43 -4.89 -8.71 -11.31
N GLY A 44 -4.27 -7.81 -12.07
CA GLY A 44 -5.02 -6.93 -12.94
C GLY A 44 -5.50 -5.67 -12.22
N LEU A 45 -4.78 -5.29 -11.17
CA LEU A 45 -5.14 -4.11 -10.40
C LEU A 45 -4.35 -2.89 -10.88
N SER A 46 -4.86 -1.71 -10.59
CA SER A 46 -4.21 -0.46 -10.98
C SER A 46 -3.10 -0.09 -10.00
N TYR A 47 -1.85 -0.26 -10.43
CA TYR A 47 -0.70 0.05 -9.60
C TYR A 47 -0.68 1.54 -9.25
N LYS A 48 -1.11 2.37 -10.19
CA LYS A 48 -1.14 3.81 -9.99
C LYS A 48 -1.97 4.18 -8.76
N ALA A 49 -3.06 3.44 -8.55
CA ALA A 49 -3.94 3.68 -7.41
C ALA A 49 -3.19 3.49 -6.10
N LEU A 50 -2.41 2.42 -6.02
CA LEU A 50 -1.65 2.13 -4.81
C LEU A 50 -0.48 3.09 -4.65
N VAL A 51 0.14 3.45 -5.77
CA VAL A 51 1.26 4.38 -5.76
C VAL A 51 0.86 5.73 -5.20
N ALA A 52 -0.32 6.20 -5.59
CA ALA A 52 -0.83 7.49 -5.12
C ALA A 52 -1.00 7.49 -3.61
N LEU A 53 -1.59 6.43 -3.08
CA LEU A 53 -1.82 6.31 -1.65
C LEU A 53 -0.49 6.23 -0.89
N ARG A 54 0.40 5.37 -1.38
CA ARG A 54 1.71 5.21 -0.75
C ARG A 54 2.47 6.53 -0.72
N ARG A 55 2.47 7.24 -1.84
CA ARG A 55 3.16 8.52 -1.94
C ARG A 55 2.65 9.49 -0.89
N VAL A 56 1.33 9.48 -0.66
CA VAL A 56 0.72 10.37 0.32
C VAL A 56 1.11 9.98 1.73
N LEU A 57 1.19 8.69 1.99
CA LEU A 57 1.57 8.19 3.31
C LEU A 57 3.00 8.58 3.66
N LEU A 58 3.91 8.36 2.72
CA LEU A 58 5.32 8.70 2.91
C LEU A 58 5.53 10.22 2.89
N ALA A 59 4.73 10.90 2.07
CA ALA A 59 4.83 12.35 1.97
C ALA A 59 4.52 13.03 3.30
N GLN A 60 3.41 12.64 3.91
CA GLN A 60 3.01 13.21 5.20
C GLN A 60 3.85 12.63 6.33
N PHE A 61 4.25 11.37 6.19
CA PHE A 61 5.05 10.71 7.21
C PHE A 61 6.38 11.45 7.41
N SER A 62 6.87 12.06 6.35
CA SER A 62 8.13 12.80 6.42
C SER A 62 8.13 13.79 7.57
N ALA A 63 9.31 14.30 7.91
CA ALA A 63 9.45 15.25 9.00
C ALA A 63 9.10 16.67 8.54
N PHE A 64 9.71 17.10 7.45
CA PHE A 64 9.46 18.43 6.90
C PHE A 64 8.11 18.49 6.21
N PRO A 65 7.58 19.71 6.03
CA PRO A 65 6.29 19.94 5.38
C PRO A 65 6.33 19.63 3.89
N VAL A 66 5.97 18.41 3.52
CA VAL A 66 5.96 18.00 2.12
C VAL A 66 4.59 18.20 1.49
N ASN A 67 3.54 17.92 2.25
CA ASN A 67 2.18 18.07 1.77
C ASN A 67 1.20 18.19 2.92
N GLY A 68 0.30 19.17 2.84
CA GLY A 68 -0.69 19.38 3.89
C GLY A 68 -2.09 18.97 3.47
N ALA A 69 -2.17 17.92 2.66
CA ALA A 69 -3.46 17.42 2.18
C ALA A 69 -3.51 15.90 2.23
N ASP A 70 -4.44 15.37 3.03
CA ASP A 70 -4.59 13.92 3.16
C ASP A 70 -5.98 13.57 3.69
N LEU A 71 -6.72 12.78 2.92
CA LEU A 71 -8.07 12.38 3.31
C LEU A 71 -8.05 11.00 3.95
N TYR A 72 -8.69 10.87 5.12
CA TYR A 72 -8.75 9.60 5.83
C TYR A 72 -9.95 9.56 6.77
N GLU A 73 -10.61 8.41 6.83
CA GLU A 73 -11.77 8.24 7.68
C GLU A 73 -11.73 6.89 8.40
N GLU A 74 -11.67 6.93 9.73
CA GLU A 74 -11.62 5.70 10.52
C GLU A 74 -12.99 5.40 11.13
N LEU A 75 -13.64 4.36 10.62
CA LEU A 75 -14.94 3.96 11.11
C LEU A 75 -14.94 2.51 11.58
N LYS A 76 -14.39 2.28 12.77
CA LYS A 76 -14.31 0.93 13.33
C LYS A 76 -15.66 0.52 13.91
N THR A 77 -16.38 1.48 14.48
CA THR A 77 -17.69 1.21 15.08
C THR A 77 -18.75 2.15 14.51
N SER A 78 -19.99 1.69 14.50
CA SER A 78 -21.10 2.49 13.98
C SER A 78 -21.74 3.31 15.10
N THR A 79 -22.24 2.62 16.11
CA THR A 79 -22.89 3.27 17.25
C THR A 79 -22.09 3.09 18.53
N ALA A 80 -21.40 4.15 18.95
CA ALA A 80 -20.60 4.10 20.17
C ALA A 80 -21.46 3.78 21.39
N ILE A 81 -22.23 4.76 21.84
CA ILE A 81 -23.10 4.57 22.99
C ILE A 81 -24.22 5.61 23.01
N LEU A 82 -25.32 5.27 23.67
CA LEU A 82 -26.46 6.17 23.77
C LEU A 82 -26.58 6.76 25.18
N SER A 83 -26.32 5.92 26.18
CA SER A 83 -26.40 6.36 27.57
C SER A 83 -25.33 5.67 28.41
N MET A 1 -1.72 4.51 7.08
CA MET A 1 -0.77 3.58 7.69
C MET A 1 -1.51 2.41 8.35
N GLY A 2 -0.76 1.39 8.74
CA GLY A 2 -1.35 0.23 9.37
C GLY A 2 -1.28 -1.01 8.50
N VAL A 3 -2.23 -1.93 8.70
CA VAL A 3 -2.27 -3.16 7.92
C VAL A 3 -3.39 -3.11 6.88
N LEU A 4 -3.09 -3.56 5.68
CA LEU A 4 -4.07 -3.57 4.59
C LEU A 4 -5.36 -4.27 5.03
N ARG A 5 -6.48 -3.57 4.88
CA ARG A 5 -7.77 -4.12 5.27
C ARG A 5 -8.78 -3.97 4.13
N VAL A 6 -9.92 -4.65 4.27
CA VAL A 6 -10.96 -4.60 3.24
C VAL A 6 -11.48 -3.17 3.05
N GLY A 7 -11.67 -2.78 1.80
CA GLY A 7 -12.15 -1.45 1.51
C GLY A 7 -11.03 -0.48 1.16
N LEU A 8 -9.79 -0.91 1.38
CA LEU A 8 -8.63 -0.08 1.10
C LEU A 8 -8.63 0.37 -0.36
N CYS A 9 -9.27 -0.42 -1.21
CA CYS A 9 -9.34 -0.09 -2.64
C CYS A 9 -10.49 -0.85 -3.31
N PRO A 10 -10.93 -0.35 -4.48
CA PRO A 10 -12.01 -0.96 -5.23
C PRO A 10 -11.62 -2.31 -5.84
N GLY A 11 -10.44 -2.36 -6.44
CA GLY A 11 -9.96 -3.59 -7.04
C GLY A 11 -9.76 -4.69 -6.03
N LEU A 12 -9.08 -4.37 -4.93
CA LEU A 12 -8.81 -5.34 -3.88
C LEU A 12 -10.10 -5.75 -3.18
N THR A 13 -10.28 -7.05 -2.97
CA THR A 13 -11.47 -7.57 -2.31
C THR A 13 -11.10 -8.24 -0.99
N GLU A 14 -12.12 -8.54 -0.19
CA GLU A 14 -11.91 -9.18 1.10
C GLU A 14 -11.21 -10.52 0.93
N GLU A 15 -11.44 -11.17 -0.21
CA GLU A 15 -10.83 -12.46 -0.49
C GLU A 15 -9.33 -12.31 -0.74
N MET A 16 -8.96 -11.24 -1.42
CA MET A 16 -7.55 -10.97 -1.73
C MET A 16 -6.74 -10.77 -0.45
N ILE A 17 -7.40 -10.23 0.57
CA ILE A 17 -6.74 -9.99 1.85
C ILE A 17 -6.24 -11.29 2.46
N GLN A 18 -7.04 -12.35 2.32
CA GLN A 18 -6.67 -13.65 2.86
C GLN A 18 -5.42 -14.20 2.19
N LEU A 19 -5.29 -13.95 0.89
CA LEU A 19 -4.15 -14.42 0.12
C LEU A 19 -2.86 -13.81 0.66
N LEU A 20 -2.93 -12.57 1.11
CA LEU A 20 -1.76 -11.88 1.66
C LEU A 20 -1.24 -12.60 2.90
N ARG A 21 -2.15 -13.01 3.77
CA ARG A 21 -1.79 -13.72 5.00
C ARG A 21 -1.30 -15.13 4.68
N SER A 22 -1.79 -15.70 3.59
CA SER A 22 -1.40 -17.04 3.18
C SER A 22 0.09 -17.11 2.87
N HIS A 23 0.64 -15.98 2.44
CA HIS A 23 2.06 -15.90 2.09
C HIS A 23 2.87 -15.32 3.26
N ARG A 24 2.24 -15.26 4.43
CA ARG A 24 2.90 -14.72 5.62
C ARG A 24 3.44 -13.32 5.35
N ILE A 25 2.81 -12.62 4.42
CA ILE A 25 3.23 -11.26 4.08
C ILE A 25 3.03 -10.32 5.25
N LYS A 26 3.88 -9.30 5.34
CA LYS A 26 3.79 -8.31 6.41
C LYS A 26 2.85 -7.18 6.04
N THR A 27 2.81 -6.14 6.87
CA THR A 27 1.96 -5.00 6.63
C THR A 27 2.45 -4.18 5.44
N VAL A 28 1.76 -3.08 5.16
CA VAL A 28 2.14 -2.20 4.05
C VAL A 28 3.63 -1.91 4.05
N VAL A 29 4.22 -1.93 5.25
CA VAL A 29 5.65 -1.67 5.39
C VAL A 29 6.48 -2.61 4.52
N ASP A 30 6.09 -3.89 4.53
CA ASP A 30 6.79 -4.90 3.74
C ASP A 30 6.50 -4.72 2.25
N LEU A 31 5.29 -4.28 1.93
CA LEU A 31 4.89 -4.07 0.55
C LEU A 31 5.88 -3.17 -0.18
N VAL A 32 6.42 -2.19 0.55
CA VAL A 32 7.39 -1.26 -0.03
C VAL A 32 8.56 -2.01 -0.67
N SER A 33 8.83 -3.21 -0.18
CA SER A 33 9.91 -4.03 -0.71
C SER A 33 9.38 -5.13 -1.62
N ALA A 34 8.13 -5.52 -1.39
CA ALA A 34 7.50 -6.56 -2.19
C ALA A 34 7.42 -6.15 -3.66
N ASP A 35 7.01 -7.09 -4.51
CA ASP A 35 6.89 -6.83 -5.94
C ASP A 35 5.46 -6.46 -6.30
N LEU A 36 4.96 -5.39 -5.71
CA LEU A 36 3.60 -4.92 -5.97
C LEU A 36 3.39 -4.67 -7.45
N GLU A 37 4.43 -4.18 -8.11
CA GLU A 37 4.36 -3.89 -9.55
C GLU A 37 4.05 -5.16 -10.34
N GLU A 38 4.73 -6.25 -9.98
CA GLU A 38 4.53 -7.52 -10.67
C GLU A 38 3.21 -8.17 -10.24
N VAL A 39 2.98 -8.22 -8.93
CA VAL A 39 1.75 -8.81 -8.40
C VAL A 39 0.52 -8.11 -8.96
N ALA A 40 0.58 -6.79 -9.05
CA ALA A 40 -0.52 -6.00 -9.57
C ALA A 40 -0.79 -6.33 -11.03
N GLN A 41 0.28 -6.59 -11.78
CA GLN A 41 0.14 -6.91 -13.19
C GLN A 41 -0.55 -8.26 -13.38
N LYS A 42 -0.06 -9.27 -12.68
CA LYS A 42 -0.64 -10.61 -12.77
C LYS A 42 -2.04 -10.64 -12.17
N CYS A 43 -2.21 -9.97 -11.04
CA CYS A 43 -3.50 -9.93 -10.36
C CYS A 43 -4.50 -9.09 -11.15
N GLY A 44 -3.97 -8.14 -11.92
CA GLY A 44 -4.83 -7.27 -12.72
C GLY A 44 -5.31 -6.06 -11.95
N LEU A 45 -4.55 -5.66 -10.94
CA LEU A 45 -4.92 -4.52 -10.12
C LEU A 45 -4.28 -3.23 -10.67
N SER A 46 -4.66 -2.11 -10.08
CA SER A 46 -4.14 -0.82 -10.52
C SER A 46 -3.08 -0.30 -9.55
N TYR A 47 -1.82 -0.35 -9.97
CA TYR A 47 -0.72 0.10 -9.14
C TYR A 47 -0.84 1.59 -8.83
N LYS A 48 -1.50 2.32 -9.71
CA LYS A 48 -1.69 3.76 -9.53
C LYS A 48 -2.40 4.05 -8.21
N ALA A 49 -3.34 3.19 -7.85
CA ALA A 49 -4.08 3.35 -6.60
C ALA A 49 -3.18 3.09 -5.40
N LEU A 50 -2.24 2.17 -5.55
CA LEU A 50 -1.32 1.82 -4.47
C LEU A 50 -0.29 2.93 -4.26
N VAL A 51 0.38 3.32 -5.34
CA VAL A 51 1.40 4.37 -5.27
C VAL A 51 0.80 5.67 -4.73
N ALA A 52 -0.43 5.95 -5.11
CA ALA A 52 -1.11 7.16 -4.67
C ALA A 52 -1.17 7.22 -3.15
N LEU A 53 -1.54 6.11 -2.53
CA LEU A 53 -1.65 6.03 -1.08
C LEU A 53 -0.26 6.08 -0.43
N ARG A 54 0.67 5.29 -0.96
CA ARG A 54 2.03 5.26 -0.43
C ARG A 54 2.66 6.64 -0.50
N ARG A 55 2.44 7.34 -1.60
CA ARG A 55 3.00 8.68 -1.79
C ARG A 55 2.46 9.64 -0.73
N VAL A 56 1.18 9.50 -0.39
CA VAL A 56 0.56 10.35 0.60
C VAL A 56 1.10 10.07 1.99
N LEU A 57 1.34 8.80 2.30
CA LEU A 57 1.86 8.40 3.59
C LEU A 57 3.27 8.95 3.80
N LEU A 58 4.12 8.79 2.80
CA LEU A 58 5.49 9.28 2.87
C LEU A 58 5.54 10.81 2.79
N ALA A 59 4.61 11.38 2.02
CA ALA A 59 4.54 12.82 1.85
C ALA A 59 4.38 13.52 3.20
N GLN A 60 3.45 13.02 4.00
CA GLN A 60 3.19 13.60 5.33
C GLN A 60 4.32 13.26 6.29
N PHE A 61 4.85 12.06 6.17
CA PHE A 61 5.94 11.61 7.03
C PHE A 61 7.20 12.44 6.81
N SER A 62 7.33 13.00 5.61
CA SER A 62 8.49 13.81 5.26
C SER A 62 8.20 15.29 5.48
N ALA A 63 7.09 15.76 4.91
CA ALA A 63 6.69 17.16 5.05
C ALA A 63 6.66 17.58 6.51
N PHE A 64 7.69 18.32 6.93
CA PHE A 64 7.78 18.77 8.31
C PHE A 64 7.89 17.60 9.28
N PRO A 65 8.37 17.88 10.49
CA PRO A 65 8.52 16.85 11.54
C PRO A 65 7.19 16.36 12.07
N VAL A 66 7.23 15.28 12.85
CA VAL A 66 6.01 14.71 13.42
C VAL A 66 6.28 14.16 14.82
N ASN A 67 5.65 14.76 15.82
CA ASN A 67 5.82 14.33 17.20
C ASN A 67 4.48 14.32 17.93
N GLY A 68 4.46 13.67 19.10
CA GLY A 68 3.24 13.59 19.88
C GLY A 68 2.90 12.18 20.29
N ALA A 69 3.15 11.23 19.40
CA ALA A 69 2.87 9.83 19.67
C ALA A 69 3.85 8.91 18.96
N ASP A 70 4.50 8.04 19.73
CA ASP A 70 5.47 7.11 19.16
C ASP A 70 5.71 5.92 20.11
N LEU A 71 5.32 4.74 19.67
CA LEU A 71 5.49 3.53 20.48
C LEU A 71 6.70 2.73 20.02
N TYR A 72 7.00 1.66 20.74
CA TYR A 72 8.14 0.80 20.39
C TYR A 72 7.92 -0.61 20.92
N GLU A 73 7.95 -1.59 20.00
CA GLU A 73 7.76 -2.99 20.37
C GLU A 73 8.34 -3.90 19.30
N GLU A 74 8.76 -5.09 19.72
CA GLU A 74 9.33 -6.07 18.80
C GLU A 74 8.90 -7.48 19.16
N LEU A 75 8.43 -8.23 18.17
CA LEU A 75 7.98 -9.59 18.39
C LEU A 75 9.07 -10.60 17.99
N LYS A 76 9.65 -11.26 18.98
CA LYS A 76 10.69 -12.24 18.73
C LYS A 76 10.11 -13.55 18.20
N THR A 77 9.09 -14.05 18.89
CA THR A 77 8.43 -15.29 18.47
C THR A 77 7.54 -15.07 17.26
N SER A 78 7.37 -16.12 16.46
CA SER A 78 6.54 -16.03 15.27
C SER A 78 6.23 -17.42 14.72
N THR A 79 4.98 -17.62 14.30
CA THR A 79 4.56 -18.91 13.76
C THR A 79 4.88 -19.01 12.27
N ALA A 80 5.71 -19.99 11.91
CA ALA A 80 6.09 -20.20 10.53
C ALA A 80 5.16 -21.19 9.84
N ILE A 81 5.21 -22.44 10.29
CA ILE A 81 4.37 -23.48 9.72
C ILE A 81 3.07 -23.65 10.51
N LEU A 82 1.95 -23.74 9.80
CA LEU A 82 0.65 -23.89 10.43
C LEU A 82 0.13 -25.31 10.28
N SER A 83 0.81 -26.26 10.91
CA SER A 83 0.42 -27.67 10.85
C SER A 83 0.07 -28.20 12.22
N MET A 1 -3.20 2.79 13.20
CA MET A 1 -2.26 1.69 13.08
C MET A 1 -2.05 1.30 11.63
N GLY A 2 -0.89 0.72 11.33
CA GLY A 2 -0.60 0.32 9.96
C GLY A 2 -0.82 -1.17 9.75
N VAL A 3 -1.92 -1.51 9.08
CA VAL A 3 -2.24 -2.91 8.80
C VAL A 3 -3.21 -3.03 7.63
N LEU A 4 -3.04 -4.08 6.83
CA LEU A 4 -3.91 -4.30 5.68
C LEU A 4 -5.24 -4.92 6.11
N ARG A 5 -6.30 -4.55 5.41
CA ARG A 5 -7.64 -5.07 5.72
C ARG A 5 -8.65 -4.59 4.69
N VAL A 6 -9.70 -5.39 4.49
CA VAL A 6 -10.75 -5.05 3.53
C VAL A 6 -11.50 -3.79 3.97
N GLY A 7 -11.75 -2.90 3.01
CA GLY A 7 -12.46 -1.67 3.32
C GLY A 7 -11.59 -0.45 3.15
N LEU A 8 -10.28 -0.66 3.02
CA LEU A 8 -9.33 0.44 2.87
C LEU A 8 -9.72 1.32 1.67
N CYS A 9 -10.10 0.68 0.57
CA CYS A 9 -10.49 1.40 -0.63
C CYS A 9 -11.38 0.53 -1.52
N PRO A 10 -12.13 1.18 -2.42
CA PRO A 10 -13.04 0.50 -3.35
C PRO A 10 -12.30 -0.31 -4.39
N GLY A 11 -12.72 -1.57 -4.57
CA GLY A 11 -12.07 -2.42 -5.56
C GLY A 11 -11.38 -3.61 -4.92
N LEU A 12 -10.77 -3.39 -3.76
CA LEU A 12 -10.06 -4.45 -3.05
C LEU A 12 -11.04 -5.35 -2.30
N THR A 13 -10.82 -6.66 -2.40
CA THR A 13 -11.70 -7.62 -1.73
C THR A 13 -10.92 -8.40 -0.68
N GLU A 14 -11.65 -8.96 0.29
CA GLU A 14 -11.04 -9.75 1.35
C GLU A 14 -10.26 -10.93 0.78
N GLU A 15 -10.71 -11.42 -0.39
CA GLU A 15 -10.06 -12.54 -1.03
C GLU A 15 -8.60 -12.24 -1.34
N MET A 16 -8.33 -11.03 -1.81
CA MET A 16 -6.98 -10.60 -2.14
C MET A 16 -6.13 -10.47 -0.88
N ILE A 17 -6.75 -9.99 0.20
CA ILE A 17 -6.05 -9.81 1.46
C ILE A 17 -5.75 -11.16 2.12
N GLN A 18 -6.67 -12.09 1.97
CA GLN A 18 -6.51 -13.43 2.55
C GLN A 18 -5.24 -14.09 2.04
N LEU A 19 -4.96 -13.91 0.76
CA LEU A 19 -3.76 -14.49 0.14
C LEU A 19 -2.50 -13.96 0.81
N LEU A 20 -2.55 -12.71 1.25
CA LEU A 20 -1.41 -12.08 1.91
C LEU A 20 -1.07 -12.81 3.21
N ARG A 21 -2.10 -13.27 3.92
CA ARG A 21 -1.91 -13.98 5.17
C ARG A 21 -1.29 -15.36 4.93
N SER A 22 -1.55 -15.92 3.76
CA SER A 22 -1.03 -17.23 3.40
C SER A 22 0.49 -17.19 3.26
N HIS A 23 0.99 -16.10 2.69
CA HIS A 23 2.42 -15.93 2.49
C HIS A 23 3.07 -15.26 3.71
N ARG A 24 2.30 -15.12 4.77
CA ARG A 24 2.79 -14.50 6.00
C ARG A 24 3.34 -13.11 5.71
N ILE A 25 2.68 -12.38 4.83
CA ILE A 25 3.10 -11.03 4.47
C ILE A 25 2.97 -10.08 5.65
N LYS A 26 3.85 -9.09 5.70
CA LYS A 26 3.83 -8.11 6.78
C LYS A 26 2.89 -6.95 6.45
N THR A 27 2.92 -5.91 7.27
CA THR A 27 2.07 -4.74 7.07
C THR A 27 2.53 -3.93 5.86
N VAL A 28 1.85 -2.82 5.61
CA VAL A 28 2.20 -1.95 4.49
C VAL A 28 3.70 -1.69 4.44
N VAL A 29 4.35 -1.71 5.60
CA VAL A 29 5.78 -1.48 5.68
C VAL A 29 6.54 -2.45 4.78
N ASP A 30 6.13 -3.71 4.80
CA ASP A 30 6.78 -4.74 3.98
C ASP A 30 6.44 -4.55 2.50
N LEU A 31 5.22 -4.08 2.25
CA LEU A 31 4.77 -3.86 0.87
C LEU A 31 5.74 -2.98 0.10
N VAL A 32 6.34 -2.02 0.80
CA VAL A 32 7.30 -1.11 0.20
C VAL A 32 8.42 -1.88 -0.49
N SER A 33 8.67 -3.09 -0.02
CA SER A 33 9.73 -3.92 -0.59
C SER A 33 9.14 -5.01 -1.48
N ALA A 34 7.89 -5.38 -1.20
CA ALA A 34 7.21 -6.41 -1.98
C ALA A 34 7.15 -6.04 -3.45
N ASP A 35 6.55 -6.90 -4.25
CA ASP A 35 6.43 -6.66 -5.68
C ASP A 35 5.00 -6.30 -6.07
N LEU A 36 4.52 -5.18 -5.54
CA LEU A 36 3.17 -4.72 -5.81
C LEU A 36 2.93 -4.57 -7.30
N GLU A 37 3.95 -4.10 -8.01
CA GLU A 37 3.87 -3.91 -9.46
C GLU A 37 3.52 -5.22 -10.15
N GLU A 38 4.13 -6.32 -9.71
CA GLU A 38 3.89 -7.63 -10.29
C GLU A 38 2.54 -8.17 -9.84
N VAL A 39 2.28 -8.11 -8.53
CA VAL A 39 1.03 -8.61 -7.98
C VAL A 39 -0.16 -7.90 -8.62
N ALA A 40 -0.04 -6.59 -8.82
CA ALA A 40 -1.11 -5.81 -9.43
C ALA A 40 -1.36 -6.24 -10.86
N GLN A 41 -0.29 -6.60 -11.57
CA GLN A 41 -0.40 -7.04 -12.95
C GLN A 41 -1.18 -8.35 -13.06
N LYS A 42 -0.78 -9.32 -12.26
CA LYS A 42 -1.44 -10.63 -12.25
C LYS A 42 -2.85 -10.53 -11.68
N CYS A 43 -2.97 -9.76 -10.60
CA CYS A 43 -4.27 -9.59 -9.94
C CYS A 43 -5.21 -8.77 -10.82
N GLY A 44 -4.64 -7.93 -11.68
CA GLY A 44 -5.45 -7.11 -12.56
C GLY A 44 -5.87 -5.80 -11.91
N LEU A 45 -5.06 -5.33 -10.97
CA LEU A 45 -5.36 -4.08 -10.27
C LEU A 45 -4.57 -2.92 -10.86
N SER A 46 -4.87 -1.71 -10.40
CA SER A 46 -4.20 -0.51 -10.88
C SER A 46 -3.03 -0.14 -9.97
N TYR A 47 -1.82 -0.38 -10.45
CA TYR A 47 -0.61 -0.07 -9.67
C TYR A 47 -0.52 1.43 -9.39
N LYS A 48 -0.95 2.23 -10.35
CA LYS A 48 -0.91 3.68 -10.22
C LYS A 48 -1.68 4.13 -8.97
N ALA A 49 -2.79 3.44 -8.69
CA ALA A 49 -3.61 3.77 -7.52
C ALA A 49 -2.86 3.48 -6.23
N LEU A 50 -2.13 2.37 -6.20
CA LEU A 50 -1.37 1.97 -5.03
C LEU A 50 -0.16 2.87 -4.83
N VAL A 51 0.47 3.26 -5.94
CA VAL A 51 1.64 4.13 -5.89
C VAL A 51 1.29 5.50 -5.31
N ALA A 52 0.15 6.03 -5.74
CA ALA A 52 -0.30 7.33 -5.25
C ALA A 52 -0.47 7.33 -3.73
N LEU A 53 -1.12 6.28 -3.22
CA LEU A 53 -1.34 6.15 -1.79
C LEU A 53 -0.03 6.14 -1.02
N ARG A 54 0.98 5.49 -1.60
CA ARG A 54 2.30 5.41 -0.97
C ARG A 54 2.88 6.79 -0.75
N ARG A 55 2.83 7.63 -1.79
CA ARG A 55 3.36 8.98 -1.71
C ARG A 55 2.69 9.76 -0.58
N VAL A 56 1.38 9.56 -0.42
CA VAL A 56 0.62 10.24 0.61
C VAL A 56 1.02 9.74 2.00
N LEU A 57 1.25 8.44 2.12
CA LEU A 57 1.64 7.85 3.40
C LEU A 57 3.00 8.37 3.84
N LEU A 58 3.96 8.37 2.93
CA LEU A 58 5.30 8.86 3.23
C LEU A 58 5.33 10.37 3.39
N ALA A 59 4.48 11.04 2.62
CA ALA A 59 4.39 12.50 2.67
C ALA A 59 3.99 12.97 4.06
N GLN A 60 2.92 12.38 4.60
CA GLN A 60 2.42 12.75 5.91
C GLN A 60 3.35 12.22 7.01
N PHE A 61 3.94 11.06 6.76
CA PHE A 61 4.85 10.45 7.72
C PHE A 61 6.04 11.36 8.01
N SER A 62 6.47 12.11 6.99
CA SER A 62 7.60 13.03 7.14
C SER A 62 7.11 14.42 7.51
N ALA A 63 7.34 14.80 8.77
CA ALA A 63 6.93 16.11 9.26
C ALA A 63 7.58 17.22 8.45
N PHE A 64 7.33 18.46 8.84
CA PHE A 64 7.88 19.62 8.15
C PHE A 64 9.40 19.49 7.99
N PRO A 65 9.97 20.24 7.05
CA PRO A 65 11.40 20.22 6.78
C PRO A 65 12.22 20.86 7.91
N VAL A 66 12.90 20.01 8.68
CA VAL A 66 13.71 20.49 9.80
C VAL A 66 15.17 20.11 9.61
N ASN A 67 16.06 21.04 9.90
CA ASN A 67 17.51 20.80 9.77
C ASN A 67 17.87 20.52 8.31
N GLY A 68 17.63 21.50 7.45
CA GLY A 68 17.95 21.35 6.04
C GLY A 68 16.95 22.06 5.14
N ALA A 69 17.44 22.60 4.03
CA ALA A 69 16.59 23.31 3.08
C ALA A 69 16.28 22.45 1.86
N ASP A 70 15.21 22.78 1.16
CA ASP A 70 14.81 22.04 -0.04
C ASP A 70 15.05 22.86 -1.30
N LEU A 71 16.20 22.63 -1.93
CA LEU A 71 16.56 23.34 -3.14
C LEU A 71 15.56 23.06 -4.26
N TYR A 72 15.37 24.02 -5.14
CA TYR A 72 14.45 23.87 -6.25
C TYR A 72 15.02 24.49 -7.53
N GLU A 73 14.66 23.91 -8.67
CA GLU A 73 15.14 24.40 -9.96
C GLU A 73 14.31 23.83 -11.10
N GLU A 74 14.47 24.40 -12.30
CA GLU A 74 13.73 23.94 -13.47
C GLU A 74 14.69 23.53 -14.58
N LEU A 75 14.13 23.05 -15.69
CA LEU A 75 14.94 22.63 -16.83
C LEU A 75 14.88 23.65 -17.95
N LYS A 76 15.68 24.71 -17.82
CA LYS A 76 15.72 25.76 -18.83
C LYS A 76 16.53 25.32 -20.04
N THR A 77 17.60 24.58 -19.79
CA THR A 77 18.46 24.09 -20.87
C THR A 77 18.86 25.22 -21.81
N SER A 78 19.16 26.38 -21.24
CA SER A 78 19.55 27.54 -22.04
C SER A 78 21.04 27.49 -22.39
N THR A 79 21.50 28.50 -23.11
CA THR A 79 22.89 28.57 -23.52
C THR A 79 23.62 29.71 -22.79
N ALA A 80 24.94 29.64 -22.77
CA ALA A 80 25.75 30.66 -22.11
C ALA A 80 26.93 31.08 -22.99
N ILE A 81 27.70 32.06 -22.51
CA ILE A 81 28.85 32.54 -23.26
C ILE A 81 30.09 31.69 -22.98
N LEU A 82 30.62 31.79 -21.77
CA LEU A 82 31.79 31.02 -21.38
C LEU A 82 31.41 29.61 -20.96
N SER A 83 31.03 28.79 -21.93
CA SER A 83 30.63 27.41 -21.67
C SER A 83 31.86 26.53 -21.39
N MET A 1 1.71 2.76 9.28
CA MET A 1 0.50 2.57 10.06
C MET A 1 -0.70 2.27 9.16
N GLY A 2 -1.11 1.01 9.15
CA GLY A 2 -2.25 0.62 8.33
C GLY A 2 -2.24 -0.87 8.02
N VAL A 3 -2.88 -1.66 8.87
CA VAL A 3 -2.95 -3.10 8.68
C VAL A 3 -3.72 -3.46 7.41
N LEU A 4 -3.23 -4.46 6.68
CA LEU A 4 -3.88 -4.89 5.44
C LEU A 4 -5.27 -5.45 5.72
N ARG A 5 -6.29 -4.78 5.21
CA ARG A 5 -7.67 -5.21 5.40
C ARG A 5 -8.58 -4.67 4.31
N VAL A 6 -9.73 -5.30 4.13
CA VAL A 6 -10.68 -4.87 3.12
C VAL A 6 -11.38 -3.58 3.52
N GLY A 7 -11.29 -2.56 2.66
CA GLY A 7 -11.92 -1.28 2.96
C GLY A 7 -10.96 -0.12 2.78
N LEU A 8 -9.67 -0.43 2.72
CA LEU A 8 -8.65 0.61 2.55
C LEU A 8 -8.92 1.46 1.32
N CYS A 9 -9.62 0.88 0.35
CA CYS A 9 -9.95 1.58 -0.87
C CYS A 9 -10.94 0.77 -1.72
N PRO A 10 -11.73 1.48 -2.55
CA PRO A 10 -12.73 0.85 -3.42
C PRO A 10 -12.08 0.05 -4.55
N GLY A 11 -11.72 -1.20 -4.26
CA GLY A 11 -11.10 -2.03 -5.26
C GLY A 11 -10.54 -3.32 -4.69
N LEU A 12 -9.85 -3.20 -3.56
CA LEU A 12 -9.25 -4.35 -2.89
C LEU A 12 -10.32 -5.31 -2.39
N THR A 13 -10.10 -6.60 -2.57
CA THR A 13 -11.05 -7.61 -2.12
C THR A 13 -10.53 -8.36 -0.91
N GLU A 14 -11.44 -8.73 -0.01
CA GLU A 14 -11.07 -9.46 1.20
C GLU A 14 -10.36 -10.76 0.86
N GLU A 15 -10.81 -11.41 -0.21
CA GLU A 15 -10.21 -12.67 -0.64
C GLU A 15 -8.72 -12.50 -0.90
N MET A 16 -8.35 -11.35 -1.46
CA MET A 16 -6.94 -11.07 -1.77
C MET A 16 -6.14 -10.87 -0.49
N ILE A 17 -6.71 -10.12 0.45
CA ILE A 17 -6.05 -9.86 1.71
C ILE A 17 -5.83 -11.14 2.51
N GLN A 18 -6.84 -12.00 2.52
CA GLN A 18 -6.75 -13.26 3.24
C GLN A 18 -5.59 -14.10 2.74
N LEU A 19 -5.36 -14.07 1.42
CA LEU A 19 -4.27 -14.83 0.82
C LEU A 19 -2.92 -14.23 1.20
N LEU A 20 -2.86 -12.91 1.30
CA LEU A 20 -1.63 -12.22 1.67
C LEU A 20 -1.17 -12.64 3.05
N ARG A 21 -2.10 -12.71 3.99
CA ARG A 21 -1.78 -13.11 5.36
C ARG A 21 -1.19 -14.51 5.40
N SER A 22 -1.58 -15.34 4.43
CA SER A 22 -1.09 -16.71 4.36
C SER A 22 0.44 -16.74 4.23
N HIS A 23 0.99 -15.71 3.61
CA HIS A 23 2.43 -15.62 3.42
C HIS A 23 3.08 -14.82 4.55
N ARG A 24 2.34 -14.65 5.64
CA ARG A 24 2.84 -13.91 6.79
C ARG A 24 3.30 -12.51 6.38
N ILE A 25 2.73 -11.99 5.30
CA ILE A 25 3.08 -10.67 4.80
C ILE A 25 2.78 -9.59 5.84
N LYS A 26 3.57 -8.53 5.83
CA LYS A 26 3.39 -7.43 6.76
C LYS A 26 2.38 -6.41 6.23
N THR A 27 2.24 -5.29 6.92
CA THR A 27 1.32 -4.25 6.52
C THR A 27 1.81 -3.53 5.26
N VAL A 28 1.07 -2.51 4.84
CA VAL A 28 1.43 -1.74 3.66
C VAL A 28 2.90 -1.36 3.68
N VAL A 29 3.45 -1.22 4.87
CA VAL A 29 4.86 -0.85 5.03
C VAL A 29 5.76 -1.83 4.30
N ASP A 30 5.46 -3.12 4.42
CA ASP A 30 6.24 -4.16 3.76
C ASP A 30 5.98 -4.17 2.26
N LEU A 31 4.76 -3.83 1.87
CA LEU A 31 4.37 -3.81 0.47
C LEU A 31 5.35 -2.98 -0.35
N VAL A 32 5.86 -1.91 0.27
CA VAL A 32 6.81 -1.03 -0.40
C VAL A 32 8.01 -1.81 -0.95
N SER A 33 8.30 -2.94 -0.31
CA SER A 33 9.41 -3.78 -0.73
C SER A 33 8.91 -5.00 -1.50
N ALA A 34 7.67 -5.40 -1.24
CA ALA A 34 7.08 -6.54 -1.91
C ALA A 34 7.07 -6.35 -3.42
N ASP A 35 6.52 -7.33 -4.13
CA ASP A 35 6.46 -7.27 -5.59
C ASP A 35 5.10 -6.76 -6.06
N LEU A 36 4.73 -5.58 -5.60
CA LEU A 36 3.45 -4.98 -5.97
C LEU A 36 3.32 -4.88 -7.48
N GLU A 37 4.42 -4.57 -8.15
CA GLU A 37 4.42 -4.44 -9.60
C GLU A 37 4.09 -5.77 -10.27
N GLU A 38 4.63 -6.85 -9.71
CA GLU A 38 4.39 -8.19 -10.25
C GLU A 38 2.98 -8.67 -9.90
N VAL A 39 2.61 -8.53 -8.64
CA VAL A 39 1.30 -8.96 -8.17
C VAL A 39 0.19 -8.18 -8.88
N ALA A 40 0.35 -6.87 -8.94
CA ALA A 40 -0.63 -6.01 -9.59
C ALA A 40 -0.71 -6.29 -11.08
N GLN A 41 0.43 -6.61 -11.68
CA GLN A 41 0.49 -6.92 -13.11
C GLN A 41 -0.22 -8.23 -13.42
N LYS A 42 0.10 -9.26 -12.65
CA LYS A 42 -0.52 -10.57 -12.85
C LYS A 42 -2.00 -10.54 -12.46
N CYS A 43 -2.29 -9.95 -11.30
CA CYS A 43 -3.65 -9.86 -10.81
C CYS A 43 -4.48 -8.93 -11.69
N GLY A 44 -3.81 -7.95 -12.29
CA GLY A 44 -4.50 -7.00 -13.14
C GLY A 44 -5.07 -5.82 -12.37
N LEU A 45 -4.35 -5.39 -11.34
CA LEU A 45 -4.79 -4.27 -10.52
C LEU A 45 -4.25 -2.95 -11.05
N SER A 46 -4.70 -1.85 -10.46
CA SER A 46 -4.26 -0.53 -10.88
C SER A 46 -3.10 -0.04 -10.02
N TYR A 47 -1.90 -0.03 -10.59
CA TYR A 47 -0.71 0.42 -9.87
C TYR A 47 -0.87 1.86 -9.39
N LYS A 48 -1.70 2.63 -10.10
CA LYS A 48 -1.94 4.02 -9.75
C LYS A 48 -2.45 4.13 -8.31
N ALA A 49 -3.29 3.18 -7.91
CA ALA A 49 -3.84 3.18 -6.56
C ALA A 49 -2.74 3.11 -5.52
N LEU A 50 -1.64 2.45 -5.86
CA LEU A 50 -0.51 2.31 -4.95
C LEU A 50 0.26 3.62 -4.83
N VAL A 51 0.37 4.34 -5.94
CA VAL A 51 1.07 5.61 -5.97
C VAL A 51 0.43 6.62 -5.02
N ALA A 52 -0.90 6.63 -4.98
CA ALA A 52 -1.64 7.54 -4.12
C ALA A 52 -1.38 7.23 -2.64
N LEU A 53 -1.44 5.94 -2.30
CA LEU A 53 -1.21 5.51 -0.93
C LEU A 53 0.25 5.74 -0.52
N ARG A 54 1.17 5.32 -1.39
CA ARG A 54 2.60 5.48 -1.11
C ARG A 54 2.96 6.96 -0.97
N ARG A 55 2.41 7.78 -1.86
CA ARG A 55 2.68 9.21 -1.83
C ARG A 55 2.24 9.83 -0.51
N VAL A 56 1.04 9.48 -0.07
CA VAL A 56 0.50 10.00 1.17
C VAL A 56 1.23 9.41 2.37
N LEU A 57 1.56 8.12 2.29
CA LEU A 57 2.27 7.44 3.36
C LEU A 57 3.66 8.01 3.55
N LEU A 58 4.39 8.17 2.44
CA LEU A 58 5.73 8.71 2.49
C LEU A 58 5.72 10.21 2.79
N ALA A 59 4.69 10.88 2.32
CA ALA A 59 4.55 12.32 2.54
C ALA A 59 4.56 12.65 4.03
N GLN A 60 3.79 11.88 4.80
CA GLN A 60 3.71 12.10 6.24
C GLN A 60 5.02 11.71 6.92
N PHE A 61 5.58 10.58 6.50
CA PHE A 61 6.84 10.09 7.07
C PHE A 61 7.98 11.07 6.79
N SER A 62 7.85 11.81 5.70
CA SER A 62 8.87 12.78 5.30
C SER A 62 9.19 13.73 6.46
N ALA A 63 10.41 13.61 6.98
CA ALA A 63 10.84 14.45 8.09
C ALA A 63 12.36 14.40 8.26
N PHE A 64 13.00 15.56 8.21
CA PHE A 64 14.45 15.64 8.36
C PHE A 64 15.15 14.68 7.39
N PRO A 65 15.11 15.01 6.09
CA PRO A 65 15.73 14.21 5.04
C PRO A 65 17.26 14.24 5.11
N VAL A 66 17.87 13.08 5.28
CA VAL A 66 19.32 12.98 5.36
C VAL A 66 19.88 12.20 4.17
N ASN A 67 19.25 11.07 3.85
CA ASN A 67 19.69 10.24 2.75
C ASN A 67 18.49 9.75 1.93
N GLY A 68 18.61 9.83 0.61
CA GLY A 68 17.53 9.39 -0.26
C GLY A 68 17.59 7.91 -0.55
N ALA A 69 16.68 7.45 -1.40
CA ALA A 69 16.63 6.04 -1.76
C ALA A 69 16.68 5.85 -3.27
N ASP A 70 16.94 4.62 -3.71
CA ASP A 70 17.03 4.32 -5.13
C ASP A 70 16.07 3.19 -5.51
N LEU A 71 14.88 3.56 -5.98
CA LEU A 71 13.87 2.57 -6.36
C LEU A 71 14.27 1.86 -7.65
N TYR A 72 13.62 0.74 -7.92
CA TYR A 72 13.91 -0.04 -9.12
C TYR A 72 12.62 -0.37 -9.87
N GLU A 73 12.76 -1.11 -10.97
CA GLU A 73 11.61 -1.49 -11.79
C GLU A 73 11.90 -2.78 -12.56
N GLU A 74 10.83 -3.43 -13.03
CA GLU A 74 10.98 -4.67 -13.77
C GLU A 74 10.09 -4.66 -15.02
N LEU A 75 10.06 -5.78 -15.73
CA LEU A 75 9.24 -5.88 -16.94
C LEU A 75 7.76 -5.72 -16.62
N LYS A 76 7.10 -4.83 -17.35
CA LYS A 76 5.68 -4.58 -17.14
C LYS A 76 4.84 -5.67 -17.81
N THR A 77 5.18 -5.98 -19.06
CA THR A 77 4.45 -7.00 -19.81
C THR A 77 5.25 -8.30 -19.88
N SER A 78 5.11 -9.13 -18.85
CA SER A 78 5.82 -10.40 -18.80
C SER A 78 4.89 -11.57 -19.11
N THR A 79 3.64 -11.44 -18.67
CA THR A 79 2.65 -12.48 -18.90
C THR A 79 2.06 -12.39 -20.31
N ALA A 80 1.65 -13.52 -20.85
CA ALA A 80 1.08 -13.57 -22.18
C ALA A 80 -0.43 -13.30 -22.15
N ILE A 81 -1.03 -13.16 -23.33
CA ILE A 81 -2.46 -12.90 -23.43
C ILE A 81 -3.26 -14.18 -23.21
N LEU A 82 -4.00 -14.23 -22.11
CA LEU A 82 -4.83 -15.40 -21.79
C LEU A 82 -6.08 -15.42 -22.65
N SER A 83 -6.95 -14.44 -22.47
CA SER A 83 -8.19 -14.36 -23.23
C SER A 83 -8.00 -13.49 -24.47
N MET A 1 -5.50 0.65 8.74
CA MET A 1 -4.34 1.32 8.18
C MET A 1 -3.06 0.79 8.81
N GLY A 2 -2.04 0.59 7.98
CA GLY A 2 -0.78 0.07 8.47
C GLY A 2 -0.51 -1.35 8.04
N VAL A 3 -1.53 -2.19 8.12
CA VAL A 3 -1.42 -3.59 7.74
C VAL A 3 -2.17 -3.87 6.45
N LEU A 4 -1.62 -4.76 5.63
CA LEU A 4 -2.23 -5.12 4.35
C LEU A 4 -3.63 -5.70 4.58
N ARG A 5 -4.65 -4.95 4.16
CA ARG A 5 -6.03 -5.39 4.32
C ARG A 5 -6.98 -4.43 3.62
N VAL A 6 -8.25 -4.83 3.53
CA VAL A 6 -9.27 -4.01 2.89
C VAL A 6 -9.42 -2.67 3.60
N GLY A 7 -9.24 -1.59 2.86
CA GLY A 7 -9.36 -0.26 3.44
C GLY A 7 -8.43 0.75 2.78
N LEU A 8 -7.29 0.27 2.29
CA LEU A 8 -6.31 1.14 1.64
C LEU A 8 -6.84 1.63 0.29
N CYS A 9 -7.49 0.74 -0.44
CA CYS A 9 -8.04 1.08 -1.75
C CYS A 9 -9.20 0.16 -2.11
N PRO A 10 -10.05 0.61 -3.05
CA PRO A 10 -11.21 -0.17 -3.50
C PRO A 10 -10.80 -1.39 -4.32
N GLY A 11 -9.73 -1.26 -5.08
CA GLY A 11 -9.26 -2.37 -5.90
C GLY A 11 -9.10 -3.65 -5.09
N LEU A 12 -8.38 -3.56 -3.98
CA LEU A 12 -8.16 -4.72 -3.12
C LEU A 12 -9.47 -5.20 -2.50
N THR A 13 -9.67 -6.52 -2.49
CA THR A 13 -10.87 -7.11 -1.92
C THR A 13 -10.54 -7.98 -0.71
N GLU A 14 -11.53 -8.17 0.15
CA GLU A 14 -11.33 -9.00 1.35
C GLU A 14 -10.90 -10.41 0.97
N GLU A 15 -11.30 -10.85 -0.22
CA GLU A 15 -10.95 -12.18 -0.68
C GLU A 15 -9.46 -12.28 -1.00
N MET A 16 -8.91 -11.20 -1.55
CA MET A 16 -7.49 -11.16 -1.89
C MET A 16 -6.63 -11.20 -0.64
N ILE A 17 -7.13 -10.60 0.44
CA ILE A 17 -6.39 -10.57 1.69
C ILE A 17 -6.14 -11.99 2.22
N GLN A 18 -7.13 -12.87 2.04
CA GLN A 18 -7.00 -14.24 2.50
C GLN A 18 -5.80 -14.92 1.86
N LEU A 19 -5.54 -14.60 0.60
CA LEU A 19 -4.42 -15.19 -0.11
C LEU A 19 -3.09 -14.68 0.44
N LEU A 20 -3.07 -13.41 0.83
CA LEU A 20 -1.87 -12.79 1.39
C LEU A 20 -1.41 -13.53 2.63
N ARG A 21 -2.36 -13.87 3.50
CA ARG A 21 -2.04 -14.58 4.74
C ARG A 21 -1.42 -15.94 4.43
N SER A 22 -1.77 -16.51 3.29
CA SER A 22 -1.24 -17.80 2.89
C SER A 22 0.28 -17.77 2.77
N HIS A 23 0.82 -16.58 2.55
CA HIS A 23 2.26 -16.41 2.42
C HIS A 23 2.84 -15.71 3.66
N ARG A 24 2.01 -15.57 4.69
CA ARG A 24 2.43 -14.92 5.93
C ARG A 24 2.97 -13.52 5.64
N ILE A 25 2.40 -12.86 4.64
CA ILE A 25 2.83 -11.52 4.27
C ILE A 25 2.84 -10.59 5.48
N LYS A 26 3.77 -9.64 5.48
CA LYS A 26 3.89 -8.69 6.58
C LYS A 26 3.00 -7.47 6.34
N THR A 27 3.14 -6.47 7.21
CA THR A 27 2.34 -5.25 7.10
C THR A 27 2.78 -4.41 5.90
N VAL A 28 2.17 -3.24 5.75
CA VAL A 28 2.49 -2.35 4.64
C VAL A 28 4.00 -2.19 4.49
N VAL A 29 4.71 -2.32 5.62
CA VAL A 29 6.17 -2.18 5.61
C VAL A 29 6.80 -3.15 4.61
N ASP A 30 6.32 -4.38 4.60
CA ASP A 30 6.83 -5.40 3.69
C ASP A 30 6.40 -5.11 2.26
N LEU A 31 5.17 -4.65 2.09
CA LEU A 31 4.63 -4.34 0.77
C LEU A 31 5.56 -3.40 0.02
N VAL A 32 6.03 -2.37 0.72
CA VAL A 32 6.94 -1.38 0.11
C VAL A 32 8.15 -2.06 -0.51
N SER A 33 8.68 -3.06 0.19
CA SER A 33 9.86 -3.79 -0.29
C SER A 33 9.43 -4.97 -1.15
N ALA A 34 8.13 -5.20 -1.26
CA ALA A 34 7.60 -6.30 -2.05
C ALA A 34 7.49 -5.91 -3.52
N ASP A 35 7.05 -6.85 -4.34
CA ASP A 35 6.90 -6.60 -5.78
C ASP A 35 5.44 -6.32 -6.12
N LEU A 36 4.90 -5.25 -5.56
CA LEU A 36 3.52 -4.87 -5.82
C LEU A 36 3.29 -4.61 -7.31
N GLU A 37 4.29 -4.06 -7.96
CA GLU A 37 4.20 -3.76 -9.39
C GLU A 37 3.88 -5.02 -10.19
N GLU A 38 4.58 -6.10 -9.86
CA GLU A 38 4.37 -7.38 -10.55
C GLU A 38 3.07 -8.03 -10.09
N VAL A 39 2.87 -8.08 -8.78
CA VAL A 39 1.67 -8.69 -8.21
C VAL A 39 0.41 -8.03 -8.77
N ALA A 40 0.45 -6.71 -8.92
CA ALA A 40 -0.68 -5.96 -9.45
C ALA A 40 -0.98 -6.35 -10.89
N GLN A 41 0.08 -6.63 -11.65
CA GLN A 41 -0.07 -7.01 -13.05
C GLN A 41 -0.79 -8.35 -13.18
N LYS A 42 -0.31 -9.35 -12.45
CA LYS A 42 -0.90 -10.68 -12.48
C LYS A 42 -2.28 -10.66 -11.83
N CYS A 43 -2.40 -9.97 -10.70
CA CYS A 43 -3.66 -9.87 -9.98
C CYS A 43 -4.68 -9.07 -10.78
N GLY A 44 -4.19 -8.18 -11.63
CA GLY A 44 -5.07 -7.36 -12.45
C GLY A 44 -5.50 -6.09 -11.73
N LEU A 45 -4.72 -5.69 -10.73
CA LEU A 45 -5.03 -4.49 -9.97
C LEU A 45 -4.35 -3.27 -10.57
N SER A 46 -4.67 -2.09 -10.04
CA SER A 46 -4.09 -0.85 -10.53
C SER A 46 -3.03 -0.31 -9.55
N TYR A 47 -1.76 -0.43 -9.95
CA TYR A 47 -0.66 0.03 -9.11
C TYR A 47 -0.75 1.55 -8.89
N LYS A 48 -1.37 2.24 -9.83
CA LYS A 48 -1.52 3.69 -9.75
C LYS A 48 -2.23 4.08 -8.46
N ALA A 49 -3.20 3.27 -8.05
CA ALA A 49 -3.95 3.54 -6.83
C ALA A 49 -3.10 3.27 -5.59
N LEU A 50 -2.18 2.32 -5.70
CA LEU A 50 -1.30 1.96 -4.60
C LEU A 50 -0.24 3.03 -4.38
N VAL A 51 0.43 3.41 -5.47
CA VAL A 51 1.48 4.43 -5.39
C VAL A 51 0.94 5.73 -4.82
N ALA A 52 -0.30 6.06 -5.17
CA ALA A 52 -0.93 7.28 -4.70
C ALA A 52 -0.95 7.32 -3.17
N LEU A 53 -1.35 6.22 -2.56
CA LEU A 53 -1.42 6.13 -1.10
C LEU A 53 -0.03 6.31 -0.49
N ARG A 54 0.97 5.67 -1.08
CA ARG A 54 2.34 5.75 -0.59
C ARG A 54 2.84 7.19 -0.65
N ARG A 55 2.59 7.86 -1.78
CA ARG A 55 3.03 9.24 -1.96
C ARG A 55 2.44 10.14 -0.89
N VAL A 56 1.19 9.89 -0.52
CA VAL A 56 0.51 10.68 0.50
C VAL A 56 1.11 10.42 1.88
N LEU A 57 1.46 9.17 2.15
CA LEU A 57 2.04 8.79 3.43
C LEU A 57 3.41 9.46 3.62
N LEU A 58 4.24 9.38 2.59
CA LEU A 58 5.58 9.96 2.64
C LEU A 58 5.50 11.49 2.57
N ALA A 59 4.52 11.99 1.84
CA ALA A 59 4.33 13.44 1.69
C ALA A 59 4.14 14.10 3.05
N GLN A 60 3.33 13.47 3.90
CA GLN A 60 3.07 14.00 5.23
C GLN A 60 4.36 14.09 6.05
N PHE A 61 5.22 13.09 5.90
CA PHE A 61 6.48 13.05 6.63
C PHE A 61 7.46 14.08 6.06
N SER A 62 7.34 14.36 4.77
CA SER A 62 8.22 15.32 4.11
C SER A 62 9.67 14.88 4.20
N ALA A 63 9.93 13.61 3.89
CA ALA A 63 11.27 13.06 3.93
C ALA A 63 11.84 12.89 2.53
N PHE A 64 11.08 12.22 1.67
CA PHE A 64 11.50 11.98 0.29
C PHE A 64 10.81 12.94 -0.66
N PRO A 65 11.39 13.10 -1.87
CA PRO A 65 10.84 13.99 -2.90
C PRO A 65 9.54 13.45 -3.48
N VAL A 66 8.96 14.21 -4.41
CA VAL A 66 7.71 13.82 -5.05
C VAL A 66 7.98 13.03 -6.32
N ASN A 67 7.13 12.05 -6.60
CA ASN A 67 7.27 11.22 -7.79
C ASN A 67 5.95 11.10 -8.54
N GLY A 68 6.00 11.29 -9.85
CA GLY A 68 4.80 11.20 -10.66
C GLY A 68 4.92 10.17 -11.76
N ALA A 69 3.86 10.03 -12.56
CA ALA A 69 3.85 9.07 -13.65
C ALA A 69 2.65 9.28 -14.56
N ASP A 70 2.71 8.73 -15.76
CA ASP A 70 1.63 8.86 -16.72
C ASP A 70 1.93 8.08 -18.01
N LEU A 71 1.14 7.05 -18.27
CA LEU A 71 1.34 6.23 -19.46
C LEU A 71 0.29 6.55 -20.52
N TYR A 72 0.67 6.42 -21.78
CA TYR A 72 -0.23 6.70 -22.89
C TYR A 72 -0.68 5.41 -23.56
N GLU A 73 -1.50 5.54 -24.60
CA GLU A 73 -2.00 4.38 -25.33
C GLU A 73 -2.35 4.76 -26.77
N GLU A 74 -2.30 3.76 -27.67
CA GLU A 74 -2.60 3.99 -29.07
C GLU A 74 -3.76 3.11 -29.53
N LEU A 75 -4.92 3.73 -29.74
CA LEU A 75 -6.10 3.00 -30.17
C LEU A 75 -6.24 3.02 -31.69
N LYS A 76 -5.31 2.35 -32.37
CA LYS A 76 -5.31 2.29 -33.83
C LYS A 76 -6.58 1.60 -34.33
N THR A 77 -6.94 0.49 -33.70
CA THR A 77 -8.12 -0.27 -34.08
C THR A 77 -9.38 0.59 -33.97
N SER A 78 -10.40 0.21 -34.73
CA SER A 78 -11.66 0.96 -34.72
C SER A 78 -12.72 0.23 -35.55
N THR A 79 -13.98 0.35 -35.13
CA THR A 79 -15.08 -0.29 -35.81
C THR A 79 -14.75 -1.75 -36.14
N ALA A 80 -14.03 -2.40 -35.25
CA ALA A 80 -13.65 -3.79 -35.44
C ALA A 80 -14.40 -4.70 -34.47
N ILE A 81 -14.49 -4.28 -33.22
CA ILE A 81 -15.19 -5.06 -32.20
C ILE A 81 -16.58 -4.50 -31.94
N LEU A 82 -17.58 -5.38 -31.97
CA LEU A 82 -18.96 -4.98 -31.74
C LEU A 82 -19.35 -3.80 -32.63
N SER A 83 -18.98 -3.89 -33.91
CA SER A 83 -19.29 -2.84 -34.86
C SER A 83 -19.97 -3.40 -36.11
N MET A 1 -1.43 1.21 7.65
CA MET A 1 -0.76 1.74 8.83
C MET A 1 -0.99 0.82 10.03
N GLY A 2 -0.45 -0.39 9.96
CA GLY A 2 -0.60 -1.33 11.06
C GLY A 2 -0.66 -2.76 10.58
N VAL A 3 -1.80 -3.16 10.05
CA VAL A 3 -1.99 -4.53 9.56
C VAL A 3 -2.88 -4.54 8.32
N LEU A 4 -2.42 -5.20 7.27
CA LEU A 4 -3.18 -5.30 6.03
C LEU A 4 -4.59 -5.80 6.28
N ARG A 5 -5.58 -4.98 5.93
CA ARG A 5 -6.98 -5.34 6.14
C ARG A 5 -7.88 -4.60 5.15
N VAL A 6 -9.11 -5.08 5.00
CA VAL A 6 -10.06 -4.46 4.09
C VAL A 6 -10.67 -3.21 4.71
N GLY A 7 -10.54 -2.08 3.99
CA GLY A 7 -11.08 -0.83 4.48
C GLY A 7 -10.16 0.34 4.20
N LEU A 8 -8.94 0.04 3.78
CA LEU A 8 -7.97 1.08 3.46
C LEU A 8 -8.50 2.05 2.41
N CYS A 9 -9.17 1.49 1.40
CA CYS A 9 -9.74 2.30 0.32
C CYS A 9 -10.79 1.51 -0.45
N PRO A 10 -11.65 2.24 -1.16
CA PRO A 10 -12.73 1.63 -1.96
C PRO A 10 -12.20 0.87 -3.17
N GLY A 11 -12.06 -0.45 -3.02
CA GLY A 11 -11.57 -1.27 -4.11
C GLY A 11 -11.02 -2.60 -3.64
N LEU A 12 -10.15 -2.55 -2.63
CA LEU A 12 -9.55 -3.77 -2.09
C LEU A 12 -10.57 -4.56 -1.27
N THR A 13 -10.64 -5.85 -1.51
CA THR A 13 -11.57 -6.73 -0.80
C THR A 13 -10.83 -7.65 0.16
N GLU A 14 -11.59 -8.31 1.04
CA GLU A 14 -11.00 -9.22 2.01
C GLU A 14 -10.22 -10.33 1.31
N GLU A 15 -10.65 -10.66 0.10
CA GLU A 15 -9.99 -11.72 -0.68
C GLU A 15 -8.51 -11.42 -0.86
N MET A 16 -8.19 -10.14 -1.08
CA MET A 16 -6.81 -9.73 -1.27
C MET A 16 -5.98 -9.97 -0.01
N ILE A 17 -6.51 -9.53 1.13
CA ILE A 17 -5.81 -9.71 2.40
C ILE A 17 -5.64 -11.19 2.73
N GLN A 18 -6.64 -11.98 2.40
CA GLN A 18 -6.59 -13.42 2.66
C GLN A 18 -5.44 -14.07 1.89
N LEU A 19 -5.27 -13.64 0.64
CA LEU A 19 -4.21 -14.19 -0.21
C LEU A 19 -2.84 -13.75 0.29
N LEU A 20 -2.76 -12.52 0.80
CA LEU A 20 -1.51 -11.98 1.31
C LEU A 20 -0.97 -12.83 2.46
N ARG A 21 -1.87 -13.22 3.36
CA ARG A 21 -1.50 -14.05 4.50
C ARG A 21 -1.01 -15.42 4.05
N SER A 22 -1.53 -15.88 2.92
CA SER A 22 -1.15 -17.19 2.38
C SER A 22 0.36 -17.31 2.25
N HIS A 23 1.00 -16.23 1.81
CA HIS A 23 2.45 -16.22 1.64
C HIS A 23 3.13 -15.64 2.88
N ARG A 24 2.43 -15.65 4.01
CA ARG A 24 2.96 -15.11 5.25
C ARG A 24 3.42 -13.66 5.07
N ILE A 25 2.81 -12.97 4.11
CA ILE A 25 3.16 -11.58 3.84
C ILE A 25 2.85 -10.70 5.04
N LYS A 26 3.62 -9.63 5.20
CA LYS A 26 3.43 -8.70 6.31
C LYS A 26 2.42 -7.62 5.93
N THR A 27 2.28 -6.62 6.80
CA THR A 27 1.35 -5.52 6.56
C THR A 27 1.84 -4.62 5.44
N VAL A 28 1.09 -3.55 5.17
CA VAL A 28 1.45 -2.60 4.12
C VAL A 28 2.92 -2.22 4.21
N VAL A 29 3.47 -2.28 5.42
CA VAL A 29 4.88 -1.93 5.64
C VAL A 29 5.78 -2.77 4.74
N ASP A 30 5.55 -4.08 4.72
CA ASP A 30 6.35 -4.99 3.91
C ASP A 30 6.07 -4.78 2.42
N LEU A 31 4.84 -4.38 2.11
CA LEU A 31 4.45 -4.14 0.73
C LEU A 31 5.41 -3.17 0.04
N VAL A 32 5.89 -2.20 0.80
CA VAL A 32 6.84 -1.21 0.27
C VAL A 32 8.03 -1.89 -0.38
N SER A 33 8.35 -3.09 0.07
CA SER A 33 9.48 -3.84 -0.47
C SER A 33 9.00 -4.94 -1.41
N ALA A 34 7.77 -5.39 -1.20
CA ALA A 34 7.18 -6.44 -2.03
C ALA A 34 7.18 -6.04 -3.51
N ASP A 35 6.67 -6.92 -4.36
CA ASP A 35 6.61 -6.66 -5.79
C ASP A 35 5.17 -6.36 -6.22
N LEU A 36 4.60 -5.28 -5.69
CA LEU A 36 3.25 -4.90 -6.03
C LEU A 36 3.09 -4.69 -7.53
N GLU A 37 4.15 -4.21 -8.18
CA GLU A 37 4.13 -3.98 -9.61
C GLU A 37 3.83 -5.27 -10.37
N GLU A 38 4.49 -6.36 -9.96
CA GLU A 38 4.29 -7.65 -10.60
C GLU A 38 2.96 -8.27 -10.19
N VAL A 39 2.69 -8.28 -8.89
CA VAL A 39 1.44 -8.82 -8.37
C VAL A 39 0.24 -8.15 -9.00
N ALA A 40 0.28 -6.83 -9.10
CA ALA A 40 -0.81 -6.07 -9.69
C ALA A 40 -1.02 -6.45 -11.15
N GLN A 41 0.08 -6.73 -11.85
CA GLN A 41 0.01 -7.11 -13.26
C GLN A 41 -0.65 -8.46 -13.43
N LYS A 42 -0.24 -9.43 -12.62
CA LYS A 42 -0.80 -10.77 -12.68
C LYS A 42 -2.24 -10.78 -12.19
N CYS A 43 -2.48 -10.11 -11.07
CA CYS A 43 -3.83 -10.05 -10.50
C CYS A 43 -4.76 -9.22 -11.38
N GLY A 44 -4.17 -8.28 -12.13
CA GLY A 44 -4.96 -7.44 -13.00
C GLY A 44 -5.50 -6.20 -12.29
N LEU A 45 -4.77 -5.75 -11.27
CA LEU A 45 -5.18 -4.59 -10.51
C LEU A 45 -4.47 -3.33 -11.01
N SER A 46 -4.87 -2.18 -10.47
CA SER A 46 -4.27 -0.91 -10.87
C SER A 46 -3.10 -0.55 -9.95
N TYR A 47 -1.89 -0.66 -10.48
CA TYR A 47 -0.69 -0.35 -9.70
C TYR A 47 -0.68 1.12 -9.31
N LYS A 48 -1.35 1.95 -10.09
CA LYS A 48 -1.42 3.38 -9.81
C LYS A 48 -1.99 3.64 -8.42
N ALA A 49 -2.96 2.84 -8.02
CA ALA A 49 -3.59 2.98 -6.71
C ALA A 49 -2.55 2.89 -5.59
N LEU A 50 -1.46 2.19 -5.86
CA LEU A 50 -0.39 2.02 -4.89
C LEU A 50 0.41 3.31 -4.74
N VAL A 51 0.75 3.93 -5.88
CA VAL A 51 1.51 5.17 -5.87
C VAL A 51 0.79 6.26 -5.08
N ALA A 52 -0.53 6.29 -5.21
CA ALA A 52 -1.34 7.29 -4.51
C ALA A 52 -1.23 7.11 -3.00
N LEU A 53 -1.35 5.87 -2.55
CA LEU A 53 -1.26 5.56 -1.12
C LEU A 53 0.15 5.81 -0.60
N ARG A 54 1.14 5.30 -1.32
CA ARG A 54 2.53 5.46 -0.93
C ARG A 54 2.90 6.94 -0.83
N ARG A 55 2.50 7.72 -1.82
CA ARG A 55 2.79 9.15 -1.85
C ARG A 55 2.23 9.83 -0.61
N VAL A 56 1.03 9.41 -0.18
CA VAL A 56 0.39 9.98 0.98
C VAL A 56 1.13 9.61 2.27
N LEU A 57 1.61 8.37 2.32
CA LEU A 57 2.34 7.89 3.49
C LEU A 57 3.65 8.64 3.66
N LEU A 58 4.39 8.79 2.57
CA LEU A 58 5.67 9.50 2.60
C LEU A 58 5.45 11.00 2.76
N ALA A 59 4.36 11.50 2.19
CA ALA A 59 4.04 12.92 2.27
C ALA A 59 3.84 13.35 3.71
N GLN A 60 3.01 12.60 4.44
CA GLN A 60 2.74 12.92 5.83
C GLN A 60 3.92 12.57 6.72
N PHE A 61 4.61 11.49 6.38
CA PHE A 61 5.78 11.05 7.14
C PHE A 61 6.91 12.07 7.06
N SER A 62 6.92 12.84 5.98
CA SER A 62 7.95 13.86 5.78
C SER A 62 9.34 13.26 5.92
N ALA A 63 9.51 12.04 5.40
CA ALA A 63 10.80 11.36 5.47
C ALA A 63 10.83 10.17 4.53
N PHE A 64 12.02 9.62 4.32
CA PHE A 64 12.19 8.47 3.44
C PHE A 64 11.36 7.28 3.93
N PRO A 65 11.10 6.33 3.03
CA PRO A 65 10.32 5.12 3.35
C PRO A 65 11.07 4.18 4.28
N VAL A 66 10.60 4.08 5.52
CA VAL A 66 11.22 3.21 6.51
C VAL A 66 11.23 1.76 6.04
N ASN A 67 12.15 0.97 6.57
CA ASN A 67 12.26 -0.43 6.21
C ASN A 67 12.42 -1.31 7.44
N GLY A 68 12.09 -2.60 7.31
CA GLY A 68 12.20 -3.51 8.42
C GLY A 68 12.91 -4.80 8.05
N ALA A 69 12.26 -5.93 8.30
CA ALA A 69 12.84 -7.23 7.98
C ALA A 69 12.14 -7.87 6.79
N ASP A 70 12.90 -8.60 5.98
CA ASP A 70 12.35 -9.25 4.81
C ASP A 70 12.14 -10.75 5.07
N LEU A 71 11.93 -11.09 6.33
CA LEU A 71 11.71 -12.48 6.72
C LEU A 71 10.25 -12.73 7.05
N TYR A 72 9.90 -14.00 7.23
CA TYR A 72 8.53 -14.38 7.54
C TYR A 72 8.42 -14.89 8.98
N GLU A 73 7.78 -14.10 9.83
CA GLU A 73 7.60 -14.48 11.23
C GLU A 73 6.17 -14.24 11.68
N GLU A 74 5.22 -14.61 10.84
CA GLU A 74 3.80 -14.43 11.16
C GLU A 74 3.17 -15.75 11.59
N LEU A 75 2.91 -15.87 12.89
CA LEU A 75 2.31 -17.09 13.44
C LEU A 75 0.86 -17.22 12.99
N LYS A 76 0.40 -18.46 12.82
CA LYS A 76 -0.97 -18.72 12.42
C LYS A 76 -1.96 -18.23 13.45
N THR A 77 -1.61 -18.39 14.73
CA THR A 77 -2.47 -17.97 15.82
C THR A 77 -1.91 -16.73 16.50
N SER A 78 -2.62 -15.62 16.38
CA SER A 78 -2.21 -14.35 16.98
C SER A 78 -3.35 -13.72 17.77
N THR A 79 -3.03 -12.65 18.50
CA THR A 79 -4.02 -11.96 19.30
C THR A 79 -3.73 -10.46 19.35
N ALA A 80 -4.76 -9.65 19.15
CA ALA A 80 -4.63 -8.20 19.18
C ALA A 80 -5.05 -7.63 20.53
N ILE A 81 -4.79 -6.35 20.73
CA ILE A 81 -5.15 -5.68 21.98
C ILE A 81 -6.60 -5.20 21.95
N LEU A 82 -7.46 -5.90 22.68
CA LEU A 82 -8.87 -5.56 22.73
C LEU A 82 -9.06 -4.13 23.24
N SER A 83 -8.40 -3.80 24.35
CA SER A 83 -8.50 -2.48 24.93
C SER A 83 -7.26 -2.16 25.78
N MET A 1 5.45 0.19 11.95
CA MET A 1 4.88 1.43 11.45
C MET A 1 4.21 1.23 10.10
N GLY A 2 2.95 0.82 10.13
CA GLY A 2 2.21 0.59 8.90
C GLY A 2 1.35 -0.66 8.96
N VAL A 3 0.25 -0.65 8.23
CA VAL A 3 -0.66 -1.79 8.20
C VAL A 3 -1.70 -1.64 7.09
N LEU A 4 -1.83 -2.69 6.27
CA LEU A 4 -2.80 -2.67 5.18
C LEU A 4 -3.84 -3.77 5.35
N ARG A 5 -5.06 -3.50 4.89
CA ARG A 5 -6.14 -4.48 4.99
C ARG A 5 -7.41 -3.95 4.31
N VAL A 6 -8.48 -4.71 4.43
CA VAL A 6 -9.76 -4.33 3.84
C VAL A 6 -10.54 -3.40 4.76
N GLY A 7 -11.07 -2.32 4.20
CA GLY A 7 -11.83 -1.37 4.99
C GLY A 7 -11.13 -0.04 5.13
N LEU A 8 -9.83 -0.03 4.89
CA LEU A 8 -9.04 1.20 4.99
C LEU A 8 -9.33 2.13 3.82
N CYS A 9 -9.45 1.55 2.63
CA CYS A 9 -9.74 2.35 1.43
C CYS A 9 -10.55 1.54 0.43
N PRO A 10 -11.20 2.24 -0.51
CA PRO A 10 -12.03 1.60 -1.54
C PRO A 10 -11.19 0.83 -2.57
N GLY A 11 -11.82 -0.14 -3.21
CA GLY A 11 -11.12 -0.94 -4.20
C GLY A 11 -10.65 -2.27 -3.65
N LEU A 12 -10.09 -2.24 -2.45
CA LEU A 12 -9.59 -3.46 -1.81
C LEU A 12 -10.74 -4.25 -1.16
N THR A 13 -10.77 -5.55 -1.42
CA THR A 13 -11.80 -6.41 -0.87
C THR A 13 -11.23 -7.38 0.16
N GLU A 14 -12.08 -7.88 1.04
CA GLU A 14 -11.65 -8.82 2.07
C GLU A 14 -11.04 -10.07 1.44
N GLU A 15 -11.47 -10.39 0.23
CA GLU A 15 -10.96 -11.57 -0.48
C GLU A 15 -9.48 -11.41 -0.78
N MET A 16 -9.09 -10.22 -1.24
CA MET A 16 -7.69 -9.95 -1.57
C MET A 16 -6.82 -10.04 -0.32
N ILE A 17 -7.39 -9.70 0.83
CA ILE A 17 -6.66 -9.74 2.09
C ILE A 17 -6.19 -11.15 2.41
N GLN A 18 -7.05 -12.14 2.12
CA GLN A 18 -6.72 -13.53 2.38
C GLN A 18 -5.47 -13.95 1.61
N LEU A 19 -5.33 -13.45 0.39
CA LEU A 19 -4.18 -13.77 -0.45
C LEU A 19 -2.88 -13.32 0.23
N LEU A 20 -2.92 -12.15 0.84
CA LEU A 20 -1.74 -11.62 1.52
C LEU A 20 -1.30 -12.54 2.66
N ARG A 21 -2.27 -13.04 3.42
CA ARG A 21 -1.97 -13.93 4.53
C ARG A 21 -1.44 -15.26 4.03
N SER A 22 -1.84 -15.65 2.82
CA SER A 22 -1.40 -16.90 2.23
C SER A 22 0.12 -17.02 2.26
N HIS A 23 0.80 -15.97 1.81
CA HIS A 23 2.25 -15.95 1.79
C HIS A 23 2.81 -15.34 3.07
N ARG A 24 1.95 -15.19 4.08
CA ARG A 24 2.35 -14.62 5.35
C ARG A 24 2.97 -13.25 5.16
N ILE A 25 2.49 -12.52 4.17
CA ILE A 25 3.00 -11.19 3.88
C ILE A 25 2.90 -10.28 5.09
N LYS A 26 3.83 -9.34 5.21
CA LYS A 26 3.84 -8.41 6.33
C LYS A 26 2.98 -7.18 6.02
N THR A 27 3.05 -6.18 6.90
CA THR A 27 2.28 -4.96 6.73
C THR A 27 2.82 -4.13 5.57
N VAL A 28 2.21 -2.96 5.36
CA VAL A 28 2.64 -2.07 4.28
C VAL A 28 4.15 -1.91 4.27
N VAL A 29 4.76 -2.01 5.45
CA VAL A 29 6.21 -1.88 5.58
C VAL A 29 6.94 -2.84 4.65
N ASP A 30 6.45 -4.08 4.60
CA ASP A 30 7.06 -5.10 3.75
C ASP A 30 6.77 -4.84 2.28
N LEU A 31 5.59 -4.29 2.01
CA LEU A 31 5.18 -3.99 0.65
C LEU A 31 6.23 -3.14 -0.06
N VAL A 32 6.85 -2.24 0.70
CA VAL A 32 7.89 -1.36 0.14
C VAL A 32 8.97 -2.16 -0.55
N SER A 33 9.15 -3.41 -0.12
CA SER A 33 10.17 -4.28 -0.70
C SER A 33 9.53 -5.32 -1.62
N ALA A 34 8.26 -5.61 -1.37
CA ALA A 34 7.54 -6.58 -2.19
C ALA A 34 7.46 -6.14 -3.64
N ASP A 35 6.94 -7.02 -4.50
CA ASP A 35 6.83 -6.72 -5.92
C ASP A 35 5.37 -6.43 -6.29
N LEU A 36 4.82 -5.37 -5.71
CA LEU A 36 3.44 -4.98 -5.97
C LEU A 36 3.22 -4.76 -7.46
N GLU A 37 4.21 -4.20 -8.13
CA GLU A 37 4.13 -3.93 -9.56
C GLU A 37 3.86 -5.22 -10.34
N GLU A 38 4.56 -6.28 -9.95
CA GLU A 38 4.40 -7.58 -10.62
C GLU A 38 3.10 -8.24 -10.20
N VAL A 39 2.85 -8.28 -8.89
CA VAL A 39 1.63 -8.89 -8.36
C VAL A 39 0.39 -8.25 -8.96
N ALA A 40 0.41 -6.92 -9.08
CA ALA A 40 -0.71 -6.18 -9.65
C ALA A 40 -0.94 -6.56 -11.11
N GLN A 41 0.14 -6.82 -11.83
CA GLN A 41 0.06 -7.19 -13.24
C GLN A 41 -0.62 -8.55 -13.40
N LYS A 42 -0.15 -9.53 -12.65
CA LYS A 42 -0.70 -10.88 -12.71
C LYS A 42 -2.11 -10.91 -12.12
N CYS A 43 -2.30 -10.23 -11.00
CA CYS A 43 -3.60 -10.18 -10.35
C CYS A 43 -4.60 -9.38 -11.18
N GLY A 44 -4.09 -8.47 -11.99
CA GLY A 44 -4.94 -7.65 -12.83
C GLY A 44 -5.47 -6.43 -12.09
N LEU A 45 -4.71 -5.95 -11.12
CA LEU A 45 -5.11 -4.78 -10.34
C LEU A 45 -4.45 -3.52 -10.89
N SER A 46 -4.85 -2.37 -10.35
CA SER A 46 -4.30 -1.09 -10.77
C SER A 46 -3.13 -0.68 -9.89
N TYR A 47 -1.93 -0.77 -10.44
CA TYR A 47 -0.71 -0.40 -9.71
C TYR A 47 -0.73 1.07 -9.33
N LYS A 48 -1.44 1.87 -10.12
CA LYS A 48 -1.55 3.31 -9.86
C LYS A 48 -2.09 3.57 -8.46
N ALA A 49 -3.05 2.75 -8.04
CA ALA A 49 -3.65 2.90 -6.72
C ALA A 49 -2.60 2.82 -5.62
N LEU A 50 -1.60 1.97 -5.84
CA LEU A 50 -0.53 1.79 -4.86
C LEU A 50 0.30 3.07 -4.73
N VAL A 51 0.64 3.66 -5.86
CA VAL A 51 1.44 4.89 -5.87
C VAL A 51 0.73 6.00 -5.08
N ALA A 52 -0.59 6.05 -5.20
CA ALA A 52 -1.37 7.06 -4.49
C ALA A 52 -1.28 6.88 -2.98
N LEU A 53 -1.41 5.63 -2.54
CA LEU A 53 -1.34 5.32 -1.11
C LEU A 53 0.04 5.64 -0.55
N ARG A 54 1.09 5.20 -1.25
CA ARG A 54 2.46 5.44 -0.83
C ARG A 54 2.73 6.93 -0.71
N ARG A 55 2.29 7.69 -1.70
CA ARG A 55 2.49 9.13 -1.71
C ARG A 55 1.88 9.78 -0.48
N VAL A 56 0.75 9.24 -0.04
CA VAL A 56 0.06 9.76 1.13
C VAL A 56 0.85 9.47 2.41
N LEU A 57 1.45 8.30 2.47
CA LEU A 57 2.24 7.89 3.63
C LEU A 57 3.44 8.82 3.82
N LEU A 58 4.17 9.06 2.73
CA LEU A 58 5.34 9.93 2.78
C LEU A 58 4.92 11.40 2.92
N ALA A 59 3.78 11.74 2.33
CA ALA A 59 3.27 13.10 2.40
C ALA A 59 3.05 13.54 3.84
N GLN A 60 2.57 12.61 4.67
CA GLN A 60 2.32 12.91 6.08
C GLN A 60 3.61 13.24 6.81
N PHE A 61 4.69 12.55 6.45
CA PHE A 61 5.98 12.77 7.08
C PHE A 61 6.65 14.03 6.50
N SER A 62 6.52 14.21 5.20
CA SER A 62 7.10 15.37 4.52
C SER A 62 6.34 16.64 4.86
N ALA A 63 7.02 17.78 4.73
CA ALA A 63 6.40 19.07 5.02
C ALA A 63 6.57 20.03 3.84
N PHE A 64 5.84 21.13 3.88
CA PHE A 64 5.90 22.14 2.82
C PHE A 64 5.54 21.53 1.48
N PRO A 65 4.25 21.20 1.31
CA PRO A 65 3.74 20.60 0.06
C PRO A 65 3.75 21.59 -1.10
N VAL A 66 3.18 21.17 -2.22
CA VAL A 66 3.13 22.01 -3.42
C VAL A 66 2.13 23.16 -3.22
N ASN A 67 1.99 23.98 -4.26
CA ASN A 67 1.07 25.11 -4.21
C ASN A 67 -0.07 24.93 -5.20
N GLY A 68 -1.11 24.20 -4.76
CA GLY A 68 -2.25 23.97 -5.62
C GLY A 68 -3.56 24.29 -4.94
N ALA A 69 -4.28 23.25 -4.50
CA ALA A 69 -5.56 23.44 -3.82
C ALA A 69 -5.40 23.32 -2.32
N ASP A 70 -5.70 24.41 -1.61
CA ASP A 70 -5.60 24.43 -0.16
C ASP A 70 -6.92 24.04 0.50
N LEU A 71 -7.99 24.06 -0.29
CA LEU A 71 -9.31 23.70 0.20
C LEU A 71 -9.51 22.18 0.17
N TYR A 72 -10.25 21.67 1.15
CA TYR A 72 -10.53 20.25 1.22
C TYR A 72 -12.03 19.97 1.19
N GLU A 73 -12.40 18.81 0.66
CA GLU A 73 -13.80 18.43 0.57
C GLU A 73 -13.97 16.92 0.71
N GLU A 74 -14.67 16.50 1.76
CA GLU A 74 -14.90 15.08 2.00
C GLU A 74 -16.35 14.81 2.37
N LEU A 75 -16.86 13.66 1.96
CA LEU A 75 -18.24 13.29 2.24
C LEU A 75 -18.38 12.76 3.66
N LYS A 76 -18.14 13.63 4.64
CA LYS A 76 -18.24 13.24 6.05
C LYS A 76 -19.71 13.14 6.48
N THR A 77 -20.55 13.95 5.86
CA THR A 77 -21.98 13.95 6.18
C THR A 77 -22.22 14.40 7.62
N SER A 78 -21.51 15.44 8.04
CA SER A 78 -21.64 15.96 9.39
C SER A 78 -22.50 17.23 9.40
N THR A 79 -22.36 18.04 8.36
CA THR A 79 -23.11 19.28 8.25
C THR A 79 -24.59 19.00 7.99
N ALA A 80 -25.45 19.62 8.79
CA ALA A 80 -26.90 19.44 8.65
C ALA A 80 -27.66 20.55 9.35
N ILE A 81 -28.98 20.57 9.19
CA ILE A 81 -29.82 21.58 9.81
C ILE A 81 -29.73 21.49 11.33
N LEU A 82 -29.54 22.64 11.98
CA LEU A 82 -29.44 22.69 13.42
C LEU A 82 -30.63 23.43 14.02
N SER A 83 -30.84 24.67 13.58
CA SER A 83 -31.94 25.49 14.07
C SER A 83 -33.18 25.29 13.21
N MET A 1 -5.12 2.00 7.88
CA MET A 1 -4.29 2.92 8.64
C MET A 1 -3.22 2.17 9.44
N GLY A 2 -2.60 1.18 8.80
CA GLY A 2 -1.58 0.40 9.47
C GLY A 2 -1.54 -1.03 8.98
N VAL A 3 -2.69 -1.70 8.97
CA VAL A 3 -2.78 -3.08 8.52
C VAL A 3 -3.58 -3.18 7.23
N LEU A 4 -3.17 -4.12 6.37
CA LEU A 4 -3.85 -4.32 5.09
C LEU A 4 -5.20 -5.00 5.29
N ARG A 5 -6.25 -4.38 4.76
CA ARG A 5 -7.59 -4.93 4.88
C ARG A 5 -8.46 -4.48 3.71
N VAL A 6 -9.34 -5.38 3.26
CA VAL A 6 -10.23 -5.09 2.15
C VAL A 6 -11.16 -3.92 2.47
N GLY A 7 -11.12 -2.88 1.64
CA GLY A 7 -11.96 -1.71 1.86
C GLY A 7 -11.34 -0.45 1.29
N LEU A 8 -10.01 -0.40 1.24
CA LEU A 8 -9.31 0.76 0.72
C LEU A 8 -9.77 1.09 -0.70
N CYS A 9 -10.19 0.06 -1.43
CA CYS A 9 -10.65 0.24 -2.80
C CYS A 9 -11.57 -0.91 -3.21
N PRO A 10 -12.43 -0.65 -4.21
CA PRO A 10 -13.37 -1.65 -4.72
C PRO A 10 -12.67 -2.77 -5.49
N GLY A 11 -11.43 -2.51 -5.89
CA GLY A 11 -10.68 -3.51 -6.62
C GLY A 11 -10.28 -4.69 -5.77
N LEU A 12 -9.59 -4.42 -4.67
CA LEU A 12 -9.15 -5.47 -3.76
C LEU A 12 -10.33 -6.07 -3.00
N THR A 13 -10.29 -7.38 -2.79
CA THR A 13 -11.36 -8.08 -2.08
C THR A 13 -10.83 -8.78 -0.84
N GLU A 14 -11.72 -9.15 0.06
CA GLU A 14 -11.35 -9.84 1.29
C GLU A 14 -10.62 -11.14 0.97
N GLU A 15 -10.93 -11.73 -0.18
CA GLU A 15 -10.31 -12.97 -0.59
C GLU A 15 -8.80 -12.83 -0.70
N MET A 16 -8.36 -11.74 -1.35
CA MET A 16 -6.94 -11.48 -1.52
C MET A 16 -6.26 -11.25 -0.18
N ILE A 17 -7.00 -10.69 0.76
CA ILE A 17 -6.47 -10.42 2.09
C ILE A 17 -6.04 -11.70 2.79
N GLN A 18 -6.82 -12.77 2.59
CA GLN A 18 -6.50 -14.06 3.20
C GLN A 18 -5.18 -14.61 2.67
N LEU A 19 -4.93 -14.39 1.39
CA LEU A 19 -3.70 -14.86 0.76
C LEU A 19 -2.47 -14.24 1.43
N LEU A 20 -2.61 -12.98 1.84
CA LEU A 20 -1.51 -12.27 2.50
C LEU A 20 -1.13 -12.95 3.80
N ARG A 21 -2.13 -13.34 4.58
CA ARG A 21 -1.90 -14.01 5.86
C ARG A 21 -1.34 -15.42 5.64
N SER A 22 -1.67 -16.01 4.51
CA SER A 22 -1.21 -17.36 4.19
C SER A 22 0.32 -17.40 4.14
N HIS A 23 0.91 -16.38 3.54
CA HIS A 23 2.37 -16.29 3.41
C HIS A 23 2.96 -15.48 4.56
N ARG A 24 2.19 -15.31 5.63
CA ARG A 24 2.64 -14.55 6.78
C ARG A 24 3.07 -13.15 6.38
N ILE A 25 2.49 -12.65 5.28
CA ILE A 25 2.82 -11.32 4.79
C ILE A 25 2.69 -10.28 5.89
N LYS A 26 3.54 -9.27 5.84
CA LYS A 26 3.53 -8.19 6.83
C LYS A 26 2.58 -7.07 6.40
N THR A 27 2.62 -5.96 7.13
CA THR A 27 1.77 -4.82 6.83
C THR A 27 2.20 -4.13 5.53
N VAL A 28 1.50 -3.07 5.18
CA VAL A 28 1.80 -2.32 3.96
C VAL A 28 3.30 -2.04 3.86
N VAL A 29 3.97 -1.95 5.00
CA VAL A 29 5.39 -1.69 5.03
C VAL A 29 6.17 -2.68 4.18
N ASP A 30 5.81 -3.96 4.30
CA ASP A 30 6.46 -5.01 3.53
C ASP A 30 6.05 -4.95 2.06
N LEU A 31 4.81 -4.55 1.82
CA LEU A 31 4.29 -4.45 0.46
C LEU A 31 5.21 -3.58 -0.41
N VAL A 32 5.79 -2.56 0.20
CA VAL A 32 6.69 -1.66 -0.52
C VAL A 32 7.81 -2.44 -1.20
N SER A 33 8.14 -3.61 -0.65
CA SER A 33 9.19 -4.44 -1.20
C SER A 33 8.60 -5.65 -1.94
N ALA A 34 7.39 -6.02 -1.57
CA ALA A 34 6.70 -7.15 -2.20
C ALA A 34 6.64 -6.97 -3.70
N ASP A 35 6.13 -7.99 -4.40
CA ASP A 35 6.00 -7.94 -5.85
C ASP A 35 4.66 -7.34 -6.26
N LEU A 36 4.36 -6.17 -5.70
CA LEU A 36 3.11 -5.49 -6.00
C LEU A 36 3.02 -5.16 -7.49
N GLU A 37 4.15 -4.78 -8.07
CA GLU A 37 4.21 -4.44 -9.49
C GLU A 37 3.77 -5.62 -10.35
N GLU A 38 4.27 -6.81 -10.02
CA GLU A 38 3.93 -8.01 -10.76
C GLU A 38 2.52 -8.48 -10.44
N VAL A 39 2.22 -8.56 -9.14
CA VAL A 39 0.90 -8.99 -8.69
C VAL A 39 -0.19 -8.11 -9.27
N ALA A 40 0.06 -6.81 -9.32
CA ALA A 40 -0.91 -5.85 -9.85
C ALA A 40 -1.15 -6.10 -11.34
N GLN A 41 -0.09 -6.48 -12.05
CA GLN A 41 -0.20 -6.74 -13.48
C GLN A 41 -1.04 -7.98 -13.75
N LYS A 42 -0.74 -9.06 -13.03
CA LYS A 42 -1.48 -10.31 -13.20
C LYS A 42 -2.91 -10.17 -12.67
N CYS A 43 -3.05 -9.59 -11.50
CA CYS A 43 -4.36 -9.39 -10.88
C CYS A 43 -5.17 -8.37 -11.66
N GLY A 44 -4.47 -7.46 -12.35
CA GLY A 44 -5.16 -6.44 -13.12
C GLY A 44 -5.55 -5.24 -12.27
N LEU A 45 -4.77 -4.96 -11.24
CA LEU A 45 -5.04 -3.84 -10.35
C LEU A 45 -4.33 -2.58 -10.83
N SER A 46 -4.63 -1.46 -10.18
CA SER A 46 -4.02 -0.18 -10.53
C SER A 46 -2.75 0.07 -9.71
N TYR A 47 -1.60 -0.05 -10.37
CA TYR A 47 -0.31 0.16 -9.70
C TYR A 47 -0.20 1.59 -9.20
N LYS A 48 -0.91 2.50 -9.85
CA LYS A 48 -0.89 3.91 -9.46
C LYS A 48 -1.29 4.08 -8.00
N ALA A 49 -2.25 3.27 -7.55
CA ALA A 49 -2.72 3.33 -6.18
C ALA A 49 -1.57 3.10 -5.20
N LEU A 50 -0.54 2.38 -5.64
CA LEU A 50 0.62 2.09 -4.81
C LEU A 50 1.48 3.34 -4.62
N VAL A 51 1.86 3.96 -5.72
CA VAL A 51 2.68 5.16 -5.69
C VAL A 51 1.91 6.34 -5.10
N ALA A 52 0.62 6.41 -5.43
CA ALA A 52 -0.23 7.49 -4.94
C ALA A 52 -0.39 7.42 -3.42
N LEU A 53 -0.51 6.20 -2.90
CA LEU A 53 -0.66 6.00 -1.46
C LEU A 53 0.63 6.34 -0.72
N ARG A 54 1.76 5.90 -1.28
CA ARG A 54 3.06 6.15 -0.67
C ARG A 54 3.31 7.66 -0.54
N ARG A 55 3.06 8.40 -1.61
CA ARG A 55 3.26 9.84 -1.61
C ARG A 55 2.42 10.50 -0.52
N VAL A 56 1.20 10.01 -0.32
CA VAL A 56 0.32 10.54 0.69
C VAL A 56 0.82 10.24 2.10
N LEU A 57 1.36 9.03 2.28
CA LEU A 57 1.88 8.62 3.57
C LEU A 57 3.08 9.46 3.97
N LEU A 58 4.01 9.64 3.04
CA LEU A 58 5.21 10.43 3.29
C LEU A 58 4.88 11.92 3.37
N ALA A 59 3.89 12.34 2.58
CA ALA A 59 3.47 13.74 2.56
C ALA A 59 2.96 14.17 3.93
N GLN A 60 2.07 13.38 4.51
CA GLN A 60 1.52 13.68 5.83
C GLN A 60 2.58 13.57 6.92
N PHE A 61 3.44 12.57 6.79
CA PHE A 61 4.50 12.34 7.76
C PHE A 61 5.44 13.55 7.82
N SER A 62 5.54 14.26 6.70
CA SER A 62 6.41 15.44 6.62
C SER A 62 5.59 16.72 6.63
N ALA A 63 5.22 17.17 7.83
CA ALA A 63 4.43 18.38 7.99
C ALA A 63 5.08 19.33 8.99
N PHE A 64 6.39 19.21 9.16
CA PHE A 64 7.13 20.05 10.09
C PHE A 64 6.31 20.31 11.35
N PRO A 65 6.09 19.26 12.14
CA PRO A 65 5.32 19.34 13.39
C PRO A 65 6.06 20.13 14.47
N VAL A 66 5.39 20.34 15.60
CA VAL A 66 5.98 21.07 16.71
C VAL A 66 6.19 20.17 17.92
N ASN A 67 5.35 19.15 18.04
CA ASN A 67 5.45 18.21 19.15
C ASN A 67 6.54 17.18 18.90
N GLY A 68 7.10 16.64 19.98
CA GLY A 68 8.16 15.64 19.85
C GLY A 68 9.50 16.27 19.54
N ALA A 69 10.45 16.13 20.47
CA ALA A 69 11.78 16.68 20.29
C ALA A 69 12.84 15.62 20.51
N ASP A 70 12.95 14.69 19.56
CA ASP A 70 13.94 13.62 19.65
C ASP A 70 13.99 12.83 18.34
N LEU A 71 15.20 12.66 17.81
CA LEU A 71 15.40 11.92 16.57
C LEU A 71 15.81 10.49 16.84
N TYR A 72 17.03 10.30 17.32
CA TYR A 72 17.55 8.98 17.62
C TYR A 72 16.72 8.30 18.70
N GLU A 73 16.73 6.97 18.71
CA GLU A 73 15.97 6.21 19.69
C GLU A 73 16.48 4.76 19.77
N GLU A 74 16.22 4.11 20.90
CA GLU A 74 16.65 2.74 21.10
C GLU A 74 15.50 1.87 21.60
N LEU A 75 15.08 0.92 20.78
CA LEU A 75 13.99 0.02 21.13
C LEU A 75 14.51 -1.38 21.44
N LYS A 76 13.82 -2.07 22.33
CA LYS A 76 14.21 -3.43 22.71
C LYS A 76 14.17 -4.37 21.50
N THR A 77 13.00 -4.46 20.88
CA THR A 77 12.83 -5.31 19.71
C THR A 77 13.43 -6.70 19.95
N SER A 78 12.85 -7.42 20.91
CA SER A 78 13.33 -8.76 21.24
C SER A 78 12.27 -9.54 22.00
N THR A 79 12.66 -10.70 22.53
CA THR A 79 11.74 -11.55 23.27
C THR A 79 12.28 -11.84 24.67
N ALA A 80 11.41 -12.37 25.54
CA ALA A 80 11.80 -12.70 26.90
C ALA A 80 11.07 -13.95 27.39
N ILE A 81 11.44 -14.41 28.58
CA ILE A 81 10.81 -15.59 29.16
C ILE A 81 9.56 -15.23 29.94
N LEU A 82 8.61 -16.15 29.97
CA LEU A 82 7.35 -15.93 30.70
C LEU A 82 7.16 -16.97 31.80
N SER A 83 7.55 -18.21 31.51
CA SER A 83 7.43 -19.29 32.47
C SER A 83 8.71 -20.11 32.55
N MET A 1 2.29 1.51 12.74
CA MET A 1 1.82 0.22 12.24
C MET A 1 0.33 0.27 11.91
N GLY A 2 -0.05 -0.41 10.83
CA GLY A 2 -1.44 -0.42 10.42
C GLY A 2 -1.77 -1.60 9.52
N VAL A 3 -1.98 -2.76 10.12
CA VAL A 3 -2.30 -3.97 9.37
C VAL A 3 -3.49 -3.73 8.44
N LEU A 4 -3.41 -4.30 7.24
CA LEU A 4 -4.48 -4.16 6.26
C LEU A 4 -5.71 -4.97 6.67
N ARG A 5 -6.84 -4.28 6.82
CA ARG A 5 -8.08 -4.93 7.21
C ARG A 5 -9.20 -4.59 6.23
N VAL A 6 -10.15 -5.51 6.08
CA VAL A 6 -11.27 -5.31 5.17
C VAL A 6 -12.10 -4.10 5.57
N GLY A 7 -12.49 -3.30 4.58
CA GLY A 7 -13.28 -2.12 4.85
C GLY A 7 -12.44 -0.86 4.92
N LEU A 8 -11.13 -1.04 4.84
CA LEU A 8 -10.21 0.10 4.90
C LEU A 8 -10.33 0.97 3.65
N CYS A 9 -10.74 0.36 2.54
CA CYS A 9 -10.90 1.07 1.29
C CYS A 9 -11.69 0.25 0.29
N PRO A 10 -12.25 0.92 -0.72
CA PRO A 10 -13.04 0.26 -1.77
C PRO A 10 -12.19 -0.60 -2.70
N GLY A 11 -11.03 -0.06 -3.09
CA GLY A 11 -10.14 -0.80 -3.97
C GLY A 11 -9.74 -2.15 -3.40
N LEU A 12 -9.21 -2.13 -2.17
CA LEU A 12 -8.79 -3.36 -1.51
C LEU A 12 -9.98 -4.27 -1.22
N THR A 13 -9.83 -5.55 -1.54
CA THR A 13 -10.89 -6.51 -1.31
C THR A 13 -10.47 -7.56 -0.27
N GLU A 14 -11.47 -8.20 0.34
CA GLU A 14 -11.20 -9.22 1.35
C GLU A 14 -10.36 -10.35 0.77
N GLU A 15 -10.48 -10.56 -0.54
CA GLU A 15 -9.73 -11.62 -1.21
C GLU A 15 -8.22 -11.41 -1.05
N MET A 16 -7.78 -10.18 -1.28
CA MET A 16 -6.36 -9.85 -1.17
C MET A 16 -5.88 -10.02 0.27
N ILE A 17 -6.78 -9.79 1.23
CA ILE A 17 -6.45 -9.92 2.64
C ILE A 17 -6.06 -11.36 2.98
N GLN A 18 -6.86 -12.31 2.52
CA GLN A 18 -6.59 -13.72 2.77
C GLN A 18 -5.30 -14.16 2.09
N LEU A 19 -5.08 -13.66 0.88
CA LEU A 19 -3.88 -14.01 0.12
C LEU A 19 -2.63 -13.44 0.79
N LEU A 20 -2.77 -12.27 1.38
CA LEU A 20 -1.65 -11.61 2.06
C LEU A 20 -1.20 -12.42 3.27
N ARG A 21 -2.17 -12.91 4.04
CA ARG A 21 -1.88 -13.70 5.23
C ARG A 21 -1.36 -15.08 4.84
N SER A 22 -1.78 -15.56 3.68
CA SER A 22 -1.36 -16.88 3.20
C SER A 22 0.16 -16.97 3.14
N HIS A 23 0.80 -15.91 2.64
CA HIS A 23 2.25 -15.87 2.53
C HIS A 23 2.87 -15.22 3.75
N ARG A 24 2.10 -15.12 4.83
CA ARG A 24 2.57 -14.52 6.07
C ARG A 24 3.10 -13.11 5.82
N ILE A 25 2.58 -12.47 4.77
CA ILE A 25 3.00 -11.12 4.43
C ILE A 25 2.70 -10.14 5.56
N LYS A 26 3.53 -9.10 5.67
CA LYS A 26 3.35 -8.10 6.72
C LYS A 26 2.39 -7.01 6.26
N THR A 27 2.31 -5.93 7.04
CA THR A 27 1.42 -4.81 6.71
C THR A 27 1.94 -4.03 5.51
N VAL A 28 1.24 -2.96 5.15
CA VAL A 28 1.64 -2.13 4.03
C VAL A 28 3.12 -1.79 4.08
N VAL A 29 3.67 -1.76 5.30
CA VAL A 29 5.08 -1.46 5.49
C VAL A 29 5.97 -2.37 4.64
N ASP A 30 5.63 -3.66 4.62
CA ASP A 30 6.39 -4.63 3.85
C ASP A 30 6.12 -4.48 2.36
N LEU A 31 4.89 -4.08 2.03
CA LEU A 31 4.50 -3.89 0.63
C LEU A 31 5.49 -2.99 -0.10
N VAL A 32 6.02 -2.01 0.62
CA VAL A 32 6.99 -1.08 0.04
C VAL A 32 8.15 -1.82 -0.60
N SER A 33 8.43 -3.02 -0.09
CA SER A 33 9.53 -3.83 -0.61
C SER A 33 9.00 -4.95 -1.49
N ALA A 34 7.76 -5.35 -1.25
CA ALA A 34 7.13 -6.42 -2.01
C ALA A 34 7.10 -6.09 -3.50
N ASP A 35 6.64 -7.03 -4.31
CA ASP A 35 6.55 -6.82 -5.75
C ASP A 35 5.12 -6.51 -6.19
N LEU A 36 4.58 -5.43 -5.63
CA LEU A 36 3.22 -5.00 -5.95
C LEU A 36 3.05 -4.80 -7.45
N GLU A 37 4.09 -4.25 -8.08
CA GLU A 37 4.06 -4.00 -9.52
C GLU A 37 3.86 -5.30 -10.29
N GLU A 38 4.50 -6.37 -9.82
CA GLU A 38 4.39 -7.67 -10.47
C GLU A 38 3.03 -8.31 -10.18
N VAL A 39 2.65 -8.31 -8.92
CA VAL A 39 1.37 -8.90 -8.51
C VAL A 39 0.20 -8.19 -9.18
N ALA A 40 0.28 -6.87 -9.25
CA ALA A 40 -0.77 -6.07 -9.87
C ALA A 40 -0.94 -6.43 -11.34
N GLN A 41 0.17 -6.74 -11.99
CA GLN A 41 0.15 -7.11 -13.41
C GLN A 41 -0.54 -8.45 -13.61
N LYS A 42 -0.12 -9.45 -12.84
CA LYS A 42 -0.70 -10.78 -12.94
C LYS A 42 -2.16 -10.78 -12.50
N CYS A 43 -2.43 -10.13 -11.38
CA CYS A 43 -3.80 -10.04 -10.86
C CYS A 43 -4.68 -9.17 -11.75
N GLY A 44 -4.04 -8.24 -12.46
CA GLY A 44 -4.78 -7.36 -13.34
C GLY A 44 -5.35 -6.15 -12.62
N LEU A 45 -4.69 -5.75 -11.53
CA LEU A 45 -5.13 -4.60 -10.75
C LEU A 45 -4.46 -3.33 -11.24
N SER A 46 -4.89 -2.19 -10.69
CA SER A 46 -4.31 -0.90 -11.06
C SER A 46 -3.17 -0.52 -10.12
N TYR A 47 -1.95 -0.59 -10.64
CA TYR A 47 -0.77 -0.25 -9.85
C TYR A 47 -0.80 1.22 -9.43
N LYS A 48 -1.49 2.04 -10.22
CA LYS A 48 -1.60 3.46 -9.93
C LYS A 48 -2.19 3.70 -8.54
N ALA A 49 -3.15 2.86 -8.17
CA ALA A 49 -3.80 2.97 -6.87
C ALA A 49 -2.77 2.90 -5.73
N LEU A 50 -1.67 2.19 -5.97
CA LEU A 50 -0.62 2.05 -4.98
C LEU A 50 0.19 3.34 -4.86
N VAL A 51 0.41 4.00 -5.99
CA VAL A 51 1.17 5.25 -6.01
C VAL A 51 0.52 6.30 -5.10
N ALA A 52 -0.80 6.39 -5.17
CA ALA A 52 -1.53 7.36 -4.35
C ALA A 52 -1.36 7.06 -2.87
N LEU A 53 -1.44 5.79 -2.50
CA LEU A 53 -1.28 5.38 -1.12
C LEU A 53 0.15 5.63 -0.64
N ARG A 54 1.12 5.19 -1.43
CA ARG A 54 2.53 5.37 -1.08
C ARG A 54 2.86 6.84 -0.89
N ARG A 55 2.38 7.67 -1.81
CA ARG A 55 2.63 9.11 -1.74
C ARG A 55 2.11 9.70 -0.43
N VAL A 56 0.95 9.21 0.01
CA VAL A 56 0.35 9.68 1.25
C VAL A 56 1.16 9.22 2.46
N LEU A 57 1.66 8.00 2.41
CA LEU A 57 2.45 7.43 3.49
C LEU A 57 3.75 8.21 3.67
N LEU A 58 4.45 8.45 2.57
CA LEU A 58 5.71 9.19 2.60
C LEU A 58 5.47 10.67 2.88
N ALA A 59 4.35 11.18 2.37
CA ALA A 59 4.00 12.58 2.57
C ALA A 59 3.94 12.94 4.04
N GLN A 60 3.44 12.02 4.85
CA GLN A 60 3.32 12.23 6.29
C GLN A 60 4.70 12.35 6.93
N PHE A 61 5.66 11.61 6.38
CA PHE A 61 7.03 11.64 6.90
C PHE A 61 7.62 13.04 6.83
N SER A 62 7.24 13.79 5.80
CA SER A 62 7.73 15.15 5.63
C SER A 62 7.35 16.03 6.82
N ALA A 63 7.87 17.25 6.84
CA ALA A 63 7.59 18.18 7.92
C ALA A 63 6.09 18.35 8.12
N PHE A 64 5.65 18.24 9.37
CA PHE A 64 4.24 18.38 9.70
C PHE A 64 4.01 19.54 10.67
N PRO A 65 2.77 20.06 10.68
CA PRO A 65 2.40 21.19 11.54
C PRO A 65 2.35 20.79 13.02
N VAL A 66 1.86 21.70 13.85
CA VAL A 66 1.76 21.44 15.29
C VAL A 66 1.03 20.13 15.56
N ASN A 67 1.76 19.14 16.05
CA ASN A 67 1.18 17.83 16.36
C ASN A 67 2.04 17.08 17.37
N GLY A 68 1.59 15.89 17.75
CA GLY A 68 2.33 15.08 18.71
C GLY A 68 3.77 14.90 18.32
N ALA A 69 4.57 14.38 19.23
CA ALA A 69 6.00 14.15 18.99
C ALA A 69 6.19 13.08 17.92
N ASP A 70 7.45 12.80 17.59
CA ASP A 70 7.78 11.79 16.59
C ASP A 70 9.01 10.99 17.01
N LEU A 71 8.82 9.70 17.24
CA LEU A 71 9.92 8.82 17.64
C LEU A 71 11.00 8.77 16.56
N TYR A 72 12.25 8.84 16.99
CA TYR A 72 13.38 8.81 16.07
C TYR A 72 14.35 7.69 16.43
N GLU A 73 15.34 7.47 15.56
CA GLU A 73 16.33 6.43 15.79
C GLU A 73 17.69 7.03 16.15
N GLU A 74 17.65 8.24 16.73
CA GLU A 74 18.88 8.93 17.12
C GLU A 74 19.87 8.98 15.97
N LEU A 75 19.33 9.05 14.74
CA LEU A 75 20.17 9.11 13.55
C LEU A 75 20.10 10.48 12.90
N LYS A 76 20.85 11.43 13.44
CA LYS A 76 20.87 12.79 12.91
C LYS A 76 21.74 12.89 11.67
N THR A 77 22.78 12.05 11.61
CA THR A 77 23.69 12.03 10.47
C THR A 77 24.24 10.63 10.23
N SER A 78 24.32 10.26 8.96
CA SER A 78 24.83 8.93 8.59
C SER A 78 26.21 9.04 7.97
N THR A 79 27.06 9.87 8.57
CA THR A 79 28.43 10.05 8.08
C THR A 79 29.31 8.87 8.43
N ALA A 80 29.52 7.99 7.45
CA ALA A 80 30.35 6.81 7.66
C ALA A 80 31.60 6.85 6.78
N ILE A 81 31.40 6.79 5.47
CA ILE A 81 32.50 6.82 4.52
C ILE A 81 32.74 8.23 4.01
N LEU A 82 31.77 8.77 3.28
CA LEU A 82 31.88 10.12 2.73
C LEU A 82 30.50 10.72 2.47
N SER A 83 30.03 11.52 3.42
CA SER A 83 28.71 12.15 3.30
C SER A 83 27.61 11.10 3.20
N MET A 1 -2.61 -9.64 15.91
CA MET A 1 -3.13 -8.64 14.99
C MET A 1 -2.01 -7.75 14.46
N GLY A 2 -2.05 -7.46 13.17
CA GLY A 2 -1.04 -6.62 12.56
C GLY A 2 -1.20 -6.49 11.06
N VAL A 3 -1.13 -7.62 10.36
CA VAL A 3 -1.27 -7.63 8.91
C VAL A 3 -2.60 -7.00 8.49
N LEU A 4 -2.57 -6.29 7.36
CA LEU A 4 -3.77 -5.63 6.85
C LEU A 4 -4.93 -6.60 6.79
N ARG A 5 -6.14 -6.05 6.68
CA ARG A 5 -7.35 -6.87 6.62
C ARG A 5 -8.41 -6.20 5.75
N VAL A 6 -9.54 -6.89 5.57
CA VAL A 6 -10.63 -6.36 4.76
C VAL A 6 -11.56 -5.47 5.59
N GLY A 7 -11.73 -4.23 5.15
CA GLY A 7 -12.59 -3.31 5.87
C GLY A 7 -11.90 -1.98 6.16
N LEU A 8 -10.57 -2.00 6.15
CA LEU A 8 -9.79 -0.79 6.42
C LEU A 8 -9.97 0.24 5.31
N CYS A 9 -9.99 -0.24 4.06
CA CYS A 9 -10.17 0.63 2.91
C CYS A 9 -10.99 -0.05 1.82
N PRO A 10 -11.62 0.75 0.96
CA PRO A 10 -12.46 0.26 -0.13
C PRO A 10 -11.63 -0.43 -1.22
N GLY A 11 -12.23 -1.43 -1.86
CA GLY A 11 -11.53 -2.14 -2.91
C GLY A 11 -11.04 -3.51 -2.47
N LEU A 12 -10.42 -3.55 -1.29
CA LEU A 12 -9.91 -4.79 -0.74
C LEU A 12 -11.04 -5.71 -0.28
N THR A 13 -10.97 -6.97 -0.67
CA THR A 13 -11.99 -7.95 -0.29
C THR A 13 -11.43 -8.98 0.68
N GLU A 14 -12.32 -9.62 1.43
CA GLU A 14 -11.91 -10.63 2.40
C GLU A 14 -11.16 -11.77 1.71
N GLU A 15 -11.48 -11.99 0.43
CA GLU A 15 -10.83 -13.05 -0.33
C GLU A 15 -9.32 -12.84 -0.38
N MET A 16 -8.90 -11.63 -0.69
CA MET A 16 -7.48 -11.31 -0.76
C MET A 16 -6.81 -11.48 0.60
N ILE A 17 -7.57 -11.24 1.65
CA ILE A 17 -7.05 -11.36 3.02
C ILE A 17 -6.60 -12.79 3.30
N GLN A 18 -7.37 -13.76 2.82
CA GLN A 18 -7.06 -15.16 3.03
C GLN A 18 -5.72 -15.52 2.38
N LEU A 19 -5.47 -14.96 1.20
CA LEU A 19 -4.22 -15.21 0.49
C LEU A 19 -3.04 -14.58 1.21
N LEU A 20 -3.24 -13.37 1.72
CA LEU A 20 -2.19 -12.66 2.44
C LEU A 20 -1.90 -13.32 3.79
N ARG A 21 -2.96 -13.70 4.49
CA ARG A 21 -2.83 -14.35 5.79
C ARG A 21 -2.23 -15.75 5.64
N SER A 22 -2.48 -16.37 4.49
CA SER A 22 -1.98 -17.71 4.22
C SER A 22 -0.47 -17.69 4.00
N HIS A 23 0.03 -16.58 3.47
CA HIS A 23 1.45 -16.43 3.20
C HIS A 23 2.14 -15.66 4.33
N ARG A 24 1.42 -15.45 5.43
CA ARG A 24 1.96 -14.73 6.58
C ARG A 24 2.48 -13.36 6.16
N ILE A 25 1.82 -12.76 5.18
CA ILE A 25 2.21 -11.44 4.69
C ILE A 25 2.34 -10.45 5.84
N LYS A 26 3.28 -9.51 5.70
CA LYS A 26 3.50 -8.49 6.73
C LYS A 26 2.62 -7.27 6.49
N THR A 27 2.84 -6.22 7.27
CA THR A 27 2.06 -5.00 7.14
C THR A 27 2.41 -4.25 5.87
N VAL A 28 1.80 -3.09 5.67
CA VAL A 28 2.05 -2.28 4.49
C VAL A 28 3.54 -2.15 4.21
N VAL A 29 4.34 -2.21 5.28
CA VAL A 29 5.78 -2.10 5.15
C VAL A 29 6.34 -3.14 4.18
N ASP A 30 5.82 -4.37 4.28
CA ASP A 30 6.27 -5.45 3.41
C ASP A 30 5.71 -5.26 2.00
N LEU A 31 4.51 -4.71 1.91
CA LEU A 31 3.87 -4.49 0.63
C LEU A 31 4.79 -3.72 -0.31
N VAL A 32 5.31 -2.59 0.17
CA VAL A 32 6.22 -1.76 -0.63
C VAL A 32 7.43 -2.56 -1.09
N SER A 33 7.73 -3.64 -0.37
CA SER A 33 8.87 -4.49 -0.71
C SER A 33 8.42 -5.73 -1.46
N ALA A 34 7.11 -5.88 -1.60
CA ALA A 34 6.54 -7.03 -2.30
C ALA A 34 6.40 -6.75 -3.79
N ASP A 35 6.99 -5.64 -4.24
CA ASP A 35 6.92 -5.26 -5.64
C ASP A 35 5.47 -5.25 -6.14
N LEU A 36 4.68 -4.34 -5.58
CA LEU A 36 3.27 -4.23 -5.95
C LEU A 36 3.14 -3.81 -7.42
N GLU A 37 4.12 -3.06 -7.91
CA GLU A 37 4.12 -2.60 -9.29
C GLU A 37 4.10 -3.77 -10.26
N GLU A 38 4.94 -4.77 -9.99
CA GLU A 38 5.02 -5.95 -10.84
C GLU A 38 3.82 -6.87 -10.61
N VAL A 39 3.54 -7.15 -9.33
CA VAL A 39 2.43 -8.02 -8.97
C VAL A 39 1.11 -7.48 -9.53
N ALA A 40 0.94 -6.16 -9.46
CA ALA A 40 -0.27 -5.52 -9.96
C ALA A 40 -0.53 -5.88 -11.42
N GLN A 41 0.56 -6.02 -12.18
CA GLN A 41 0.45 -6.35 -13.59
C GLN A 41 -0.13 -7.76 -13.78
N LYS A 42 0.40 -8.71 -13.02
CA LYS A 42 -0.06 -10.10 -13.10
C LYS A 42 -1.47 -10.23 -12.54
N CYS A 43 -1.69 -9.63 -11.37
CA CYS A 43 -3.00 -9.68 -10.72
C CYS A 43 -4.03 -8.89 -11.51
N GLY A 44 -3.56 -7.94 -12.31
CA GLY A 44 -4.45 -7.12 -13.12
C GLY A 44 -5.00 -5.94 -12.34
N LEU A 45 -4.31 -5.54 -11.28
CA LEU A 45 -4.72 -4.42 -10.45
C LEU A 45 -4.11 -3.12 -10.95
N SER A 46 -4.53 -2.01 -10.36
CA SER A 46 -4.01 -0.70 -10.75
C SER A 46 -2.89 -0.26 -9.81
N TYR A 47 -1.66 -0.29 -10.31
CA TYR A 47 -0.50 0.10 -9.51
C TYR A 47 -0.59 1.58 -9.11
N LYS A 48 -1.30 2.36 -9.92
CA LYS A 48 -1.46 3.78 -9.65
C LYS A 48 -2.06 4.01 -8.26
N ALA A 49 -2.97 3.13 -7.86
CA ALA A 49 -3.61 3.24 -6.55
C ALA A 49 -2.60 3.04 -5.43
N LEU A 50 -1.58 2.23 -5.70
CA LEU A 50 -0.54 1.96 -4.71
C LEU A 50 0.38 3.15 -4.54
N VAL A 51 0.92 3.64 -5.65
CA VAL A 51 1.82 4.78 -5.63
C VAL A 51 1.14 6.01 -5.03
N ALA A 52 -0.14 6.17 -5.33
CA ALA A 52 -0.91 7.30 -4.81
C ALA A 52 -0.88 7.33 -3.28
N LEU A 53 -1.06 6.17 -2.67
CA LEU A 53 -1.06 6.07 -1.21
C LEU A 53 0.35 6.29 -0.66
N ARG A 54 1.34 5.67 -1.30
CA ARG A 54 2.73 5.80 -0.87
C ARG A 54 3.16 7.26 -0.89
N ARG A 55 2.83 7.96 -1.96
CA ARG A 55 3.20 9.36 -2.10
C ARG A 55 2.61 10.19 -0.97
N VAL A 56 1.38 9.86 -0.58
CA VAL A 56 0.70 10.58 0.49
C VAL A 56 1.35 10.30 1.84
N LEU A 57 1.77 9.05 2.05
CA LEU A 57 2.41 8.66 3.29
C LEU A 57 3.75 9.37 3.46
N LEU A 58 4.56 9.38 2.41
CA LEU A 58 5.86 10.03 2.44
C LEU A 58 5.71 11.55 2.44
N ALA A 59 4.67 12.03 1.76
CA ALA A 59 4.41 13.47 1.68
C ALA A 59 4.23 14.06 3.07
N GLN A 60 3.38 13.44 3.88
CA GLN A 60 3.11 13.91 5.23
C GLN A 60 4.30 13.64 6.14
N PHE A 61 4.99 12.54 5.89
CA PHE A 61 6.15 12.16 6.69
C PHE A 61 7.28 13.19 6.53
N SER A 62 7.43 13.71 5.32
CA SER A 62 8.46 14.70 5.04
C SER A 62 8.15 15.46 3.75
N ALA A 63 8.57 16.73 3.70
CA ALA A 63 8.34 17.57 2.54
C ALA A 63 9.54 17.56 1.61
N PHE A 64 9.37 18.16 0.43
CA PHE A 64 10.45 18.23 -0.55
C PHE A 64 10.63 19.65 -1.07
N PRO A 65 11.81 19.92 -1.65
CA PRO A 65 12.14 21.24 -2.20
C PRO A 65 11.33 21.56 -3.45
N VAL A 66 11.09 22.85 -3.68
CA VAL A 66 10.34 23.29 -4.85
C VAL A 66 11.10 23.01 -6.13
N ASN A 67 10.40 22.46 -7.12
CA ASN A 67 11.02 22.13 -8.40
C ASN A 67 10.61 23.15 -9.47
N GLY A 68 11.49 23.36 -10.44
CA GLY A 68 11.20 24.31 -11.51
C GLY A 68 10.14 23.80 -12.46
N ALA A 69 10.58 23.10 -13.50
CA ALA A 69 9.65 22.55 -14.49
C ALA A 69 10.03 21.12 -14.87
N ASP A 70 9.30 20.16 -14.34
CA ASP A 70 9.56 18.75 -14.62
C ASP A 70 8.40 18.12 -15.40
N LEU A 71 7.70 18.95 -16.16
CA LEU A 71 6.58 18.48 -16.96
C LEU A 71 5.45 17.97 -16.06
N TYR A 72 5.53 18.30 -14.78
CA TYR A 72 4.53 17.87 -13.81
C TYR A 72 4.17 18.99 -12.85
N GLU A 73 2.87 19.16 -12.58
CA GLU A 73 2.40 20.20 -11.68
C GLU A 73 0.97 19.94 -11.24
N GLU A 74 0.60 20.46 -10.08
CA GLU A 74 -0.74 20.27 -9.55
C GLU A 74 -1.66 21.41 -10.00
N LEU A 75 -2.61 21.08 -10.87
CA LEU A 75 -3.55 22.07 -11.38
C LEU A 75 -4.99 21.64 -11.12
N LYS A 76 -5.74 22.50 -10.45
CA LYS A 76 -7.14 22.21 -10.13
C LYS A 76 -8.01 22.33 -11.37
N THR A 77 -7.90 23.45 -12.07
CA THR A 77 -8.68 23.69 -13.28
C THR A 77 -10.15 23.42 -13.04
N SER A 78 -10.63 23.72 -11.84
CA SER A 78 -12.02 23.49 -11.48
C SER A 78 -12.69 24.80 -11.06
N THR A 79 -13.07 25.61 -12.04
CA THR A 79 -13.71 26.89 -11.78
C THR A 79 -15.11 26.93 -12.38
N ALA A 80 -15.99 27.69 -11.75
CA ALA A 80 -17.37 27.82 -12.24
C ALA A 80 -17.95 29.19 -11.87
N ILE A 81 -19.21 29.40 -12.24
CA ILE A 81 -19.88 30.66 -11.96
C ILE A 81 -20.59 30.61 -10.60
N LEU A 82 -21.61 29.77 -10.51
CA LEU A 82 -22.37 29.63 -9.27
C LEU A 82 -22.91 30.98 -8.80
N SER A 83 -23.10 31.89 -9.74
CA SER A 83 -23.61 33.23 -9.42
C SER A 83 -24.84 33.56 -10.25
#